data_4AJL
#
_entry.id   4AJL
#
_cell.length_a   62.289
_cell.length_b   81.842
_cell.length_c   129.023
_cell.angle_alpha   90.00
_cell.angle_beta   96.19
_cell.angle_gamma   90.00
#
_symmetry.space_group_name_H-M   'P 1 21 1'
#
loop_
_entity.id
_entity.type
_entity.pdbx_description
1 polymer 'L-LACTATE DEHYDROGENASE A CHAIN'
2 non-polymer GLYCEROL
3 non-polymer N~3~-(ethylcarbamoyl)-N-(2-methyl-1,3-benzothiazol-6-yl)-beta-alaninamide
4 non-polymer 'MALONATE ION'
5 non-polymer 'DIMETHYL SULFOXIDE'
6 water water
#
_entity_poly.entity_id   1
_entity_poly.type   'polypeptide(L)'
_entity_poly.pdbx_seq_one_letter_code
;AALKDQLIVNLLKEEQVPQNKITVVGVGAVGMACAISILMKDLADELALVDVIEDKLKGEMMDLQHGSLFLKTPKIVSSK
DYSVTANSKLVIITAGARQQEGESRLNLVQRNVNIFKFIIPNVVKYSPQCKLLIVSNPVDILTYVAWKISGFPKNRVIGS
GCNLDSARFRYLMGERLGVHPLSCHGWVLGEHGDSSVPVWSGVNVAGVSLKSLNPQLGTDADKEQWKDVHKQVVDSAYEV
IKLKGYTSWAIGLSVADLAESIMKNLRRVHPISTMIKGLYGIKEDVFLSVPCILGQNGISDVVKVTLTPDEEARLKKSAD
TLWGIQKELQF
;
_entity_poly.pdbx_strand_id   A,B,C,D
#
# COMPACT_ATOMS: atom_id res chain seq x y z
N ALA A 2 3.27 3.65 -39.46
CA ALA A 2 3.76 4.06 -38.14
C ALA A 2 4.10 2.86 -37.25
N LEU A 3 5.13 3.01 -36.40
CA LEU A 3 5.59 1.98 -35.48
C LEU A 3 4.47 1.54 -34.51
N LYS A 4 3.67 2.50 -34.00
CA LYS A 4 2.55 2.22 -33.09
C LYS A 4 1.51 1.31 -33.77
N ASP A 5 1.21 1.56 -35.06
CA ASP A 5 0.26 0.74 -35.83
C ASP A 5 0.82 -0.62 -36.24
N GLN A 6 2.16 -0.74 -36.35
CA GLN A 6 2.84 -2.02 -36.64
C GLN A 6 2.81 -2.91 -35.37
N LEU A 7 2.90 -2.27 -34.20
CA LEU A 7 2.96 -2.95 -32.91
C LEU A 7 1.59 -3.31 -32.36
N ILE A 8 0.64 -2.38 -32.43
CA ILE A 8 -0.67 -2.46 -31.80
C ILE A 8 -1.83 -2.32 -32.78
N VAL A 9 -2.88 -3.15 -32.57
CA VAL A 9 -4.15 -3.11 -33.31
C VAL A 9 -5.09 -2.33 -32.39
N ASN A 10 -5.51 -1.15 -32.82
CA ASN A 10 -6.43 -0.35 -32.04
C ASN A 10 -7.86 -0.80 -32.27
N LEU A 11 -8.59 -1.06 -31.18
CA LEU A 11 -9.97 -1.53 -31.24
C LEU A 11 -10.98 -0.50 -30.72
N LEU A 12 -10.51 0.46 -29.93
CA LEU A 12 -11.35 1.46 -29.28
C LEU A 12 -10.64 2.82 -29.24
N LYS A 13 -11.30 3.87 -29.76
CA LYS A 13 -10.79 5.24 -29.82
C LYS A 13 -10.70 5.87 -28.44
N GLN A 16 -12.92 8.68 -23.10
CA GLN A 16 -11.67 8.92 -22.37
C GLN A 16 -11.86 9.89 -21.17
N VAL A 17 -12.86 9.63 -20.32
CA VAL A 17 -13.22 10.48 -19.18
C VAL A 17 -12.72 9.89 -17.83
N PRO A 18 -12.03 10.67 -16.96
CA PRO A 18 -11.56 10.10 -15.69
C PRO A 18 -12.71 9.83 -14.72
N GLN A 19 -12.55 8.80 -13.88
CA GLN A 19 -13.58 8.42 -12.94
C GLN A 19 -13.31 8.87 -11.53
N ASN A 20 -12.04 9.13 -11.20
CA ASN A 20 -11.65 9.50 -9.84
C ASN A 20 -10.63 10.65 -9.92
N LYS A 21 -10.99 11.74 -10.59
CA LYS A 21 -10.09 12.87 -10.80
C LYS A 21 -10.05 13.80 -9.60
N ILE A 22 -8.83 14.25 -9.30
CA ILE A 22 -8.56 15.25 -8.24
C ILE A 22 -7.80 16.42 -8.88
N THR A 23 -8.17 17.66 -8.55
CA THR A 23 -7.45 18.85 -8.97
C THR A 23 -6.81 19.48 -7.72
N VAL A 24 -5.56 19.96 -7.82
CA VAL A 24 -4.90 20.72 -6.76
C VAL A 24 -4.71 22.13 -7.39
N VAL A 25 -5.28 23.17 -6.76
CA VAL A 25 -5.13 24.54 -7.23
C VAL A 25 -4.05 25.18 -6.37
N GLY A 26 -2.95 25.60 -7.00
CA GLY A 26 -1.86 26.20 -6.25
C GLY A 26 -0.72 25.21 -6.14
N VAL A 27 0.42 25.52 -6.77
CA VAL A 27 1.57 24.60 -6.77
C VAL A 27 2.74 25.09 -5.92
N GLY A 28 2.40 25.79 -4.83
CA GLY A 28 3.37 26.20 -3.81
C GLY A 28 3.76 24.94 -3.04
N ALA A 29 4.56 25.10 -1.97
CA ALA A 29 5.02 23.94 -1.19
C ALA A 29 3.84 23.14 -0.61
N VAL A 30 2.77 23.82 -0.14
CA VAL A 30 1.58 23.10 0.38
C VAL A 30 0.94 22.23 -0.72
N GLY A 31 0.65 22.86 -1.85
CA GLY A 31 0.00 22.18 -2.99
C GLY A 31 0.75 20.99 -3.51
N MET A 32 2.07 21.14 -3.67
CA MET A 32 2.93 20.06 -4.16
C MET A 32 3.07 18.90 -3.18
N ALA A 33 3.00 19.22 -1.87
CA ALA A 33 3.04 18.18 -0.83
C ALA A 33 1.69 17.41 -0.86
N CYS A 34 0.55 18.13 -1.08
CA CYS A 34 -0.76 17.48 -1.23
C CYS A 34 -0.71 16.54 -2.45
N ALA A 35 -0.19 17.05 -3.56
CA ALA A 35 -0.08 16.32 -4.83
C ALA A 35 0.75 15.05 -4.68
N ILE A 36 1.97 15.14 -4.14
CA ILE A 36 2.81 13.95 -3.94
C ILE A 36 2.13 12.93 -3.00
N SER A 37 1.53 13.41 -1.90
CA SER A 37 0.87 12.54 -0.93
C SER A 37 -0.33 11.79 -1.57
N ILE A 38 -1.10 12.49 -2.39
CA ILE A 38 -2.24 11.91 -3.13
C ILE A 38 -1.78 10.89 -4.17
N LEU A 39 -0.68 11.20 -4.89
CA LEU A 39 -0.10 10.30 -5.88
C LEU A 39 0.40 9.01 -5.20
N MET A 40 1.06 9.17 -4.06
CA MET A 40 1.59 8.01 -3.34
CA MET A 40 1.61 8.06 -3.25
C MET A 40 0.54 7.18 -2.61
N LYS A 41 -0.67 7.72 -2.46
CA LYS A 41 -1.79 7.01 -1.84
C LYS A 41 -2.77 6.39 -2.87
N ASP A 42 -2.48 6.53 -4.18
CA ASP A 42 -3.26 5.91 -5.27
C ASP A 42 -4.75 6.23 -5.21
N LEU A 43 -5.06 7.50 -4.91
CA LEU A 43 -6.43 7.96 -4.73
C LEU A 43 -7.12 8.43 -6.00
N ALA A 44 -6.32 8.76 -7.03
CA ALA A 44 -6.81 9.33 -8.28
C ALA A 44 -6.39 8.61 -9.55
N ASP A 45 -7.23 8.66 -10.60
CA ASP A 45 -6.85 8.14 -11.92
C ASP A 45 -6.34 9.28 -12.81
N GLU A 46 -6.58 10.54 -12.39
CA GLU A 46 -6.08 11.74 -13.09
C GLU A 46 -5.83 12.83 -12.04
N LEU A 47 -4.67 13.46 -12.11
CA LEU A 47 -4.36 14.58 -11.23
C LEU A 47 -4.15 15.79 -12.11
N ALA A 48 -4.87 16.90 -11.81
CA ALA A 48 -4.72 18.14 -12.55
C ALA A 48 -4.14 19.18 -11.62
N LEU A 49 -3.22 20.01 -12.11
CA LEU A 49 -2.61 21.09 -11.34
C LEU A 49 -2.93 22.42 -12.00
N VAL A 50 -3.28 23.43 -11.20
CA VAL A 50 -3.58 24.77 -11.72
C VAL A 50 -2.80 25.77 -10.91
N ASP A 51 -2.23 26.76 -11.61
CA ASP A 51 -1.57 27.91 -10.97
C ASP A 51 -1.53 29.06 -11.98
N VAL A 52 -1.01 30.22 -11.58
CA VAL A 52 -0.89 31.42 -12.42
C VAL A 52 0.52 31.59 -12.96
N ILE A 53 1.51 30.88 -12.39
CA ILE A 53 2.90 31.02 -12.86
C ILE A 53 3.15 29.86 -13.79
N GLU A 54 3.08 30.13 -15.09
CA GLU A 54 3.18 29.16 -16.16
C GLU A 54 4.43 28.26 -16.11
N ASP A 55 5.63 28.83 -15.94
CA ASP A 55 6.85 27.98 -15.94
C ASP A 55 6.89 27.05 -14.75
N LYS A 56 6.66 27.59 -13.55
CA LYS A 56 6.61 26.83 -12.29
C LYS A 56 5.63 25.66 -12.42
N LEU A 57 4.40 25.96 -12.92
CA LEU A 57 3.35 24.97 -13.10
C LEU A 57 3.79 23.83 -14.05
N LYS A 58 4.39 24.20 -15.20
CA LYS A 58 4.81 23.20 -16.19
C LYS A 58 5.96 22.36 -15.62
N GLY A 59 6.88 23.01 -14.91
CA GLY A 59 8.02 22.30 -14.30
C GLY A 59 7.59 21.27 -13.26
N GLU A 60 6.62 21.65 -12.42
CA GLU A 60 6.09 20.75 -11.39
C GLU A 60 5.37 19.57 -11.99
N MET A 61 4.52 19.81 -13.00
CA MET A 61 3.81 18.74 -13.71
C MET A 61 4.82 17.75 -14.35
N MET A 62 5.86 18.28 -15.03
CA MET A 62 6.86 17.44 -15.71
C MET A 62 7.63 16.61 -14.70
N ASP A 63 8.01 17.24 -13.57
CA ASP A 63 8.76 16.54 -12.50
C ASP A 63 7.91 15.36 -12.00
N LEU A 64 6.59 15.59 -11.76
CA LEU A 64 5.69 14.48 -11.35
C LEU A 64 5.57 13.42 -12.45
N GLN A 65 5.34 13.86 -13.70
CA GLN A 65 5.18 12.95 -14.86
C GLN A 65 6.38 12.02 -15.00
N HIS A 66 7.59 12.56 -14.80
CA HIS A 66 8.82 11.74 -14.89
C HIS A 66 8.90 10.56 -13.91
N GLY A 67 8.15 10.63 -12.80
CA GLY A 67 8.07 9.54 -11.83
C GLY A 67 6.91 8.56 -12.08
N SER A 68 6.20 8.68 -13.24
CA SER A 68 5.00 7.89 -13.59
C SER A 68 5.17 6.40 -13.48
N LEU A 69 6.39 5.90 -13.79
CA LEU A 69 6.72 4.47 -13.71
C LEU A 69 6.56 3.95 -12.28
N PHE A 70 6.75 4.83 -11.28
CA PHE A 70 6.70 4.47 -9.87
C PHE A 70 5.33 4.72 -9.24
N LEU A 71 4.36 5.17 -10.03
CA LEU A 71 3.02 5.54 -9.56
C LEU A 71 1.93 4.76 -10.27
N LYS A 72 0.69 4.94 -9.80
CA LYS A 72 -0.49 4.28 -10.38
C LYS A 72 -1.57 5.32 -10.68
N THR A 73 -1.13 6.53 -11.15
CA THR A 73 -2.00 7.63 -11.55
C THR A 73 -1.56 7.90 -12.97
N PRO A 74 -2.30 7.33 -13.97
CA PRO A 74 -1.85 7.37 -15.36
C PRO A 74 -1.92 8.69 -16.11
N LYS A 75 -2.60 9.72 -15.57
CA LYS A 75 -2.67 11.01 -16.24
C LYS A 75 -2.41 12.14 -15.26
N ILE A 76 -1.35 12.92 -15.52
CA ILE A 76 -0.97 14.08 -14.71
C ILE A 76 -0.95 15.22 -15.71
N VAL A 77 -1.81 16.23 -15.49
CA VAL A 77 -1.98 17.35 -16.40
C VAL A 77 -1.93 18.69 -15.66
N SER A 78 -1.66 19.78 -16.39
CA SER A 78 -1.67 21.11 -15.81
C SER A 78 -2.03 22.19 -16.84
N SER A 79 -2.55 23.32 -16.35
CA SER A 79 -2.85 24.51 -17.12
C SER A 79 -3.21 25.65 -16.20
N LYS A 80 -3.04 26.89 -16.68
CA LYS A 80 -3.52 28.09 -16.00
C LYS A 80 -5.05 28.13 -16.25
N ASP A 81 -5.49 27.47 -17.33
CA ASP A 81 -6.87 27.40 -17.78
C ASP A 81 -7.65 26.34 -16.97
N TYR A 82 -8.75 26.75 -16.34
CA TYR A 82 -9.58 25.85 -15.52
C TYR A 82 -10.25 24.69 -16.27
N SER A 83 -10.28 24.75 -17.62
CA SER A 83 -10.86 23.64 -18.41
C SER A 83 -10.09 22.32 -18.13
N VAL A 84 -8.81 22.41 -17.70
CA VAL A 84 -7.99 21.24 -17.31
C VAL A 84 -8.61 20.52 -16.09
N THR A 85 -9.41 21.24 -15.29
CA THR A 85 -10.02 20.73 -14.05
C THR A 85 -11.36 20.03 -14.25
N ALA A 86 -11.90 20.03 -15.51
CA ALA A 86 -13.21 19.46 -15.80
C ALA A 86 -13.38 18.05 -15.26
N ASN A 87 -14.56 17.77 -14.67
CA ASN A 87 -14.96 16.46 -14.13
C ASN A 87 -14.16 15.99 -12.92
N SER A 88 -13.73 16.93 -12.09
CA SER A 88 -13.00 16.55 -10.88
C SER A 88 -14.05 16.10 -9.83
N LYS A 89 -13.74 15.02 -9.08
CA LYS A 89 -14.59 14.58 -7.98
C LYS A 89 -14.24 15.46 -6.78
N LEU A 90 -12.97 15.82 -6.70
CA LEU A 90 -12.45 16.60 -5.59
C LEU A 90 -11.51 17.69 -6.06
N VAL A 91 -11.74 18.92 -5.62
CA VAL A 91 -10.89 20.08 -5.97
C VAL A 91 -10.36 20.66 -4.68
N ILE A 92 -9.03 20.59 -4.53
CA ILE A 92 -8.27 21.06 -3.37
C ILE A 92 -7.65 22.43 -3.68
N ILE A 93 -8.04 23.42 -2.87
CA ILE A 93 -7.55 24.80 -3.03
C ILE A 93 -6.44 25.07 -2.04
N THR A 94 -5.23 25.29 -2.56
CA THR A 94 -4.04 25.58 -1.73
C THR A 94 -3.43 26.96 -2.11
N ALA A 95 -4.07 27.71 -2.99
CA ALA A 95 -3.58 28.98 -3.50
C ALA A 95 -3.75 30.17 -2.55
N GLY A 96 -2.94 31.21 -2.79
CA GLY A 96 -2.98 32.48 -2.09
C GLY A 96 -1.77 32.79 -1.23
N ALA A 97 -1.84 33.91 -0.49
CA ALA A 97 -0.77 34.31 0.45
C ALA A 97 -0.66 33.24 1.53
N ARG A 98 0.57 32.88 1.88
CA ARG A 98 0.84 31.86 2.88
C ARG A 98 1.31 32.50 4.18
N GLN A 99 1.10 31.81 5.30
CA GLN A 99 1.47 32.29 6.61
C GLN A 99 2.96 32.65 6.66
N GLN A 100 3.24 33.82 7.26
CA GLN A 100 4.56 34.40 7.34
C GLN A 100 5.12 34.27 8.74
N GLU A 101 6.45 34.36 8.84
CA GLU A 101 7.14 34.29 10.14
C GLU A 101 6.63 35.31 11.16
N GLY A 102 6.24 34.83 12.35
CA GLY A 102 5.77 35.66 13.44
C GLY A 102 4.43 36.34 13.18
N GLU A 103 3.68 35.83 12.20
CA GLU A 103 2.37 36.38 11.81
C GLU A 103 1.24 35.37 11.86
N SER A 104 0.07 35.83 12.31
CA SER A 104 -1.12 35.00 12.38
C SER A 104 -1.57 34.63 10.96
N ARG A 105 -2.28 33.50 10.83
CA ARG A 105 -2.88 33.06 9.56
C ARG A 105 -4.03 34.03 9.23
N LEU A 106 -4.56 34.74 10.27
CA LEU A 106 -5.67 35.68 10.10
C LEU A 106 -5.25 36.93 9.29
N ASN A 107 -3.93 37.17 9.20
CA ASN A 107 -3.33 38.30 8.47
C ASN A 107 -3.41 38.13 6.96
N LEU A 108 -3.82 36.95 6.46
CA LEU A 108 -3.88 36.66 5.01
C LEU A 108 -5.26 36.82 4.42
N VAL A 109 -6.25 37.04 5.30
CA VAL A 109 -7.67 36.97 4.97
C VAL A 109 -8.18 37.71 3.72
N GLN A 110 -8.05 39.04 3.69
CA GLN A 110 -8.55 39.86 2.59
C GLN A 110 -7.96 39.50 1.24
N ARG A 111 -6.63 39.31 1.19
CA ARG A 111 -5.94 38.91 -0.04
C ARG A 111 -6.44 37.55 -0.54
N ASN A 112 -6.66 36.59 0.38
CA ASN A 112 -7.13 35.26 -0.02
C ASN A 112 -8.59 35.25 -0.44
N VAL A 113 -9.41 36.14 0.15
CA VAL A 113 -10.81 36.32 -0.23
C VAL A 113 -10.84 36.82 -1.68
N ASN A 114 -10.00 37.82 -2.00
CA ASN A 114 -9.91 38.40 -3.35
C ASN A 114 -9.54 37.34 -4.38
N ILE A 115 -8.56 36.49 -4.05
CA ILE A 115 -8.11 35.43 -4.94
C ILE A 115 -9.24 34.40 -5.17
N PHE A 116 -9.97 34.05 -4.09
CA PHE A 116 -11.11 33.13 -4.16
C PHE A 116 -12.22 33.63 -5.07
N LYS A 117 -12.40 34.97 -5.18
CA LYS A 117 -13.41 35.57 -6.09
C LYS A 117 -13.14 35.19 -7.55
N PHE A 118 -11.86 34.91 -7.88
CA PHE A 118 -11.46 34.44 -9.20
C PHE A 118 -11.53 32.89 -9.30
N ILE A 119 -10.86 32.19 -8.37
CA ILE A 119 -10.75 30.73 -8.35
C ILE A 119 -12.06 30.01 -8.28
N ILE A 120 -12.86 30.30 -7.22
CA ILE A 120 -14.08 29.57 -6.97
C ILE A 120 -15.07 29.51 -8.15
N PRO A 121 -15.45 30.64 -8.84
CA PRO A 121 -16.37 30.50 -9.99
C PRO A 121 -15.77 29.65 -11.12
N ASN A 122 -14.45 29.71 -11.33
CA ASN A 122 -13.76 28.91 -12.35
C ASN A 122 -13.81 27.42 -12.07
N VAL A 123 -13.61 27.03 -10.81
CA VAL A 123 -13.70 25.63 -10.39
C VAL A 123 -15.13 25.12 -10.59
N VAL A 124 -16.11 25.90 -10.11
CA VAL A 124 -17.52 25.48 -10.18
C VAL A 124 -18.04 25.36 -11.62
N LYS A 125 -17.53 26.21 -12.53
CA LYS A 125 -17.87 26.21 -13.95
C LYS A 125 -17.54 24.84 -14.57
N TYR A 126 -16.34 24.30 -14.26
CA TYR A 126 -15.87 23.04 -14.81
C TYR A 126 -16.21 21.78 -14.04
N SER A 127 -16.42 21.87 -12.70
CA SER A 127 -16.81 20.67 -11.93
C SER A 127 -17.96 21.08 -10.99
N PRO A 128 -19.19 21.28 -11.51
CA PRO A 128 -20.30 21.76 -10.66
C PRO A 128 -20.73 20.83 -9.52
N GLN A 129 -20.30 19.55 -9.57
CA GLN A 129 -20.66 18.55 -8.57
C GLN A 129 -19.47 18.05 -7.75
N CYS A 130 -18.31 18.72 -7.85
CA CYS A 130 -17.16 18.31 -7.06
C CYS A 130 -17.41 18.65 -5.56
N LYS A 131 -16.54 18.14 -4.70
CA LYS A 131 -16.45 18.50 -3.28
C LYS A 131 -15.26 19.45 -3.32
N LEU A 132 -15.37 20.59 -2.64
CA LEU A 132 -14.28 21.53 -2.54
C LEU A 132 -13.60 21.28 -1.19
N LEU A 133 -12.28 21.14 -1.22
CA LEU A 133 -11.46 20.98 0.00
C LEU A 133 -10.54 22.21 0.16
N ILE A 134 -10.88 23.10 1.09
CA ILE A 134 -10.12 24.33 1.30
C ILE A 134 -8.98 24.09 2.27
N VAL A 135 -7.76 24.48 1.86
CA VAL A 135 -6.54 24.32 2.66
C VAL A 135 -5.92 25.71 2.92
N SER A 136 -6.10 26.66 1.99
CA SER A 136 -5.60 28.06 2.06
C SER A 136 -6.01 28.69 3.37
N ASN A 137 -5.17 29.57 3.93
CA ASN A 137 -5.46 30.20 5.22
C ASN A 137 -6.00 31.64 5.17
N PRO A 138 -6.77 32.06 6.20
CA PRO A 138 -7.29 31.29 7.35
C PRO A 138 -8.40 30.34 6.88
N VAL A 139 -8.09 29.03 6.95
CA VAL A 139 -8.95 27.97 6.41
C VAL A 139 -10.44 28.02 6.80
N ASP A 140 -10.75 28.35 8.07
CA ASP A 140 -12.15 28.36 8.51
C ASP A 140 -12.95 29.43 7.81
N ILE A 141 -12.40 30.64 7.72
CA ILE A 141 -13.05 31.77 7.04
C ILE A 141 -13.10 31.53 5.53
N LEU A 142 -12.00 30.99 4.96
CA LEU A 142 -11.98 30.71 3.53
C LEU A 142 -12.93 29.62 3.09
N THR A 143 -13.29 28.68 4.01
CA THR A 143 -14.26 27.62 3.70
C THR A 143 -15.65 28.28 3.61
N TYR A 144 -15.98 29.18 4.55
CA TYR A 144 -17.23 29.95 4.52
C TYR A 144 -17.29 30.75 3.21
N VAL A 145 -16.18 31.43 2.85
CA VAL A 145 -16.05 32.23 1.64
C VAL A 145 -16.32 31.40 0.38
N ALA A 146 -15.63 30.25 0.25
CA ALA A 146 -15.79 29.30 -0.87
C ALA A 146 -17.24 28.83 -0.98
N TRP A 147 -17.88 28.53 0.18
CA TRP A 147 -19.27 28.12 0.27
C TRP A 147 -20.20 29.23 -0.30
N LYS A 148 -20.03 30.48 0.19
CA LYS A 148 -20.81 31.63 -0.29
C LYS A 148 -20.61 31.90 -1.80
N ILE A 149 -19.35 31.95 -2.28
CA ILE A 149 -19.09 32.21 -3.70
C ILE A 149 -19.60 31.05 -4.61
N SER A 150 -19.29 29.79 -4.24
CA SER A 150 -19.67 28.63 -5.05
C SER A 150 -21.15 28.39 -5.26
N GLY A 151 -21.97 28.68 -4.25
CA GLY A 151 -23.40 28.36 -4.27
C GLY A 151 -23.64 26.87 -3.99
N PHE A 152 -22.59 26.15 -3.63
CA PHE A 152 -22.71 24.71 -3.33
C PHE A 152 -23.48 24.47 -2.02
N PRO A 153 -24.12 23.29 -1.85
CA PRO A 153 -24.68 22.97 -0.52
C PRO A 153 -23.50 22.75 0.45
N LYS A 154 -23.68 23.12 1.74
CA LYS A 154 -22.60 23.05 2.74
C LYS A 154 -21.86 21.71 2.90
N ASN A 155 -22.50 20.57 2.57
CA ASN A 155 -21.84 19.26 2.66
C ASN A 155 -20.63 19.15 1.70
N ARG A 156 -20.69 19.87 0.56
CA ARG A 156 -19.65 19.83 -0.45
C ARG A 156 -18.51 20.86 -0.31
N VAL A 157 -18.52 21.67 0.78
CA VAL A 157 -17.48 22.67 1.00
C VAL A 157 -16.83 22.36 2.33
N ILE A 158 -15.61 21.84 2.29
CA ILE A 158 -14.93 21.35 3.48
C ILE A 158 -13.63 22.09 3.70
N GLY A 159 -13.32 22.41 4.94
CA GLY A 159 -12.02 23.02 5.23
C GLY A 159 -11.13 22.00 5.88
N SER A 160 -9.82 21.96 5.51
CA SER A 160 -8.89 21.00 6.13
C SER A 160 -8.83 21.15 7.69
N GLY A 161 -9.25 22.32 8.14
CA GLY A 161 -9.42 22.70 9.54
C GLY A 161 -8.38 22.18 10.50
N CYS A 162 -8.86 21.50 11.54
CA CYS A 162 -8.04 20.95 12.63
C CYS A 162 -7.61 19.51 12.48
N ASN A 163 -7.71 18.94 11.26
CA ASN A 163 -7.27 17.57 11.06
C ASN A 163 -5.76 17.48 11.39
N LEU A 164 -4.98 18.51 10.99
CA LEU A 164 -3.55 18.55 11.29
C LEU A 164 -3.28 18.90 12.76
N ASP A 165 -3.99 19.89 13.33
CA ASP A 165 -3.79 20.27 14.75
C ASP A 165 -4.00 19.03 15.63
N SER A 166 -5.01 18.19 15.29
CA SER A 166 -5.30 16.96 16.03
C SER A 166 -4.21 15.91 15.81
N ALA A 167 -3.68 15.78 14.57
CA ALA A 167 -2.56 14.87 14.27
C ALA A 167 -1.32 15.29 15.06
N ARG A 168 -1.04 16.62 15.10
CA ARG A 168 0.09 17.17 15.87
C ARG A 168 -0.09 16.84 17.35
N PHE A 169 -1.30 17.08 17.88
CA PHE A 169 -1.65 16.78 19.29
C PHE A 169 -1.40 15.32 19.64
N ARG A 170 -1.86 14.41 18.77
CA ARG A 170 -1.71 12.97 18.97
C ARG A 170 -0.25 12.53 18.84
N TYR A 171 0.52 13.18 17.94
CA TYR A 171 1.95 12.88 17.86
C TYR A 171 2.61 13.25 19.19
N LEU A 172 2.38 14.47 19.67
CA LEU A 172 2.94 15.01 20.92
C LEU A 172 2.53 14.23 22.17
N MET A 173 1.27 13.80 22.21
CA MET A 173 0.71 12.95 23.28
C MET A 173 1.44 11.60 23.26
N GLY A 174 1.58 11.03 22.05
CA GLY A 174 2.26 9.77 21.80
C GLY A 174 3.71 9.74 22.25
N GLU A 175 4.43 10.84 22.00
CA GLU A 175 5.83 11.00 22.39
C GLU A 175 5.97 11.01 23.91
N ARG A 176 5.06 11.72 24.63
CA ARG A 176 5.06 11.79 26.08
C ARG A 176 4.76 10.42 26.71
N LEU A 177 3.84 9.66 26.09
CA LEU A 177 3.36 8.38 26.59
C LEU A 177 4.13 7.13 26.13
N GLY A 178 4.88 7.24 25.03
CA GLY A 178 5.62 6.12 24.46
C GLY A 178 4.67 5.20 23.71
N VAL A 179 3.68 5.81 23.04
CA VAL A 179 2.66 5.07 22.31
C VAL A 179 2.56 5.67 20.92
N HIS A 180 2.24 4.84 19.89
CA HIS A 180 2.07 5.36 18.53
C HIS A 180 0.90 6.36 18.53
N PRO A 181 0.98 7.48 17.76
CA PRO A 181 -0.16 8.43 17.71
C PRO A 181 -1.50 7.77 17.34
N LEU A 182 -1.48 6.67 16.56
CA LEU A 182 -2.72 5.95 16.19
C LEU A 182 -3.48 5.47 17.44
N SER A 183 -2.75 5.18 18.54
CA SER A 183 -3.32 4.68 19.78
C SER A 183 -3.46 5.75 20.87
N CYS A 184 -3.22 7.03 20.51
CA CYS A 184 -3.40 8.19 21.40
C CYS A 184 -4.54 9.00 20.80
N HIS A 185 -5.68 9.04 21.49
CA HIS A 185 -6.87 9.74 21.02
C HIS A 185 -7.09 11.06 21.72
N GLY A 186 -7.40 12.09 20.94
CA GLY A 186 -7.60 13.44 21.43
C GLY A 186 -7.98 14.37 20.31
N TRP A 187 -8.88 15.31 20.60
CA TRP A 187 -9.40 16.22 19.61
C TRP A 187 -9.10 17.66 19.86
N VAL A 188 -8.59 18.35 18.82
CA VAL A 188 -8.34 19.81 18.83
C VAL A 188 -9.41 20.37 17.88
N LEU A 189 -10.32 21.18 18.41
CA LEU A 189 -11.43 21.76 17.64
C LEU A 189 -11.35 23.29 17.53
N GLY A 190 -12.33 23.87 16.84
CA GLY A 190 -12.40 25.32 16.66
C GLY A 190 -11.55 25.82 15.52
N GLU A 191 -10.95 26.99 15.72
CA GLU A 191 -10.09 27.59 14.69
C GLU A 191 -8.82 26.79 14.45
N HIS A 192 -8.45 26.59 13.16
CA HIS A 192 -7.15 26.07 12.79
C HIS A 192 -6.23 27.30 12.95
N GLY A 193 -5.78 27.49 14.17
CA GLY A 193 -4.97 28.62 14.56
C GLY A 193 -4.91 28.82 16.06
N ASP A 194 -4.64 30.07 16.47
CA ASP A 194 -4.40 30.44 17.87
C ASP A 194 -5.50 30.14 18.86
N SER A 195 -6.78 30.17 18.43
CA SER A 195 -7.90 29.96 19.36
C SER A 195 -8.43 28.52 19.38
N SER A 196 -7.64 27.55 18.85
CA SER A 196 -8.03 26.13 18.84
C SER A 196 -8.30 25.65 20.26
N VAL A 197 -9.16 24.66 20.36
CA VAL A 197 -9.62 24.14 21.64
C VAL A 197 -9.19 22.69 21.85
N PRO A 198 -8.29 22.41 22.81
CA PRO A 198 -7.99 21.00 23.13
C PRO A 198 -9.13 20.42 23.99
N VAL A 199 -9.78 19.33 23.54
CA VAL A 199 -10.90 18.71 24.28
C VAL A 199 -10.29 17.67 25.25
N TRP A 200 -9.75 18.16 26.38
CA TRP A 200 -9.14 17.30 27.40
C TRP A 200 -10.07 16.22 27.93
N SER A 201 -11.37 16.52 27.97
CA SER A 201 -12.40 15.59 28.43
C SER A 201 -12.49 14.30 27.58
N GLY A 202 -12.11 14.36 26.31
CA GLY A 202 -12.14 13.19 25.44
C GLY A 202 -10.80 12.53 25.20
N VAL A 203 -9.72 13.11 25.74
CA VAL A 203 -8.37 12.59 25.53
C VAL A 203 -8.23 11.23 26.21
N ASN A 204 -7.80 10.19 25.46
CA ASN A 204 -7.74 8.85 26.02
C ASN A 204 -6.80 7.89 25.32
N VAL A 205 -6.44 6.80 26.04
CA VAL A 205 -5.66 5.68 25.52
C VAL A 205 -6.43 4.41 25.90
N ALA A 206 -6.80 3.59 24.90
CA ALA A 206 -7.56 2.34 25.10
C ALA A 206 -8.90 2.57 25.85
N GLY A 207 -9.52 3.73 25.59
CA GLY A 207 -10.79 4.11 26.23
C GLY A 207 -10.63 4.64 27.64
N VAL A 208 -9.38 4.74 28.13
CA VAL A 208 -9.08 5.27 29.47
C VAL A 208 -8.90 6.77 29.37
N SER A 209 -9.85 7.52 29.96
CA SER A 209 -9.85 8.98 29.99
C SER A 209 -8.60 9.46 30.78
N LEU A 210 -7.73 10.26 30.16
CA LEU A 210 -6.54 10.77 30.88
C LEU A 210 -6.98 11.70 32.03
N LYS A 211 -8.09 12.42 31.84
CA LYS A 211 -8.67 13.32 32.85
C LYS A 211 -9.13 12.51 34.09
N SER A 212 -9.53 11.23 33.90
CA SER A 212 -9.91 10.40 35.04
C SER A 212 -8.68 10.08 35.92
N LEU A 213 -7.47 10.11 35.33
CA LEU A 213 -6.23 9.83 36.05
C LEU A 213 -5.55 11.11 36.52
N ASN A 214 -5.90 12.23 35.91
CA ASN A 214 -5.38 13.55 36.25
C ASN A 214 -6.55 14.53 36.13
N PRO A 215 -7.39 14.69 37.19
CA PRO A 215 -8.54 15.61 37.08
C PRO A 215 -8.23 17.03 36.59
N GLN A 216 -7.02 17.53 36.89
CA GLN A 216 -6.58 18.87 36.52
CA GLN A 216 -6.63 18.88 36.48
C GLN A 216 -6.03 18.93 35.08
N LEU A 217 -6.04 17.80 34.35
CA LEU A 217 -5.53 17.70 32.97
C LEU A 217 -5.84 18.93 32.09
N GLY A 218 -4.79 19.55 31.57
CA GLY A 218 -4.90 20.68 30.67
C GLY A 218 -5.18 22.04 31.28
N THR A 219 -5.35 22.11 32.62
CA THR A 219 -5.62 23.39 33.32
C THR A 219 -4.31 23.96 33.86
N ASP A 220 -4.36 25.17 34.45
CA ASP A 220 -3.21 25.81 35.08
C ASP A 220 -2.78 25.04 36.32
N ALA A 221 -3.75 24.39 37.01
CA ALA A 221 -3.48 23.59 38.21
C ALA A 221 -2.89 22.18 37.93
N ASP A 222 -2.75 21.80 36.64
CA ASP A 222 -2.18 20.51 36.22
C ASP A 222 -0.69 20.44 36.59
N LYS A 223 -0.34 19.55 37.54
CA LYS A 223 1.04 19.37 38.03
C LYS A 223 2.03 19.03 36.91
N GLU A 224 1.55 18.34 35.86
CA GLU A 224 2.35 17.92 34.71
C GLU A 224 2.25 18.90 33.52
N GLN A 225 1.48 19.99 33.68
CA GLN A 225 1.25 21.04 32.69
C GLN A 225 1.03 20.55 31.25
N TRP A 226 0.01 19.67 31.06
CA TRP A 226 -0.34 19.13 29.73
C TRP A 226 -0.84 20.22 28.76
N LYS A 227 -1.22 21.40 29.29
CA LYS A 227 -1.60 22.58 28.48
C LYS A 227 -0.48 22.93 27.49
N ASP A 228 0.80 22.67 27.90
CA ASP A 228 2.00 22.92 27.11
C ASP A 228 1.98 22.10 25.79
N VAL A 229 1.31 20.93 25.77
CA VAL A 229 1.13 20.13 24.56
C VAL A 229 0.24 20.90 23.58
N HIS A 230 -0.87 21.48 24.08
CA HIS A 230 -1.73 22.29 23.22
C HIS A 230 -1.00 23.56 22.77
N LYS A 231 -0.20 24.17 23.67
CA LYS A 231 0.60 25.35 23.31
C LYS A 231 1.56 25.01 22.14
N GLN A 232 2.19 23.83 22.20
CA GLN A 232 3.08 23.31 21.14
C GLN A 232 2.28 23.12 19.84
N VAL A 233 1.02 22.61 19.93
CA VAL A 233 0.11 22.48 18.77
C VAL A 233 -0.13 23.87 18.13
N VAL A 234 -0.51 24.86 18.95
CA VAL A 234 -0.75 26.24 18.50
C VAL A 234 0.48 26.84 17.82
N ASP A 235 1.66 26.67 18.46
CA ASP A 235 2.94 27.24 18.04
C ASP A 235 3.63 26.52 16.90
N SER A 236 3.27 25.25 16.64
CA SER A 236 3.92 24.40 15.65
C SER A 236 4.19 25.06 14.28
N ALA A 237 3.17 25.65 13.62
CA ALA A 237 3.42 26.30 12.32
C ALA A 237 4.40 27.48 12.42
N TYR A 238 4.28 28.31 13.48
CA TYR A 238 5.18 29.44 13.69
C TYR A 238 6.61 28.90 13.82
N GLU A 239 6.82 27.81 14.62
CA GLU A 239 8.17 27.22 14.79
C GLU A 239 8.74 26.66 13.48
N VAL A 240 7.93 25.89 12.75
CA VAL A 240 8.36 25.29 11.49
C VAL A 240 8.68 26.37 10.45
N ILE A 241 7.84 27.41 10.37
CA ILE A 241 8.08 28.55 9.47
C ILE A 241 9.39 29.25 9.83
N LYS A 242 9.63 29.49 11.13
CA LYS A 242 10.86 30.13 11.60
C LYS A 242 12.11 29.30 11.16
N LEU A 243 11.99 27.96 11.23
CA LEU A 243 13.09 27.04 10.94
C LEU A 243 13.36 26.78 9.46
N LYS A 244 12.31 26.45 8.68
CA LYS A 244 12.43 26.10 7.26
C LYS A 244 11.71 27.07 6.29
N GLY A 245 11.03 28.07 6.81
CA GLY A 245 10.39 29.08 5.95
C GLY A 245 8.92 28.93 5.63
N TYR A 246 8.36 27.72 5.82
CA TYR A 246 6.97 27.41 5.51
C TYR A 246 6.71 26.04 6.12
N THR A 247 5.48 25.54 6.01
CA THR A 247 5.21 24.15 6.41
C THR A 247 4.64 23.46 5.15
N SER A 248 4.88 22.15 4.99
CA SER A 248 4.37 21.45 3.82
C SER A 248 4.03 20.00 4.04
N TRP A 249 4.98 19.20 4.54
CA TRP A 249 4.84 17.75 4.65
C TRP A 249 3.65 17.28 5.46
N ALA A 250 3.49 17.82 6.67
CA ALA A 250 2.40 17.41 7.57
C ALA A 250 1.01 17.79 7.00
N ILE A 251 0.88 19.03 6.45
CA ILE A 251 -0.40 19.44 5.86
C ILE A 251 -0.73 18.61 4.60
N GLY A 252 0.28 18.30 3.78
CA GLY A 252 0.07 17.44 2.61
C GLY A 252 -0.49 16.07 2.99
N LEU A 253 0.07 15.49 4.06
CA LEU A 253 -0.38 14.19 4.58
C LEU A 253 -1.78 14.31 5.21
N SER A 254 -2.06 15.42 5.89
CA SER A 254 -3.39 15.64 6.51
C SER A 254 -4.46 15.77 5.39
N VAL A 255 -4.14 16.54 4.34
CA VAL A 255 -5.05 16.74 3.18
C VAL A 255 -5.26 15.39 2.46
N ALA A 256 -4.17 14.61 2.26
CA ALA A 256 -4.32 13.30 1.60
C ALA A 256 -5.20 12.33 2.44
N ASP A 257 -5.17 12.49 3.78
CA ASP A 257 -5.99 11.70 4.72
C ASP A 257 -7.48 12.06 4.49
N LEU A 258 -7.77 13.37 4.31
CA LEU A 258 -9.16 13.79 4.04
C LEU A 258 -9.58 13.38 2.64
N ALA A 259 -8.67 13.49 1.65
CA ALA A 259 -8.96 13.07 0.28
C ALA A 259 -9.29 11.58 0.26
N GLU A 260 -8.56 10.77 1.04
CA GLU A 260 -8.82 9.32 1.14
C GLU A 260 -10.24 9.01 1.64
N SER A 261 -10.71 9.69 2.71
CA SER A 261 -12.05 9.47 3.28
C SER A 261 -13.14 9.89 2.27
N ILE A 262 -12.93 11.02 1.55
CA ILE A 262 -13.84 11.49 0.50
C ILE A 262 -13.86 10.48 -0.68
N MET A 263 -12.71 10.25 -1.30
CA MET A 263 -12.59 9.39 -2.50
C MET A 263 -13.02 7.97 -2.26
N LYS A 264 -12.78 7.43 -1.06
CA LYS A 264 -13.11 6.03 -0.77
C LYS A 264 -14.41 5.88 0.06
N ASN A 265 -15.16 6.99 0.26
CA ASN A 265 -16.43 7.06 1.01
C ASN A 265 -16.29 6.33 2.35
N LEU A 266 -15.20 6.63 3.09
CA LEU A 266 -14.92 5.90 4.33
C LEU A 266 -15.85 6.16 5.48
N ARG A 267 -16.39 7.40 5.59
CA ARG A 267 -17.27 7.77 6.71
C ARG A 267 -16.52 7.68 8.03
N ARG A 268 -15.24 8.11 7.97
CA ARG A 268 -14.40 8.24 9.14
C ARG A 268 -14.74 9.60 9.71
N VAL A 269 -14.45 9.80 10.99
CA VAL A 269 -14.69 11.05 11.69
C VAL A 269 -13.40 11.91 11.66
N HIS A 270 -13.52 13.16 11.21
CA HIS A 270 -12.40 14.09 11.13
C HIS A 270 -12.76 15.48 11.75
N PRO A 271 -11.82 16.16 12.45
CA PRO A 271 -12.12 17.51 12.97
C PRO A 271 -11.79 18.50 11.83
N ILE A 272 -12.82 18.88 11.10
CA ILE A 272 -12.71 19.69 9.89
C ILE A 272 -13.70 20.83 9.87
N SER A 273 -13.40 21.87 9.05
CA SER A 273 -14.19 23.11 8.99
C SER A 273 -15.56 22.90 8.34
N THR A 274 -16.60 23.19 9.11
CA THR A 274 -17.99 23.15 8.64
C THR A 274 -18.84 24.22 9.32
N MET A 275 -20.04 24.47 8.80
CA MET A 275 -20.93 25.46 9.43
C MET A 275 -21.35 25.00 10.82
N ILE A 276 -21.08 25.81 11.84
CA ILE A 276 -21.44 25.43 13.19
C ILE A 276 -22.69 26.12 13.76
N LYS A 277 -23.37 26.95 12.94
CA LYS A 277 -24.59 27.65 13.37
C LYS A 277 -25.64 26.66 13.89
N GLY A 278 -26.11 26.90 15.11
CA GLY A 278 -27.10 26.03 15.74
C GLY A 278 -26.56 25.13 16.83
N LEU A 279 -25.21 25.08 16.98
CA LEU A 279 -24.52 24.30 18.01
C LEU A 279 -23.76 25.22 18.96
N TYR A 280 -23.76 24.87 20.27
CA TYR A 280 -23.08 25.59 21.37
C TYR A 280 -23.48 27.08 21.43
N GLY A 281 -24.77 27.35 21.22
CA GLY A 281 -25.32 28.71 21.23
C GLY A 281 -24.84 29.63 20.12
N ILE A 282 -24.13 29.09 19.08
CA ILE A 282 -23.64 29.89 17.96
C ILE A 282 -24.78 30.18 16.98
N LYS A 283 -25.10 31.47 16.79
CA LYS A 283 -26.20 31.92 15.92
C LYS A 283 -25.80 32.46 14.54
N GLU A 284 -24.49 32.67 14.31
CA GLU A 284 -23.99 33.19 13.02
C GLU A 284 -23.42 32.09 12.11
N ASP A 285 -23.28 32.40 10.79
CA ASP A 285 -22.74 31.50 9.76
C ASP A 285 -21.22 31.30 9.89
N VAL A 286 -20.77 30.94 11.11
CA VAL A 286 -19.37 30.68 11.43
C VAL A 286 -19.01 29.24 10.99
N PHE A 287 -17.82 29.05 10.36
CA PHE A 287 -17.28 27.75 10.01
C PHE A 287 -16.08 27.56 10.92
N LEU A 288 -15.95 26.36 11.51
CA LEU A 288 -14.82 25.96 12.36
C LEU A 288 -14.83 24.46 12.48
N SER A 289 -13.78 23.88 13.07
CA SER A 289 -13.70 22.42 13.19
C SER A 289 -14.47 21.83 14.34
N VAL A 290 -15.28 20.82 14.00
CA VAL A 290 -16.02 19.96 14.90
C VAL A 290 -15.84 18.56 14.28
N PRO A 291 -15.97 17.43 15.03
CA PRO A 291 -15.79 16.11 14.40
C PRO A 291 -16.95 15.82 13.44
N CYS A 292 -16.60 15.60 12.15
CA CYS A 292 -17.56 15.36 11.07
C CYS A 292 -17.35 13.98 10.50
N ILE A 293 -18.44 13.40 10.01
CA ILE A 293 -18.37 12.14 9.24
C ILE A 293 -18.13 12.57 7.80
N LEU A 294 -17.03 12.09 7.22
CA LEU A 294 -16.57 12.46 5.88
C LEU A 294 -16.62 11.28 4.91
N GLY A 295 -17.29 11.49 3.79
CA GLY A 295 -17.44 10.47 2.75
C GLY A 295 -17.53 11.03 1.34
N GLN A 296 -18.16 10.26 0.42
CA GLN A 296 -18.27 10.62 -1.01
C GLN A 296 -19.12 11.88 -1.27
N ASN A 297 -20.04 12.21 -0.36
CA ASN A 297 -20.85 13.42 -0.50
C ASN A 297 -20.37 14.57 0.40
N GLY A 298 -19.12 14.44 0.86
CA GLY A 298 -18.49 15.38 1.76
C GLY A 298 -18.94 15.15 3.20
N ILE A 299 -19.34 16.24 3.89
CA ILE A 299 -19.81 16.18 5.28
C ILE A 299 -21.30 15.86 5.36
N SER A 300 -21.61 14.64 5.77
CA SER A 300 -22.97 14.15 5.86
C SER A 300 -23.55 14.31 7.25
N ASP A 301 -22.70 14.29 8.28
CA ASP A 301 -23.14 14.35 9.68
C ASP A 301 -22.08 15.03 10.55
N VAL A 302 -22.49 15.52 11.72
CA VAL A 302 -21.60 16.13 12.70
C VAL A 302 -21.79 15.38 14.02
N VAL A 303 -20.66 15.02 14.68
CA VAL A 303 -20.70 14.40 16.01
C VAL A 303 -20.87 15.54 17.03
N LYS A 304 -21.83 15.40 17.96
CA LYS A 304 -22.08 16.41 18.99
C LYS A 304 -21.21 16.08 20.23
N VAL A 305 -20.04 16.72 20.33
CA VAL A 305 -19.11 16.50 21.45
C VAL A 305 -19.68 17.14 22.70
N THR A 306 -19.66 16.38 23.79
CA THR A 306 -20.13 16.78 25.11
C THR A 306 -18.98 17.59 25.74
N LEU A 307 -18.93 18.88 25.46
CA LEU A 307 -17.86 19.74 25.96
C LEU A 307 -18.12 20.16 27.40
N THR A 308 -17.06 20.23 28.24
CA THR A 308 -17.19 20.72 29.62
C THR A 308 -17.50 22.24 29.53
N PRO A 309 -18.00 22.92 30.61
CA PRO A 309 -18.26 24.37 30.47
C PRO A 309 -17.05 25.20 30.00
N ASP A 310 -15.83 24.83 30.46
CA ASP A 310 -14.53 25.44 30.09
C ASP A 310 -14.31 25.28 28.57
N GLU A 311 -14.35 24.01 28.09
CA GLU A 311 -14.16 23.66 26.68
C GLU A 311 -15.19 24.36 25.78
N GLU A 312 -16.46 24.42 26.22
CA GLU A 312 -17.52 25.11 25.48
C GLU A 312 -17.27 26.62 25.37
N ALA A 313 -16.82 27.25 26.47
CA ALA A 313 -16.53 28.69 26.50
C ALA A 313 -15.36 28.98 25.57
N ARG A 314 -14.35 28.09 25.57
CA ARG A 314 -13.19 28.19 24.69
C ARG A 314 -13.62 28.07 23.23
N LEU A 315 -14.56 27.16 22.90
CA LEU A 315 -15.05 27.00 21.53
C LEU A 315 -15.88 28.21 21.08
N LYS A 316 -16.70 28.79 21.99
CA LYS A 316 -17.50 29.99 21.70
C LYS A 316 -16.60 31.19 21.42
N LYS A 317 -15.47 31.29 22.16
CA LYS A 317 -14.46 32.35 22.00
C LYS A 317 -13.80 32.23 20.63
N SER A 318 -13.45 31.00 20.22
CA SER A 318 -12.86 30.72 18.91
C SER A 318 -13.85 31.19 17.82
N ALA A 319 -15.16 30.83 17.97
CA ALA A 319 -16.27 31.23 17.07
C ALA A 319 -16.42 32.76 17.02
N ASP A 320 -16.29 33.44 18.18
CA ASP A 320 -16.37 34.90 18.27
C ASP A 320 -15.18 35.57 17.56
N THR A 321 -13.95 35.04 17.74
CA THR A 321 -12.75 35.58 17.09
C THR A 321 -12.93 35.48 15.55
N LEU A 322 -13.43 34.34 15.05
CA LEU A 322 -13.63 34.16 13.60
C LEU A 322 -14.75 35.04 13.05
N TRP A 323 -15.89 35.15 13.77
CA TRP A 323 -17.00 35.99 13.33
C TRP A 323 -16.60 37.47 13.24
N GLY A 324 -15.75 37.92 14.17
CA GLY A 324 -15.27 39.30 14.22
C GLY A 324 -14.63 39.69 12.90
N ILE A 325 -13.73 38.83 12.39
CA ILE A 325 -13.04 39.01 11.11
C ILE A 325 -14.01 38.89 9.93
N GLN A 326 -14.76 37.78 9.87
CA GLN A 326 -15.72 37.43 8.82
C GLN A 326 -16.75 38.51 8.55
N LYS A 327 -17.30 39.09 9.64
CA LYS A 327 -18.33 40.14 9.67
C LYS A 327 -17.99 41.31 8.74
N GLU A 328 -16.72 41.74 8.76
CA GLU A 328 -16.21 42.90 8.03
C GLU A 328 -15.48 42.61 6.69
N LEU A 329 -15.80 41.48 6.00
N LEU A 329 -15.94 41.54 5.98
CA LEU A 329 -15.10 41.09 4.78
CA LEU A 329 -15.46 41.12 4.67
C LEU A 329 -15.37 41.84 3.47
C LEU A 329 -16.49 41.50 3.61
N GLN A 330 -16.61 41.69 2.91
N GLN A 330 -16.00 42.04 2.48
CA GLN A 330 -17.10 42.22 1.62
CA GLN A 330 -16.83 42.43 1.35
C GLN A 330 -16.56 41.40 0.44
C GLN A 330 -16.51 41.55 0.16
N PHE A 331 -17.49 40.74 -0.28
CA PHE A 331 -17.29 39.87 -1.47
C PHE A 331 -18.65 39.54 -2.10
N ALA B 2 3.11 10.24 38.28
CA ALA B 2 3.03 10.69 36.90
C ALA B 2 1.89 9.97 36.17
N LEU B 3 1.18 10.70 35.31
CA LEU B 3 0.06 10.22 34.51
C LEU B 3 0.42 8.98 33.64
N LYS B 4 1.61 8.97 33.01
CA LYS B 4 2.08 7.84 32.19
C LYS B 4 2.16 6.54 33.02
N ASP B 5 2.65 6.63 34.28
CA ASP B 5 2.78 5.46 35.16
C ASP B 5 1.45 5.01 35.76
N GLN B 6 0.51 5.95 35.91
CA GLN B 6 -0.85 5.67 36.36
C GLN B 6 -1.60 4.90 35.24
N LEU B 7 -1.30 5.22 33.98
CA LEU B 7 -1.94 4.61 32.81
C LEU B 7 -1.25 3.32 32.31
N ILE B 8 0.09 3.28 32.36
CA ILE B 8 0.89 2.18 31.79
C ILE B 8 1.83 1.53 32.78
N VAL B 9 1.85 0.17 32.81
CA VAL B 9 2.80 -0.61 33.60
C VAL B 9 3.90 -0.97 32.63
N ASN B 10 5.12 -0.51 32.91
CA ASN B 10 6.26 -0.86 32.08
C ASN B 10 6.71 -2.26 32.45
N LEU B 11 6.95 -3.10 31.44
CA LEU B 11 7.32 -4.48 31.71
C LEU B 11 8.68 -4.86 31.18
N LEU B 12 9.24 -4.00 30.32
CA LEU B 12 10.47 -4.26 29.61
C LEU B 12 11.34 -3.02 29.40
N LYS B 13 12.66 -3.19 29.61
CA LYS B 13 13.73 -2.22 29.39
C LYS B 13 13.72 -1.73 27.92
N GLN B 16 15.33 0.01 21.95
CA GLN B 16 16.58 -0.69 21.65
C GLN B 16 17.14 -0.40 20.23
N VAL B 17 17.60 -1.42 19.48
CA VAL B 17 18.25 -1.25 18.17
C VAL B 17 17.30 -1.29 16.93
N PRO B 18 17.33 -0.25 16.05
CA PRO B 18 16.48 -0.27 14.86
C PRO B 18 16.88 -1.40 13.93
N GLN B 19 15.90 -2.00 13.27
CA GLN B 19 16.10 -3.15 12.41
C GLN B 19 16.08 -2.85 10.93
N ASN B 20 15.47 -1.72 10.53
CA ASN B 20 15.31 -1.35 9.13
C ASN B 20 15.51 0.16 9.01
N LYS B 21 16.62 0.65 9.54
CA LYS B 21 16.89 2.09 9.54
C LYS B 21 17.47 2.62 8.24
N ILE B 22 16.97 3.80 7.84
CA ILE B 22 17.46 4.51 6.65
C ILE B 22 17.91 5.90 7.10
N THR B 23 19.04 6.36 6.55
CA THR B 23 19.53 7.71 6.75
C THR B 23 19.51 8.44 5.40
N VAL B 24 19.07 9.71 5.41
CA VAL B 24 19.16 10.58 4.24
C VAL B 24 20.09 11.73 4.66
N VAL B 25 21.20 11.88 3.94
CA VAL B 25 22.14 12.97 4.15
C VAL B 25 21.83 14.07 3.11
N GLY B 26 21.40 15.23 3.58
CA GLY B 26 21.03 16.32 2.71
C GLY B 26 19.55 16.52 2.76
N VAL B 27 19.12 17.70 3.24
CA VAL B 27 17.72 18.04 3.36
C VAL B 27 17.30 19.12 2.36
N GLY B 28 17.96 19.15 1.21
CA GLY B 28 17.56 20.01 0.10
C GLY B 28 16.32 19.40 -0.54
N ALA B 29 15.88 19.93 -1.68
CA ALA B 29 14.66 19.44 -2.33
C ALA B 29 14.76 17.95 -2.68
N VAL B 30 15.94 17.50 -3.16
CA VAL B 30 16.19 16.09 -3.51
C VAL B 30 16.07 15.21 -2.26
N GLY B 31 16.86 15.52 -1.23
CA GLY B 31 16.84 14.75 0.03
C GLY B 31 15.46 14.65 0.64
N MET B 32 14.70 15.76 0.68
CA MET B 32 13.34 15.73 1.26
C MET B 32 12.36 14.93 0.38
N ALA B 33 12.53 14.97 -0.95
CA ALA B 33 11.67 14.18 -1.85
C ALA B 33 11.95 12.68 -1.60
N CYS B 34 13.25 12.31 -1.38
CA CYS B 34 13.61 10.91 -1.05
C CYS B 34 12.97 10.53 0.27
N ALA B 35 13.04 11.41 1.30
CA ALA B 35 12.50 11.15 2.63
C ALA B 35 10.97 10.92 2.60
N ILE B 36 10.21 11.81 1.96
CA ILE B 36 8.75 11.63 1.90
C ILE B 36 8.35 10.38 1.13
N SER B 37 9.07 10.10 0.02
CA SER B 37 8.83 8.89 -0.80
C SER B 37 9.10 7.63 0.00
N ILE B 38 10.21 7.60 0.76
CA ILE B 38 10.52 6.46 1.61
C ILE B 38 9.50 6.29 2.74
N LEU B 39 9.09 7.40 3.36
CA LEU B 39 8.11 7.34 4.44
C LEU B 39 6.76 6.79 3.94
N MET B 40 6.33 7.26 2.76
CA MET B 40 5.05 6.85 2.20
C MET B 40 5.03 5.44 1.63
N LYS B 41 6.21 4.83 1.48
CA LYS B 41 6.36 3.45 1.00
C LYS B 41 6.59 2.45 2.15
N ASP B 42 6.58 2.92 3.40
CA ASP B 42 6.75 2.07 4.60
C ASP B 42 8.02 1.22 4.57
N LEU B 43 9.14 1.80 4.12
CA LEU B 43 10.36 1.01 3.99
C LEU B 43 11.21 0.92 5.23
N ALA B 44 11.03 1.88 6.15
CA ALA B 44 11.89 1.99 7.32
C ALA B 44 11.17 2.01 8.66
N ASP B 45 11.86 1.55 9.73
CA ASP B 45 11.30 1.64 11.08
C ASP B 45 11.90 2.86 11.79
N GLU B 46 12.96 3.43 11.20
CA GLU B 46 13.60 4.65 11.68
C GLU B 46 14.16 5.42 10.50
N LEU B 47 13.97 6.75 10.52
CA LEU B 47 14.50 7.64 9.49
C LEU B 47 15.35 8.69 10.15
N ALA B 48 16.62 8.80 9.73
CA ALA B 48 17.49 9.84 10.26
C ALA B 48 17.85 10.81 9.14
N LEU B 49 17.91 12.10 9.47
CA LEU B 49 18.30 13.15 8.52
C LEU B 49 19.54 13.85 9.03
N VAL B 50 20.46 14.16 8.11
CA VAL B 50 21.70 14.87 8.41
C VAL B 50 21.90 16.01 7.42
N ASP B 51 22.33 17.17 7.93
CA ASP B 51 22.68 18.34 7.13
C ASP B 51 23.58 19.26 7.97
N VAL B 52 24.04 20.39 7.39
CA VAL B 52 24.93 21.31 8.08
C VAL B 52 24.20 22.58 8.50
N ILE B 53 22.97 22.78 8.00
CA ILE B 53 22.18 23.97 8.35
C ILE B 53 21.20 23.53 9.45
N GLU B 54 21.51 23.89 10.71
CA GLU B 54 20.76 23.51 11.93
C GLU B 54 19.24 23.77 11.86
N ASP B 55 18.86 25.00 11.55
CA ASP B 55 17.45 25.41 11.55
C ASP B 55 16.65 24.69 10.47
N LYS B 56 17.17 24.70 9.22
CA LYS B 56 16.52 24.03 8.10
C LYS B 56 16.31 22.53 8.42
N LEU B 57 17.33 21.88 8.98
CA LEU B 57 17.28 20.46 9.33
C LEU B 57 16.21 20.17 10.40
N LYS B 58 16.17 20.98 11.46
CA LYS B 58 15.21 20.81 12.54
C LYS B 58 13.79 21.05 12.03
N GLY B 59 13.62 22.07 11.20
CA GLY B 59 12.33 22.42 10.62
C GLY B 59 11.77 21.30 9.76
N GLU B 60 12.64 20.66 8.95
CA GLU B 60 12.26 19.56 8.07
C GLU B 60 11.89 18.33 8.88
N MET B 61 12.73 17.99 9.88
CA MET B 61 12.47 16.87 10.77
C MET B 61 11.09 17.07 11.45
N MET B 62 10.83 18.27 12.00
CA MET B 62 9.57 18.54 12.72
C MET B 62 8.35 18.42 11.82
N ASP B 63 8.44 18.96 10.58
CA ASP B 63 7.35 18.91 9.61
C ASP B 63 7.01 17.46 9.26
N LEU B 64 8.04 16.59 9.13
CA LEU B 64 7.80 15.15 8.90
C LEU B 64 7.19 14.49 10.15
N GLN B 65 7.74 14.78 11.36
CA GLN B 65 7.21 14.21 12.61
C GLN B 65 5.71 14.53 12.79
N HIS B 66 5.30 15.77 12.45
CA HIS B 66 3.89 16.20 12.58
C HIS B 66 2.90 15.39 11.72
N GLY B 67 3.41 14.72 10.68
CA GLY B 67 2.60 13.81 9.86
C GLY B 67 2.63 12.34 10.28
N SER B 68 3.24 12.01 11.47
CA SER B 68 3.45 10.64 11.99
C SER B 68 2.18 9.81 12.10
N LEU B 69 1.05 10.44 12.44
CA LEU B 69 -0.26 9.77 12.54
C LEU B 69 -0.65 9.09 11.22
N PHE B 70 -0.23 9.69 10.10
CA PHE B 70 -0.55 9.22 8.75
C PHE B 70 0.52 8.29 8.19
N LEU B 71 1.55 8.00 9.00
CA LEU B 71 2.66 7.16 8.55
C LEU B 71 2.82 5.89 9.40
N LYS B 72 3.82 5.06 9.05
CA LYS B 72 4.14 3.81 9.75
C LYS B 72 5.64 3.71 10.05
N THR B 73 6.29 4.87 10.30
CA THR B 73 7.73 4.97 10.62
C THR B 73 7.76 5.68 11.97
N PRO B 74 7.86 4.88 13.07
CA PRO B 74 7.68 5.46 14.42
C PRO B 74 8.79 6.34 14.98
N LYS B 75 9.93 6.42 14.31
CA LYS B 75 11.01 7.28 14.79
C LYS B 75 11.65 8.05 13.65
N ILE B 76 11.56 9.39 13.72
CA ILE B 76 12.15 10.32 12.77
C ILE B 76 13.04 11.20 13.61
N VAL B 77 14.33 11.23 13.28
CA VAL B 77 15.34 11.96 14.05
C VAL B 77 16.24 12.76 13.12
N SER B 78 16.99 13.71 13.69
CA SER B 78 17.94 14.50 12.90
C SER B 78 19.04 15.08 13.79
N SER B 79 20.17 15.40 13.15
CA SER B 79 21.34 16.01 13.79
C SER B 79 22.39 16.33 12.74
N LYS B 80 23.23 17.30 13.05
CA LYS B 80 24.41 17.62 12.28
C LYS B 80 25.49 16.54 12.61
N ASP B 81 25.35 15.88 13.78
CA ASP B 81 26.29 14.86 14.27
C ASP B 81 25.90 13.50 13.68
N TYR B 82 26.85 12.79 13.06
CA TYR B 82 26.60 11.50 12.43
C TYR B 82 26.25 10.36 13.36
N SER B 83 26.48 10.52 14.69
CA SER B 83 26.08 9.46 15.63
C SER B 83 24.57 9.19 15.51
N VAL B 84 23.77 10.17 15.01
CA VAL B 84 22.32 10.01 14.81
C VAL B 84 21.99 8.93 13.73
N THR B 85 22.94 8.68 12.81
CA THR B 85 22.76 7.74 11.68
C THR B 85 23.12 6.29 12.09
N ALA B 86 23.52 6.06 13.36
CA ALA B 86 23.96 4.76 13.86
C ALA B 86 23.01 3.60 13.51
N ASN B 87 23.59 2.48 13.09
CA ASN B 87 22.85 1.26 12.75
C ASN B 87 21.89 1.38 11.56
N SER B 88 22.28 2.14 10.54
CA SER B 88 21.47 2.26 9.32
C SER B 88 21.73 1.05 8.42
N LYS B 89 20.70 0.59 7.71
CA LYS B 89 20.87 -0.47 6.74
C LYS B 89 21.19 0.17 5.40
N LEU B 90 20.77 1.43 5.23
CA LEU B 90 20.94 2.17 3.99
C LEU B 90 21.16 3.63 4.28
N VAL B 91 22.21 4.20 3.67
CA VAL B 91 22.53 5.62 3.83
C VAL B 91 22.51 6.21 2.43
N ILE B 92 21.62 7.17 2.24
CA ILE B 92 21.38 7.86 0.98
C ILE B 92 22.06 9.23 1.02
N ILE B 93 23.00 9.47 0.09
CA ILE B 93 23.75 10.72 0.03
C ILE B 93 23.18 11.65 -1.03
N THR B 94 22.56 12.75 -0.58
CA THR B 94 21.99 13.74 -1.51
C THR B 94 22.60 15.13 -1.25
N ALA B 95 23.81 15.16 -0.67
CA ALA B 95 24.46 16.42 -0.37
C ALA B 95 25.30 16.95 -1.55
N GLY B 96 25.51 18.26 -1.58
CA GLY B 96 26.40 18.86 -2.56
C GLY B 96 25.79 19.86 -3.50
N ALA B 97 26.67 20.51 -4.28
CA ALA B 97 26.30 21.47 -5.29
C ALA B 97 25.47 20.80 -6.39
N ARG B 98 24.54 21.58 -6.97
CA ARG B 98 23.67 21.14 -8.06
C ARG B 98 24.02 21.97 -9.29
N GLN B 99 23.83 21.41 -10.49
CA GLN B 99 24.11 22.08 -11.76
C GLN B 99 23.14 23.21 -12.07
N GLN B 100 23.68 24.30 -12.62
CA GLN B 100 22.94 25.44 -13.11
C GLN B 100 22.57 25.14 -14.55
N GLU B 101 21.66 25.93 -15.15
CA GLU B 101 21.32 25.82 -16.58
C GLU B 101 22.64 26.04 -17.36
N GLY B 102 22.89 25.22 -18.36
CA GLY B 102 24.11 25.32 -19.17
C GLY B 102 25.36 24.81 -18.49
N GLU B 103 25.21 24.18 -17.32
CA GLU B 103 26.34 23.62 -16.57
C GLU B 103 26.26 22.11 -16.53
N SER B 104 27.37 21.43 -16.91
CA SER B 104 27.35 19.96 -16.89
C SER B 104 27.43 19.48 -15.44
N ARG B 105 26.82 18.32 -15.15
CA ARG B 105 26.94 17.68 -13.84
C ARG B 105 28.43 17.39 -13.57
N LEU B 106 29.22 17.14 -14.63
CA LEU B 106 30.66 16.88 -14.48
C LEU B 106 31.42 18.09 -13.90
N ASN B 107 30.87 19.30 -14.07
CA ASN B 107 31.49 20.52 -13.49
C ASN B 107 31.39 20.60 -11.96
N LEU B 108 30.53 19.76 -11.35
CA LEU B 108 30.30 19.74 -9.90
C LEU B 108 31.33 18.92 -9.15
N VAL B 109 32.17 18.19 -9.89
CA VAL B 109 33.09 17.20 -9.32
C VAL B 109 33.96 17.69 -8.15
N GLN B 110 34.75 18.75 -8.35
CA GLN B 110 35.64 19.19 -7.26
C GLN B 110 34.92 19.62 -5.98
N ARG B 111 33.83 20.38 -6.12
CA ARG B 111 33.05 20.81 -4.95
C ARG B 111 32.48 19.61 -4.20
N ASN B 112 31.90 18.66 -4.93
CA ASN B 112 31.27 17.48 -4.33
C ASN B 112 32.22 16.41 -3.75
N VAL B 113 33.39 16.24 -4.36
CA VAL B 113 34.45 15.37 -3.84
C VAL B 113 34.90 15.90 -2.48
N ASN B 114 35.16 17.22 -2.37
CA ASN B 114 35.59 17.85 -1.12
C ASN B 114 34.59 17.62 0.01
N ILE B 115 33.28 17.75 -0.29
CA ILE B 115 32.20 17.47 0.65
C ILE B 115 32.18 15.98 1.04
N PHE B 116 32.38 15.06 0.05
CA PHE B 116 32.38 13.61 0.28
C PHE B 116 33.51 13.16 1.20
N LYS B 117 34.65 13.87 1.15
CA LYS B 117 35.81 13.59 2.01
C LYS B 117 35.44 13.75 3.50
N PHE B 118 34.46 14.60 3.80
CA PHE B 118 33.96 14.78 5.17
C PHE B 118 32.81 13.78 5.43
N ILE B 119 31.78 13.77 4.55
CA ILE B 119 30.59 12.94 4.77
C ILE B 119 30.88 11.44 4.84
N ILE B 120 31.55 10.91 3.82
CA ILE B 120 31.80 9.47 3.69
C ILE B 120 32.40 8.78 4.92
N PRO B 121 33.54 9.25 5.49
CA PRO B 121 34.10 8.59 6.69
C PRO B 121 33.15 8.65 7.89
N ASN B 122 32.42 9.79 8.02
CA ASN B 122 31.45 9.98 9.12
C ASN B 122 30.22 9.05 9.03
N VAL B 123 29.74 8.81 7.82
CA VAL B 123 28.61 7.91 7.56
C VAL B 123 28.98 6.44 7.88
N VAL B 124 30.09 5.94 7.32
CA VAL B 124 30.46 4.53 7.44
C VAL B 124 30.80 4.09 8.88
N LYS B 125 31.33 5.04 9.66
CA LYS B 125 31.76 4.91 11.06
C LYS B 125 30.68 4.27 11.98
N TYR B 126 29.41 4.65 11.82
CA TYR B 126 28.31 4.24 12.69
C TYR B 126 27.38 3.15 12.17
N SER B 127 27.55 2.73 10.91
CA SER B 127 26.65 1.74 10.32
C SER B 127 27.41 0.59 9.63
N PRO B 128 27.86 -0.42 10.40
CA PRO B 128 28.61 -1.56 9.80
C PRO B 128 27.89 -2.32 8.67
N GLN B 129 26.56 -2.37 8.72
CA GLN B 129 25.74 -3.12 7.75
C GLN B 129 25.15 -2.27 6.64
N CYS B 130 25.54 -0.99 6.52
CA CYS B 130 24.91 -0.13 5.52
C CYS B 130 25.35 -0.38 4.10
N LYS B 131 24.45 -0.06 3.17
CA LYS B 131 24.74 0.08 1.76
C LYS B 131 24.79 1.60 1.61
N LEU B 132 25.67 2.08 0.73
CA LEU B 132 25.79 3.49 0.42
C LEU B 132 25.10 3.72 -0.94
N LEU B 133 24.06 4.56 -0.95
CA LEU B 133 23.35 4.91 -2.17
C LEU B 133 23.64 6.39 -2.49
N ILE B 134 24.40 6.61 -3.56
CA ILE B 134 24.84 7.94 -3.98
C ILE B 134 23.82 8.58 -4.95
N VAL B 135 23.37 9.80 -4.63
CA VAL B 135 22.40 10.54 -5.49
C VAL B 135 23.01 11.83 -6.06
N SER B 136 23.87 12.50 -5.27
CA SER B 136 24.62 13.71 -5.62
C SER B 136 25.32 13.52 -6.98
N ASN B 137 25.56 14.62 -7.70
CA ASN B 137 26.16 14.56 -9.04
C ASN B 137 27.59 15.13 -9.17
N PRO B 138 28.43 14.63 -10.11
CA PRO B 138 28.14 13.57 -11.12
C PRO B 138 28.07 12.22 -10.44
N VAL B 139 26.88 11.64 -10.42
CA VAL B 139 26.59 10.40 -9.67
C VAL B 139 27.56 9.23 -9.87
N ASP B 140 27.91 8.94 -11.15
CA ASP B 140 28.82 7.83 -11.46
C ASP B 140 30.20 8.08 -10.85
N ILE B 141 30.75 9.28 -11.06
CA ILE B 141 32.05 9.66 -10.53
C ILE B 141 32.02 9.64 -9.00
N LEU B 142 30.94 10.21 -8.40
CA LEU B 142 30.78 10.24 -6.95
C LEU B 142 30.55 8.87 -6.33
N THR B 143 30.06 7.89 -7.14
CA THR B 143 29.93 6.51 -6.63
C THR B 143 31.35 5.94 -6.54
N TYR B 144 32.22 6.22 -7.55
CA TYR B 144 33.63 5.77 -7.53
C TYR B 144 34.34 6.42 -6.31
N VAL B 145 34.11 7.71 -6.11
CA VAL B 145 34.65 8.51 -5.00
C VAL B 145 34.18 7.92 -3.65
N ALA B 146 32.88 7.66 -3.47
CA ALA B 146 32.40 7.10 -2.20
C ALA B 146 33.03 5.72 -1.95
N TRP B 147 33.22 4.94 -3.05
CA TRP B 147 33.82 3.61 -2.99
C TRP B 147 35.28 3.71 -2.53
N LYS B 148 36.05 4.63 -3.14
CA LYS B 148 37.44 4.84 -2.76
C LYS B 148 37.62 5.35 -1.33
N ILE B 149 36.82 6.35 -0.90
CA ILE B 149 36.93 6.93 0.45
C ILE B 149 36.45 5.94 1.53
N SER B 150 35.32 5.27 1.31
CA SER B 150 34.78 4.34 2.32
C SER B 150 35.60 3.08 2.53
N GLY B 151 36.24 2.61 1.46
CA GLY B 151 36.97 1.35 1.49
C GLY B 151 36.00 0.19 1.52
N PHE B 152 34.71 0.45 1.13
CA PHE B 152 33.69 -0.61 1.09
C PHE B 152 33.87 -1.54 -0.11
N PRO B 153 33.33 -2.78 -0.07
CA PRO B 153 33.40 -3.63 -1.27
C PRO B 153 32.44 -3.03 -2.31
N LYS B 154 32.68 -3.25 -3.60
CA LYS B 154 31.85 -2.64 -4.64
C LYS B 154 30.34 -2.93 -4.58
N ASN B 155 29.91 -4.11 -4.08
CA ASN B 155 28.48 -4.44 -3.99
C ASN B 155 27.71 -3.46 -3.09
N ARG B 156 28.39 -2.88 -2.11
CA ARG B 156 27.79 -1.96 -1.13
C ARG B 156 27.70 -0.50 -1.53
N VAL B 157 28.31 -0.09 -2.65
CA VAL B 157 28.39 1.32 -3.07
C VAL B 157 27.65 1.47 -4.40
N ILE B 158 26.49 2.08 -4.34
CA ILE B 158 25.61 2.17 -5.50
C ILE B 158 25.30 3.62 -5.85
N GLY B 159 25.25 3.92 -7.14
CA GLY B 159 24.83 5.24 -7.60
C GLY B 159 23.44 5.16 -8.16
N SER B 160 22.60 6.15 -7.84
CA SER B 160 21.23 6.18 -8.37
C SER B 160 21.23 6.09 -9.91
N GLY B 161 22.35 6.50 -10.52
CA GLY B 161 22.66 6.36 -11.95
C GLY B 161 21.54 6.67 -12.91
N CYS B 162 21.28 5.70 -13.81
CA CYS B 162 20.26 5.80 -14.85
C CYS B 162 18.88 5.22 -14.51
N ASN B 163 18.61 4.95 -13.21
CA ASN B 163 17.30 4.47 -12.82
C ASN B 163 16.24 5.51 -13.24
N LEU B 164 16.52 6.81 -12.99
CA LEU B 164 15.61 7.89 -13.39
C LEU B 164 15.60 8.14 -14.92
N ASP B 165 16.76 8.11 -15.59
CA ASP B 165 16.85 8.27 -17.06
C ASP B 165 16.00 7.21 -17.76
N SER B 166 16.09 5.95 -17.28
CA SER B 166 15.29 4.84 -17.82
C SER B 166 13.79 5.02 -17.50
N ALA B 167 13.44 5.50 -16.27
CA ALA B 167 12.05 5.80 -15.93
C ALA B 167 11.51 6.89 -16.88
N ARG B 168 12.31 7.95 -17.15
CA ARG B 168 11.90 9.04 -18.08
C ARG B 168 11.72 8.51 -19.49
N PHE B 169 12.65 7.65 -19.93
CA PHE B 169 12.60 6.99 -21.25
C PHE B 169 11.31 6.20 -21.40
N ARG B 170 10.98 5.37 -20.38
CA ARG B 170 9.80 4.53 -20.38
C ARG B 170 8.50 5.34 -20.35
N TYR B 171 8.49 6.44 -19.59
CA TYR B 171 7.34 7.36 -19.54
C TYR B 171 7.10 7.96 -20.97
N LEU B 172 8.17 8.46 -21.61
CA LEU B 172 8.08 9.10 -22.94
C LEU B 172 7.66 8.10 -24.00
N MET B 173 8.21 6.89 -23.94
CA MET B 173 7.84 5.79 -24.84
C MET B 173 6.33 5.45 -24.64
N GLY B 174 5.89 5.37 -23.38
CA GLY B 174 4.51 5.12 -23.01
C GLY B 174 3.52 6.11 -23.59
N GLU B 175 3.89 7.40 -23.55
CA GLU B 175 3.15 8.53 -24.08
C GLU B 175 2.99 8.37 -25.58
N ARG B 176 4.06 8.02 -26.30
CA ARG B 176 3.99 7.80 -27.75
C ARG B 176 3.12 6.58 -28.14
N LEU B 177 3.11 5.53 -27.31
CA LEU B 177 2.42 4.28 -27.64
C LEU B 177 1.03 4.08 -27.01
N GLY B 178 0.63 4.97 -26.10
CA GLY B 178 -0.62 4.85 -25.36
C GLY B 178 -0.62 3.64 -24.44
N VAL B 179 0.55 3.37 -23.79
CA VAL B 179 0.76 2.22 -22.89
C VAL B 179 1.36 2.73 -21.57
N HIS B 180 0.98 2.15 -20.42
CA HIS B 180 1.58 2.54 -19.13
C HIS B 180 3.11 2.29 -19.17
N PRO B 181 3.95 3.18 -18.56
CA PRO B 181 5.41 2.92 -18.55
C PRO B 181 5.80 1.55 -18.01
N LEU B 182 4.99 0.98 -17.08
CA LEU B 182 5.25 -0.36 -16.54
C LEU B 182 5.34 -1.41 -17.66
N SER B 183 4.57 -1.24 -18.76
CA SER B 183 4.53 -2.19 -19.89
C SER B 183 5.40 -1.74 -21.09
N CYS B 184 6.17 -0.65 -20.93
CA CYS B 184 7.11 -0.15 -21.95
C CYS B 184 8.49 -0.43 -21.40
N HIS B 185 9.28 -1.29 -22.07
CA HIS B 185 10.60 -1.67 -21.59
C HIS B 185 11.71 -1.07 -22.44
N GLY B 186 12.74 -0.56 -21.78
CA GLY B 186 13.85 0.09 -22.49
C GLY B 186 14.88 0.61 -21.50
N TRP B 187 16.14 0.53 -21.88
CA TRP B 187 17.24 0.85 -21.00
C TRP B 187 18.09 1.99 -21.47
N VAL B 188 18.37 2.95 -20.58
CA VAL B 188 19.30 4.06 -20.82
C VAL B 188 20.49 3.73 -19.89
N LEU B 189 21.66 3.48 -20.48
CA LEU B 189 22.83 3.08 -19.73
C LEU B 189 23.97 4.10 -19.82
N GLY B 190 25.04 3.85 -19.08
CA GLY B 190 26.23 4.68 -19.09
C GLY B 190 26.12 5.84 -18.12
N GLU B 191 26.69 6.99 -18.50
CA GLU B 191 26.64 8.16 -17.61
C GLU B 191 25.22 8.65 -17.35
N HIS B 192 24.89 8.98 -16.08
CA HIS B 192 23.63 9.69 -15.80
C HIS B 192 23.98 11.16 -16.19
N GLY B 193 23.87 11.43 -17.49
CA GLY B 193 24.23 12.72 -18.06
C GLY B 193 24.23 12.73 -19.57
N ASP B 194 25.02 13.65 -20.16
CA ASP B 194 25.07 13.88 -21.62
C ASP B 194 25.48 12.70 -22.47
N SER B 195 26.33 11.81 -21.95
CA SER B 195 26.83 10.70 -22.73
C SER B 195 26.04 9.38 -22.52
N SER B 196 24.86 9.44 -21.94
CA SER B 196 24.03 8.24 -21.71
C SER B 196 23.69 7.55 -23.05
N VAL B 197 23.41 6.25 -22.98
CA VAL B 197 23.20 5.41 -24.14
C VAL B 197 21.82 4.76 -24.12
N PRO B 198 20.96 5.09 -25.12
CA PRO B 198 19.67 4.39 -25.21
C PRO B 198 19.92 3.03 -25.91
N VAL B 199 19.57 1.92 -25.25
CA VAL B 199 19.79 0.59 -25.82
C VAL B 199 18.59 0.24 -26.68
N TRP B 200 18.58 0.77 -27.91
CA TRP B 200 17.51 0.54 -28.88
C TRP B 200 17.24 -0.94 -29.15
N SER B 201 18.30 -1.77 -29.13
CA SER B 201 18.18 -3.21 -29.40
C SER B 201 17.31 -3.92 -28.40
N GLY B 202 17.17 -3.35 -27.19
CA GLY B 202 16.37 -3.94 -26.13
C GLY B 202 15.02 -3.32 -25.86
N VAL B 203 14.65 -2.24 -26.59
CA VAL B 203 13.39 -1.49 -26.43
C VAL B 203 12.24 -2.37 -26.92
N ASN B 204 11.25 -2.64 -26.05
CA ASN B 204 10.17 -3.55 -26.41
C ASN B 204 8.88 -3.36 -25.62
N VAL B 205 7.80 -3.88 -26.19
CA VAL B 205 6.47 -3.98 -25.58
C VAL B 205 6.09 -5.45 -25.71
N ALA B 206 5.78 -6.10 -24.57
CA ALA B 206 5.39 -7.51 -24.48
C ALA B 206 6.43 -8.45 -25.18
N GLY B 207 7.71 -8.11 -25.09
CA GLY B 207 8.76 -8.89 -25.72
C GLY B 207 8.98 -8.65 -27.20
N VAL B 208 8.15 -7.78 -27.83
CA VAL B 208 8.26 -7.40 -29.25
C VAL B 208 9.27 -6.27 -29.39
N SER B 209 10.41 -6.55 -30.03
CA SER B 209 11.47 -5.57 -30.24
C SER B 209 11.02 -4.47 -31.21
N LEU B 210 11.02 -3.21 -30.74
CA LEU B 210 10.60 -2.07 -31.58
C LEU B 210 11.58 -1.89 -32.74
N LYS B 211 12.86 -2.22 -32.51
CA LYS B 211 13.92 -2.15 -33.53
C LYS B 211 13.68 -3.25 -34.60
N SER B 212 13.05 -4.38 -34.23
CA SER B 212 12.76 -5.44 -35.20
C SER B 212 11.63 -5.00 -36.16
N LEU B 213 10.74 -4.10 -35.71
CA LEU B 213 9.66 -3.56 -36.53
C LEU B 213 10.13 -2.36 -37.38
N ASN B 214 11.10 -1.58 -36.87
CA ASN B 214 11.67 -0.42 -37.53
C ASN B 214 13.19 -0.51 -37.35
N PRO B 215 13.89 -1.15 -38.31
CA PRO B 215 15.36 -1.29 -38.18
C PRO B 215 16.11 0.03 -38.01
N GLN B 216 15.52 1.14 -38.48
CA GLN B 216 16.08 2.49 -38.40
C GLN B 216 15.82 3.18 -37.05
N LEU B 217 15.11 2.50 -36.11
CA LEU B 217 14.77 3.05 -34.80
C LEU B 217 15.98 3.65 -34.07
N GLY B 218 15.83 4.90 -33.66
CA GLY B 218 16.83 5.64 -32.90
C GLY B 218 17.92 6.32 -33.70
N THR B 219 17.96 6.07 -35.03
CA THR B 219 18.95 6.65 -35.95
C THR B 219 18.41 7.91 -36.63
N ASP B 220 19.27 8.66 -37.33
CA ASP B 220 18.84 9.88 -38.04
C ASP B 220 17.87 9.59 -39.20
N ALA B 221 17.97 8.38 -39.79
CA ALA B 221 17.08 7.90 -40.85
C ALA B 221 15.68 7.52 -40.35
N ASP B 222 15.45 7.51 -39.02
CA ASP B 222 14.17 7.15 -38.42
C ASP B 222 13.11 8.22 -38.75
N LYS B 223 12.05 7.81 -39.49
CA LYS B 223 10.94 8.68 -39.90
C LYS B 223 10.23 9.30 -38.69
N GLU B 224 10.14 8.54 -37.59
CA GLU B 224 9.48 8.96 -36.38
C GLU B 224 10.41 9.65 -35.38
N GLN B 225 11.71 9.70 -35.69
CA GLN B 225 12.74 10.37 -34.88
C GLN B 225 12.71 9.92 -33.40
N TRP B 226 12.82 8.59 -33.15
CA TRP B 226 12.85 8.11 -31.77
C TRP B 226 14.07 8.58 -30.99
N LYS B 227 15.13 9.02 -31.70
CA LYS B 227 16.32 9.59 -31.07
C LYS B 227 15.92 10.80 -30.20
N ASP B 228 14.85 11.54 -30.60
CA ASP B 228 14.40 12.70 -29.83
CA ASP B 228 14.36 12.70 -29.85
C ASP B 228 13.91 12.30 -28.44
N VAL B 229 13.47 11.03 -28.28
CA VAL B 229 13.05 10.52 -26.96
C VAL B 229 14.30 10.49 -26.07
N HIS B 230 15.44 9.97 -26.59
CA HIS B 230 16.69 9.96 -25.83
C HIS B 230 17.16 11.40 -25.59
N LYS B 231 17.09 12.29 -26.62
CA LYS B 231 17.46 13.71 -26.44
C LYS B 231 16.60 14.35 -25.29
N GLN B 232 15.29 14.07 -25.25
CA GLN B 232 14.43 14.54 -24.16
C GLN B 232 14.87 13.98 -22.79
N VAL B 233 15.33 12.70 -22.77
CA VAL B 233 15.86 12.10 -21.52
C VAL B 233 17.12 12.89 -21.09
N VAL B 234 18.06 13.11 -22.02
CA VAL B 234 19.29 13.86 -21.73
C VAL B 234 18.96 15.26 -21.18
N ASP B 235 18.04 15.96 -21.83
CA ASP B 235 17.68 17.35 -21.50
C ASP B 235 16.71 17.53 -20.35
N SER B 236 16.02 16.44 -19.93
CA SER B 236 14.98 16.49 -18.90
CA SER B 236 15.00 16.46 -18.89
C SER B 236 15.31 17.30 -17.66
N ALA B 237 16.44 17.01 -16.95
CA ALA B 237 16.78 17.77 -15.73
C ALA B 237 16.91 19.24 -16.03
N TYR B 238 17.57 19.57 -17.14
CA TYR B 238 17.77 20.96 -17.56
C TYR B 238 16.46 21.68 -17.92
N GLU B 239 15.51 20.96 -18.53
CA GLU B 239 14.22 21.55 -18.89
C GLU B 239 13.43 21.87 -17.61
N VAL B 240 13.43 20.92 -16.67
CA VAL B 240 12.75 21.05 -15.38
C VAL B 240 13.42 22.18 -14.53
N ILE B 241 14.77 22.25 -14.52
CA ILE B 241 15.52 23.31 -13.82
C ILE B 241 15.13 24.68 -14.36
N LYS B 242 15.05 24.84 -15.70
CA LYS B 242 14.68 26.10 -16.34
C LYS B 242 13.24 26.50 -15.95
N LEU B 243 12.36 25.51 -15.77
CA LEU B 243 10.96 25.80 -15.44
C LEU B 243 10.68 26.09 -13.96
N LYS B 244 11.07 25.17 -13.05
CA LYS B 244 10.82 25.29 -11.62
C LYS B 244 12.07 25.59 -10.75
N GLY B 245 13.25 25.67 -11.36
CA GLY B 245 14.48 26.02 -10.65
C GLY B 245 15.35 24.86 -10.17
N TYR B 246 14.76 23.66 -10.07
CA TYR B 246 15.46 22.46 -9.59
C TYR B 246 14.59 21.25 -9.95
N THR B 247 15.06 20.05 -9.67
CA THR B 247 14.21 18.86 -9.87
C THR B 247 14.15 18.17 -8.50
N SER B 248 13.08 17.46 -8.24
CA SER B 248 12.97 16.82 -6.93
C SER B 248 12.09 15.58 -6.93
N TRP B 249 10.84 15.69 -7.40
CA TRP B 249 9.88 14.60 -7.32
C TRP B 249 10.27 13.30 -8.01
N ALA B 250 10.70 13.37 -9.28
CA ALA B 250 11.08 12.17 -10.04
C ALA B 250 12.30 11.49 -9.46
N ILE B 251 13.34 12.25 -9.08
CA ILE B 251 14.53 11.62 -8.46
C ILE B 251 14.17 10.98 -7.10
N GLY B 252 13.30 11.66 -6.32
CA GLY B 252 12.85 11.16 -5.03
C GLY B 252 12.20 9.80 -5.18
N LEU B 253 11.32 9.67 -6.18
CA LEU B 253 10.65 8.38 -6.47
C LEU B 253 11.63 7.33 -6.97
N SER B 254 12.60 7.73 -7.81
CA SER B 254 13.60 6.80 -8.35
C SER B 254 14.43 6.22 -7.20
N VAL B 255 14.85 7.08 -6.27
CA VAL B 255 15.67 6.66 -5.13
C VAL B 255 14.86 5.76 -4.19
N ALA B 256 13.57 6.08 -3.97
CA ALA B 256 12.71 5.24 -3.11
C ALA B 256 12.49 3.85 -3.75
N ASP B 257 12.49 3.77 -5.10
CA ASP B 257 12.36 2.51 -5.86
C ASP B 257 13.61 1.62 -5.57
N LEU B 258 14.81 2.24 -5.56
CA LEU B 258 16.08 1.56 -5.27
C LEU B 258 16.12 1.15 -3.79
N ALA B 259 15.72 2.06 -2.87
CA ALA B 259 15.60 1.77 -1.44
C ALA B 259 14.67 0.58 -1.22
N GLU B 260 13.56 0.48 -1.99
CA GLU B 260 12.64 -0.66 -1.83
C GLU B 260 13.32 -2.00 -2.21
N SER B 261 13.99 -2.08 -3.38
CA SER B 261 14.69 -3.29 -3.78
C SER B 261 15.74 -3.70 -2.71
N ILE B 262 16.48 -2.74 -2.15
CA ILE B 262 17.48 -3.02 -1.11
C ILE B 262 16.84 -3.48 0.19
N MET B 263 15.96 -2.63 0.77
CA MET B 263 15.33 -2.94 2.05
C MET B 263 14.50 -4.23 2.05
N LYS B 264 13.89 -4.57 0.90
CA LYS B 264 13.03 -5.75 0.80
C LYS B 264 13.67 -6.95 0.11
N ASN B 265 15.01 -6.84 -0.13
CA ASN B 265 15.85 -7.85 -0.78
C ASN B 265 15.15 -8.38 -2.05
N LEU B 266 14.62 -7.46 -2.89
CA LEU B 266 13.81 -7.87 -4.04
C LEU B 266 14.55 -8.58 -5.16
N ARG B 267 15.79 -8.20 -5.41
CA ARG B 267 16.59 -8.78 -6.50
C ARG B 267 15.96 -8.41 -7.86
N ARG B 268 15.46 -7.16 -7.95
CA ARG B 268 14.95 -6.59 -9.18
C ARG B 268 16.17 -6.03 -9.89
N VAL B 269 16.01 -5.84 -11.19
CA VAL B 269 17.08 -5.35 -12.03
C VAL B 269 16.91 -3.83 -12.24
N HIS B 270 17.96 -3.04 -11.97
CA HIS B 270 17.91 -1.59 -12.18
C HIS B 270 19.17 -1.09 -12.91
N PRO B 271 19.08 -0.05 -13.76
CA PRO B 271 20.29 0.51 -14.39
C PRO B 271 20.90 1.53 -13.42
N ILE B 272 21.91 1.08 -12.65
CA ILE B 272 22.52 1.87 -11.58
C ILE B 272 24.04 1.85 -11.67
N SER B 273 24.72 2.85 -11.06
CA SER B 273 26.18 2.99 -11.12
C SER B 273 26.94 1.93 -10.34
N THR B 274 27.78 1.22 -11.06
CA THR B 274 28.63 0.17 -10.49
C THR B 274 29.92 0.13 -11.30
N MET B 275 30.91 -0.60 -10.79
CA MET B 275 32.16 -0.77 -11.53
C MET B 275 31.96 -1.72 -12.69
N ILE B 276 32.36 -1.28 -13.90
CA ILE B 276 32.19 -2.09 -15.12
C ILE B 276 33.48 -2.69 -15.65
N LYS B 277 34.62 -2.50 -14.94
CA LYS B 277 35.92 -3.07 -15.32
C LYS B 277 35.74 -4.55 -15.65
N GLY B 278 36.15 -4.96 -16.84
CA GLY B 278 36.04 -6.35 -17.27
C GLY B 278 34.92 -6.63 -18.24
N LEU B 279 34.14 -5.58 -18.60
CA LEU B 279 33.04 -5.70 -19.57
C LEU B 279 33.22 -4.67 -20.69
N TYR B 280 32.81 -5.04 -21.91
CA TYR B 280 32.86 -4.20 -23.12
C TYR B 280 34.25 -3.59 -23.38
N GLY B 281 35.29 -4.37 -23.13
CA GLY B 281 36.67 -3.95 -23.31
C GLY B 281 37.17 -2.85 -22.37
N ILE B 282 36.38 -2.52 -21.31
CA ILE B 282 36.79 -1.50 -20.33
C ILE B 282 37.79 -2.13 -19.34
N LYS B 283 39.01 -1.58 -19.27
CA LYS B 283 40.09 -2.10 -18.44
C LYS B 283 40.35 -1.33 -17.15
N GLU B 284 39.70 -0.17 -16.98
CA GLU B 284 39.89 0.68 -15.79
C GLU B 284 38.70 0.62 -14.81
N ASP B 285 38.89 1.11 -13.57
CA ASP B 285 37.89 1.14 -12.48
C ASP B 285 36.77 2.20 -12.74
N VAL B 286 36.13 2.15 -13.91
CA VAL B 286 35.05 3.05 -14.30
C VAL B 286 33.73 2.65 -13.67
N PHE B 287 32.98 3.62 -13.12
CA PHE B 287 31.63 3.39 -12.61
C PHE B 287 30.65 4.02 -13.59
N LEU B 288 29.58 3.30 -13.94
CA LEU B 288 28.53 3.80 -14.84
C LEU B 288 27.35 2.86 -14.76
N SER B 289 26.20 3.24 -15.33
CA SER B 289 25.02 2.40 -15.23
C SER B 289 24.97 1.28 -16.22
N VAL B 290 24.74 0.11 -15.68
CA VAL B 290 24.47 -1.16 -16.36
C VAL B 290 23.35 -1.85 -15.56
N PRO B 291 22.57 -2.80 -16.14
CA PRO B 291 21.51 -3.48 -15.38
C PRO B 291 22.12 -4.38 -14.29
N CYS B 292 21.78 -4.09 -13.04
CA CYS B 292 22.26 -4.74 -11.82
C CYS B 292 21.12 -5.37 -11.07
N ILE B 293 21.39 -6.52 -10.43
CA ILE B 293 20.41 -7.18 -9.55
C ILE B 293 20.63 -6.52 -8.16
N LEU B 294 19.57 -5.91 -7.61
CA LEU B 294 19.70 -5.15 -6.37
C LEU B 294 18.92 -5.79 -5.21
N GLY B 295 19.60 -5.99 -4.09
CA GLY B 295 19.01 -6.62 -2.91
C GLY B 295 19.62 -6.16 -1.60
N GLN B 296 19.45 -6.97 -0.55
CA GLN B 296 19.89 -6.63 0.82
C GLN B 296 21.39 -6.43 1.00
N ASN B 297 22.20 -6.95 0.08
CA ASN B 297 23.65 -6.79 0.11
C ASN B 297 24.11 -5.86 -0.99
N GLY B 298 23.19 -5.02 -1.47
CA GLY B 298 23.47 -4.07 -2.55
C GLY B 298 23.46 -4.78 -3.89
N ILE B 299 24.45 -4.48 -4.73
CA ILE B 299 24.56 -5.09 -6.07
C ILE B 299 25.29 -6.43 -5.96
N SER B 300 24.56 -7.55 -6.03
CA SER B 300 25.18 -8.88 -5.89
C SER B 300 25.57 -9.47 -7.23
N ASP B 301 24.95 -8.98 -8.31
CA ASP B 301 25.10 -9.51 -9.66
C ASP B 301 24.91 -8.42 -10.72
N VAL B 302 25.58 -8.57 -11.88
CA VAL B 302 25.46 -7.61 -12.99
C VAL B 302 24.98 -8.38 -14.23
N VAL B 303 23.95 -7.85 -14.91
CA VAL B 303 23.44 -8.43 -16.15
C VAL B 303 24.39 -7.98 -17.25
N LYS B 304 24.84 -8.90 -18.10
CA LYS B 304 25.71 -8.59 -19.23
C LYS B 304 24.80 -8.34 -20.45
N VAL B 305 24.46 -7.08 -20.66
CA VAL B 305 23.60 -6.70 -21.80
C VAL B 305 24.34 -6.92 -23.10
N THR B 306 23.66 -7.55 -24.05
CA THR B 306 24.16 -7.79 -25.39
C THR B 306 23.88 -6.48 -26.14
N LEU B 307 24.94 -5.80 -26.56
CA LEU B 307 24.83 -4.52 -27.25
C LEU B 307 25.25 -4.69 -28.69
N THR B 308 24.69 -3.87 -29.59
CA THR B 308 25.12 -3.85 -30.99
C THR B 308 26.50 -3.15 -31.01
N PRO B 309 27.35 -3.34 -32.04
CA PRO B 309 28.64 -2.63 -32.07
C PRO B 309 28.53 -1.11 -31.85
N ASP B 310 27.45 -0.48 -32.42
CA ASP B 310 27.21 0.95 -32.28
CA ASP B 310 27.23 0.96 -32.28
C ASP B 310 26.87 1.32 -30.84
N GLU B 311 26.00 0.53 -30.20
CA GLU B 311 25.60 0.77 -28.80
C GLU B 311 26.83 0.56 -27.89
N GLU B 312 27.65 -0.46 -28.18
CA GLU B 312 28.86 -0.77 -27.41
C GLU B 312 29.89 0.37 -27.52
N ALA B 313 30.04 0.93 -28.73
CA ALA B 313 30.95 2.04 -28.99
C ALA B 313 30.46 3.30 -28.21
N ARG B 314 29.13 3.54 -28.20
CA ARG B 314 28.55 4.66 -27.43
C ARG B 314 28.77 4.44 -25.91
N LEU B 315 28.66 3.18 -25.45
CA LEU B 315 28.88 2.88 -24.03
C LEU B 315 30.35 3.03 -23.65
N LYS B 316 31.29 2.61 -24.53
CA LYS B 316 32.72 2.81 -24.26
C LYS B 316 33.10 4.31 -24.31
N LYS B 317 32.39 5.10 -25.14
CA LYS B 317 32.61 6.55 -25.26
C LYS B 317 32.22 7.20 -23.93
N SER B 318 31.08 6.78 -23.36
CA SER B 318 30.61 7.23 -22.05
C SER B 318 31.63 6.84 -20.95
N ALA B 319 32.17 5.60 -21.01
CA ALA B 319 33.17 5.13 -20.05
C ALA B 319 34.45 5.95 -20.14
N ASP B 320 34.91 6.29 -21.38
CA ASP B 320 36.13 7.11 -21.59
C ASP B 320 35.94 8.51 -21.00
N THR B 321 34.75 9.09 -21.20
CA THR B 321 34.40 10.40 -20.66
C THR B 321 34.52 10.36 -19.14
N LEU B 322 33.88 9.35 -18.49
CA LEU B 322 33.88 9.22 -17.02
C LEU B 322 35.27 8.92 -16.48
N TRP B 323 36.03 8.06 -17.17
CA TRP B 323 37.40 7.76 -16.78
C TRP B 323 38.29 9.02 -16.83
N GLY B 324 38.10 9.86 -17.85
CA GLY B 324 38.84 11.13 -17.99
C GLY B 324 38.67 12.03 -16.76
N ILE B 325 37.43 12.11 -16.24
CA ILE B 325 37.09 12.90 -15.03
C ILE B 325 37.67 12.22 -13.78
N GLN B 326 37.65 10.88 -13.75
CA GLN B 326 38.23 10.12 -12.64
C GLN B 326 39.73 10.39 -12.52
N LYS B 327 40.41 10.58 -13.66
CA LYS B 327 41.84 10.91 -13.68
C LYS B 327 42.12 12.31 -13.11
N GLU B 328 41.08 13.14 -12.94
CA GLU B 328 41.21 14.49 -12.38
C GLU B 328 41.02 14.52 -10.86
N LEU B 329 40.67 13.37 -10.25
CA LEU B 329 40.38 13.29 -8.82
C LEU B 329 41.63 13.35 -7.96
N GLN B 330 41.56 14.13 -6.88
CA GLN B 330 42.68 14.30 -5.94
C GLN B 330 42.21 13.84 -4.53
N PHE B 331 42.61 12.64 -4.11
CA PHE B 331 42.27 12.09 -2.79
C PHE B 331 43.31 12.49 -1.76
C ALA C 1 -33.27 8.80 21.53
N ALA C 2 -33.07 8.18 20.35
CA ALA C 2 -32.08 7.14 20.09
C ALA C 2 -30.64 7.63 20.35
N LEU C 3 -29.74 6.71 20.74
CA LEU C 3 -28.33 7.00 21.05
C LEU C 3 -27.61 7.62 19.85
N LYS C 4 -27.87 7.07 18.64
CA LYS C 4 -27.29 7.56 17.38
C LYS C 4 -27.61 9.06 17.19
N ASP C 5 -28.86 9.47 17.46
CA ASP C 5 -29.32 10.85 17.31
C ASP C 5 -28.81 11.78 18.40
N GLN C 6 -28.48 11.23 19.60
CA GLN C 6 -27.89 12.00 20.70
C GLN C 6 -26.44 12.30 20.35
N LEU C 7 -25.80 11.32 19.70
CA LEU C 7 -24.41 11.38 19.33
C LEU C 7 -24.14 12.15 18.04
N ILE C 8 -25.00 11.96 17.02
CA ILE C 8 -24.80 12.47 15.67
C ILE C 8 -25.98 13.29 15.16
N VAL C 9 -25.69 14.49 14.64
CA VAL C 9 -26.72 15.30 13.99
C VAL C 9 -26.59 15.05 12.47
N ASN C 10 -27.63 14.46 11.87
CA ASN C 10 -27.66 14.15 10.44
C ASN C 10 -27.92 15.42 9.66
N LEU C 11 -27.09 15.68 8.64
CA LEU C 11 -27.19 16.90 7.86
C LEU C 11 -27.50 16.64 6.40
N LEU C 12 -27.45 15.38 5.97
CA LEU C 12 -27.67 15.02 4.58
C LEU C 12 -28.50 13.73 4.48
N LYS C 13 -29.60 13.78 3.69
CA LYS C 13 -30.50 12.64 3.48
C LYS C 13 -29.85 11.60 2.56
N GLN C 16 -26.97 7.47 -1.66
CA GLN C 16 -26.14 6.30 -1.33
C GLN C 16 -25.86 5.35 -2.55
N VAL C 17 -25.04 5.85 -3.51
CA VAL C 17 -24.66 5.16 -4.75
CA VAL C 17 -24.65 5.11 -4.71
C VAL C 17 -23.12 4.91 -4.76
N PRO C 18 -22.62 3.66 -4.90
CA PRO C 18 -21.16 3.47 -4.91
C PRO C 18 -20.52 3.89 -6.21
N GLN C 19 -19.25 4.28 -6.15
CA GLN C 19 -18.54 4.81 -7.31
C GLN C 19 -17.56 3.79 -7.91
N ASN C 20 -17.08 2.84 -7.08
CA ASN C 20 -16.11 1.84 -7.52
C ASN C 20 -16.51 0.45 -6.99
N LYS C 21 -17.73 0.04 -7.29
CA LYS C 21 -18.22 -1.23 -6.79
C LYS C 21 -17.72 -2.40 -7.61
N ILE C 22 -17.32 -3.47 -6.89
CA ILE C 22 -16.93 -4.73 -7.50
C ILE C 22 -17.88 -5.84 -7.02
N THR C 23 -18.30 -6.72 -7.94
CA THR C 23 -19.08 -7.90 -7.57
C THR C 23 -18.26 -9.13 -7.91
N VAL C 24 -18.26 -10.11 -7.00
CA VAL C 24 -17.67 -11.43 -7.22
C VAL C 24 -18.83 -12.41 -7.20
N VAL C 25 -19.04 -13.09 -8.34
CA VAL C 25 -20.06 -14.11 -8.44
C VAL C 25 -19.39 -15.47 -8.25
N GLY C 26 -19.79 -16.16 -7.19
CA GLY C 26 -19.26 -17.48 -6.83
C GLY C 26 -18.30 -17.36 -5.66
N VAL C 27 -18.68 -17.97 -4.53
CA VAL C 27 -17.90 -17.91 -3.30
C VAL C 27 -17.14 -19.20 -2.97
N GLY C 28 -16.72 -19.92 -4.01
CA GLY C 28 -15.85 -21.09 -3.85
C GLY C 28 -14.46 -20.55 -3.49
N ALA C 29 -13.45 -21.43 -3.42
CA ALA C 29 -12.08 -20.99 -3.05
C ALA C 29 -11.51 -19.92 -3.99
N VAL C 30 -11.81 -20.02 -5.31
CA VAL C 30 -11.34 -19.04 -6.29
C VAL C 30 -11.99 -17.68 -5.99
N GLY C 31 -13.32 -17.66 -5.87
CA GLY C 31 -14.06 -16.42 -5.62
C GLY C 31 -13.63 -15.69 -4.36
N MET C 32 -13.43 -16.44 -3.28
CA MET C 32 -12.99 -15.85 -2.00
C MET C 32 -11.54 -15.37 -2.07
N ALA C 33 -10.66 -16.04 -2.85
CA ALA C 33 -9.27 -15.58 -3.05
C ALA C 33 -9.27 -14.27 -3.86
N CYS C 34 -10.18 -14.16 -4.85
CA CYS C 34 -10.32 -12.91 -5.61
C CYS C 34 -10.82 -11.83 -4.64
N ALA C 35 -11.83 -12.15 -3.81
CA ALA C 35 -12.40 -11.18 -2.88
C ALA C 35 -11.40 -10.64 -1.87
N ILE C 36 -10.66 -11.51 -1.17
CA ILE C 36 -9.67 -11.04 -0.19
C ILE C 36 -8.56 -10.23 -0.85
N SER C 37 -8.12 -10.64 -2.05
CA SER C 37 -7.04 -9.94 -2.76
C SER C 37 -7.47 -8.55 -3.20
N ILE C 38 -8.72 -8.41 -3.69
CA ILE C 38 -9.27 -7.12 -4.10
C ILE C 38 -9.44 -6.20 -2.86
N LEU C 39 -9.96 -6.77 -1.77
CA LEU C 39 -10.14 -6.06 -0.50
C LEU C 39 -8.83 -5.53 0.02
N MET C 40 -7.78 -6.35 -0.07
CA MET C 40 -6.47 -5.89 0.39
C MET C 40 -5.70 -4.94 -0.54
N LYS C 41 -6.18 -4.76 -1.77
CA LYS C 41 -5.59 -3.82 -2.73
C LYS C 41 -6.39 -2.52 -2.79
N ASP C 42 -7.38 -2.36 -1.89
CA ASP C 42 -8.20 -1.14 -1.81
C ASP C 42 -8.74 -0.69 -3.18
N LEU C 43 -9.30 -1.62 -3.95
CA LEU C 43 -9.77 -1.30 -5.30
C LEU C 43 -11.21 -0.88 -5.37
N ALA C 44 -11.98 -1.19 -4.32
CA ALA C 44 -13.42 -0.98 -4.33
C ALA C 44 -13.94 -0.26 -3.10
N ASP C 45 -15.04 0.50 -3.26
CA ASP C 45 -15.71 1.16 -2.15
C ASP C 45 -16.89 0.28 -1.70
N GLU C 46 -17.22 -0.76 -2.50
CA GLU C 46 -18.29 -1.68 -2.19
C GLU C 46 -17.97 -3.03 -2.79
N LEU C 47 -18.13 -4.10 -2.01
CA LEU C 47 -17.93 -5.46 -2.49
C LEU C 47 -19.21 -6.24 -2.32
N ALA C 48 -19.70 -6.83 -3.42
CA ALA C 48 -20.89 -7.65 -3.39
C ALA C 48 -20.53 -9.07 -3.78
N LEU C 49 -21.10 -10.04 -3.05
CA LEU C 49 -20.89 -11.48 -3.32
C LEU C 49 -22.19 -12.12 -3.73
N VAL C 50 -22.15 -13.06 -4.67
CA VAL C 50 -23.36 -13.76 -5.09
C VAL C 50 -23.05 -15.25 -5.20
N ASP C 51 -23.98 -16.08 -4.72
CA ASP C 51 -23.88 -17.53 -4.87
C ASP C 51 -25.28 -18.14 -4.75
N VAL C 52 -25.38 -19.45 -4.91
CA VAL C 52 -26.64 -20.19 -4.81
C VAL C 52 -26.74 -20.96 -3.48
N ILE C 53 -25.62 -21.13 -2.75
CA ILE C 53 -25.64 -21.83 -1.46
CA ILE C 53 -25.63 -21.83 -1.45
C ILE C 53 -25.77 -20.76 -0.37
N GLU C 54 -26.99 -20.57 0.15
CA GLU C 54 -27.35 -19.55 1.16
C GLU C 54 -26.42 -19.41 2.36
N ASP C 55 -26.27 -20.49 3.13
CA ASP C 55 -25.44 -20.48 4.34
C ASP C 55 -23.99 -20.13 4.04
N LYS C 56 -23.40 -20.83 3.06
CA LYS C 56 -22.00 -20.62 2.67
C LYS C 56 -21.78 -19.14 2.30
N LEU C 57 -22.71 -18.58 1.50
CA LEU C 57 -22.65 -17.19 1.07
C LEU C 57 -22.70 -16.23 2.25
N LYS C 58 -23.65 -16.41 3.18
CA LYS C 58 -23.77 -15.57 4.37
C LYS C 58 -22.54 -15.70 5.30
N GLY C 59 -22.01 -16.91 5.46
CA GLY C 59 -20.82 -17.18 6.28
C GLY C 59 -19.60 -16.46 5.75
N GLU C 60 -19.39 -16.50 4.44
CA GLU C 60 -18.26 -15.83 3.78
C GLU C 60 -18.36 -14.33 3.89
N MET C 61 -19.57 -13.79 3.66
CA MET C 61 -19.81 -12.36 3.78
C MET C 61 -19.49 -11.88 5.22
N MET C 62 -20.07 -12.55 6.24
CA MET C 62 -19.84 -12.19 7.65
C MET C 62 -18.38 -12.21 8.04
N ASP C 63 -17.64 -13.25 7.58
CA ASP C 63 -16.22 -13.43 7.88
C ASP C 63 -15.40 -12.23 7.32
N LEU C 64 -15.70 -11.78 6.09
CA LEU C 64 -15.04 -10.60 5.50
C LEU C 64 -15.45 -9.35 6.28
N GLN C 65 -16.75 -9.19 6.58
CA GLN C 65 -17.29 -8.03 7.33
C GLN C 65 -16.60 -7.86 8.67
N HIS C 66 -16.31 -8.96 9.35
CA HIS C 66 -15.66 -8.92 10.66
C HIS C 66 -14.21 -8.44 10.59
N GLY C 67 -13.62 -8.42 9.37
CA GLY C 67 -12.29 -7.86 9.14
C GLY C 67 -12.28 -6.40 8.72
N SER C 68 -13.46 -5.76 8.66
CA SER C 68 -13.69 -4.37 8.18
C SER C 68 -12.79 -3.31 8.79
N LEU C 69 -12.50 -3.44 10.10
CA LEU C 69 -11.58 -2.53 10.80
C LEU C 69 -10.19 -2.50 10.11
N PHE C 70 -9.77 -3.62 9.51
CA PHE C 70 -8.43 -3.70 8.90
C PHE C 70 -8.43 -3.43 7.40
N LEU C 71 -9.57 -2.98 6.87
CA LEU C 71 -9.75 -2.73 5.44
C LEU C 71 -10.22 -1.30 5.16
N LYS C 72 -10.34 -0.94 3.85
CA LYS C 72 -10.80 0.36 3.37
C LYS C 72 -11.93 0.20 2.32
N THR C 73 -12.76 -0.86 2.50
CA THR C 73 -13.94 -1.15 1.69
C THR C 73 -15.08 -1.10 2.69
N PRO C 74 -15.81 0.05 2.72
CA PRO C 74 -16.78 0.28 3.79
C PRO C 74 -18.10 -0.48 3.72
N LYS C 75 -18.35 -1.14 2.59
CA LYS C 75 -19.61 -1.88 2.49
C LYS C 75 -19.35 -3.23 1.82
N ILE C 76 -19.69 -4.31 2.53
CA ILE C 76 -19.55 -5.68 2.03
C ILE C 76 -20.95 -6.30 2.16
N VAL C 77 -21.51 -6.72 1.04
CA VAL C 77 -22.89 -7.24 1.00
C VAL C 77 -22.95 -8.58 0.28
N SER C 78 -24.04 -9.33 0.45
CA SER C 78 -24.24 -10.57 -0.29
C SER C 78 -25.71 -10.90 -0.44
N SER C 79 -26.03 -11.70 -1.46
CA SER C 79 -27.39 -12.20 -1.74
C SER C 79 -27.38 -13.20 -2.89
N LYS C 80 -28.37 -14.09 -2.90
CA LYS C 80 -28.61 -15.00 -4.02
C LYS C 80 -29.25 -14.12 -5.14
N ASP C 81 -29.89 -12.99 -4.74
CA ASP C 81 -30.58 -12.07 -5.63
C ASP C 81 -29.59 -11.13 -6.28
N TYR C 82 -29.65 -11.02 -7.61
CA TYR C 82 -28.72 -10.13 -8.33
C TYR C 82 -28.91 -8.63 -8.09
N SER C 83 -30.01 -8.22 -7.44
CA SER C 83 -30.24 -6.81 -7.13
C SER C 83 -29.10 -6.28 -6.23
N VAL C 84 -28.47 -7.21 -5.46
CA VAL C 84 -27.34 -6.85 -4.59
C VAL C 84 -26.10 -6.38 -5.37
N THR C 85 -26.01 -6.73 -6.67
CA THR C 85 -24.88 -6.40 -7.54
C THR C 85 -25.05 -5.08 -8.28
N ALA C 86 -26.19 -4.38 -8.09
CA ALA C 86 -26.52 -3.14 -8.81
C ALA C 86 -25.40 -2.12 -8.81
N ASN C 87 -25.16 -1.45 -9.97
CA ASN C 87 -24.18 -0.37 -10.15
C ASN C 87 -22.72 -0.80 -10.00
N SER C 88 -22.39 -2.06 -10.35
CA SER C 88 -21.00 -2.50 -10.27
C SER C 88 -20.21 -1.93 -11.45
N LYS C 89 -18.94 -1.58 -11.23
CA LYS C 89 -18.04 -1.13 -12.29
C LYS C 89 -17.34 -2.36 -12.87
N LEU C 90 -17.18 -3.40 -12.05
CA LEU C 90 -16.53 -4.64 -12.45
C LEU C 90 -17.28 -5.81 -11.84
N VAL C 91 -17.60 -6.82 -12.66
CA VAL C 91 -18.24 -8.05 -12.19
C VAL C 91 -17.34 -9.25 -12.56
N ILE C 92 -16.89 -9.97 -11.54
CA ILE C 92 -15.96 -11.09 -11.67
C ILE C 92 -16.75 -12.41 -11.56
N ILE C 93 -16.66 -13.25 -12.59
CA ILE C 93 -17.41 -14.51 -12.64
C ILE C 93 -16.52 -15.69 -12.33
N THR C 94 -16.72 -16.28 -11.14
CA THR C 94 -15.92 -17.42 -10.63
C THR C 94 -16.88 -18.56 -10.27
N ALA C 95 -18.06 -18.57 -10.88
CA ALA C 95 -19.05 -19.58 -10.60
C ALA C 95 -18.96 -20.69 -11.64
N GLY C 96 -19.32 -21.89 -11.23
CA GLY C 96 -19.34 -23.05 -12.10
C GLY C 96 -18.56 -24.25 -11.60
N ALA C 97 -18.67 -25.36 -12.33
CA ALA C 97 -17.95 -26.59 -12.01
C ALA C 97 -16.45 -26.33 -12.20
N ARG C 98 -15.63 -26.99 -11.39
CA ARG C 98 -14.17 -26.89 -11.50
C ARG C 98 -13.62 -28.28 -11.81
N GLN C 99 -12.48 -28.34 -12.50
CA GLN C 99 -11.91 -29.61 -12.93
C GLN C 99 -11.38 -30.49 -11.81
N GLN C 100 -11.67 -31.78 -11.93
CA GLN C 100 -11.16 -32.80 -11.02
C GLN C 100 -9.74 -33.10 -11.47
N GLU C 101 -9.03 -33.90 -10.69
CA GLU C 101 -7.71 -34.40 -11.05
C GLU C 101 -7.93 -35.27 -12.28
N GLY C 102 -7.11 -35.04 -13.30
CA GLY C 102 -7.22 -35.80 -14.54
C GLY C 102 -8.35 -35.34 -15.44
N GLU C 103 -8.95 -34.15 -15.17
CA GLU C 103 -10.04 -33.64 -16.02
C GLU C 103 -9.59 -32.36 -16.66
N SER C 104 -9.83 -32.21 -17.96
CA SER C 104 -9.47 -30.98 -18.67
C SER C 104 -10.45 -29.87 -18.33
N ARG C 105 -9.98 -28.61 -18.34
CA ARG C 105 -10.87 -27.45 -18.16
C ARG C 105 -11.92 -27.45 -19.27
N LEU C 106 -11.55 -27.97 -20.46
CA LEU C 106 -12.44 -28.08 -21.62
C LEU C 106 -13.67 -28.94 -21.36
N ASN C 107 -13.56 -29.91 -20.42
CA ASN C 107 -14.67 -30.81 -20.03
C ASN C 107 -15.77 -30.15 -19.19
N LEU C 108 -15.51 -28.93 -18.70
CA LEU C 108 -16.45 -28.17 -17.88
C LEU C 108 -17.38 -27.32 -18.74
N VAL C 109 -17.15 -27.27 -20.05
CA VAL C 109 -17.86 -26.36 -20.95
C VAL C 109 -19.41 -26.44 -20.95
N GLN C 110 -19.99 -27.64 -21.00
CA GLN C 110 -21.45 -27.81 -21.02
C GLN C 110 -22.11 -27.33 -19.74
N ARG C 111 -21.56 -27.74 -18.58
CA ARG C 111 -22.06 -27.32 -17.27
C ARG C 111 -21.99 -25.79 -17.13
N ASN C 112 -20.84 -25.20 -17.47
CA ASN C 112 -20.61 -23.77 -17.30
C ASN C 112 -21.30 -22.83 -18.28
N VAL C 113 -21.50 -23.27 -19.54
CA VAL C 113 -22.26 -22.50 -20.53
C VAL C 113 -23.70 -22.40 -19.99
N ASN C 114 -24.26 -23.54 -19.52
CA ASN C 114 -25.63 -23.61 -18.98
C ASN C 114 -25.80 -22.70 -17.75
N ILE C 115 -24.78 -22.65 -16.88
CA ILE C 115 -24.79 -21.77 -15.71
C ILE C 115 -24.72 -20.29 -16.18
N PHE C 116 -23.88 -20.01 -17.19
CA PHE C 116 -23.69 -18.64 -17.72
C PHE C 116 -24.96 -18.10 -18.38
N LYS C 117 -25.79 -19.00 -18.96
CA LYS C 117 -27.10 -18.66 -19.54
C LYS C 117 -28.01 -18.00 -18.50
N PHE C 118 -27.82 -18.36 -17.20
CA PHE C 118 -28.57 -17.78 -16.08
C PHE C 118 -27.84 -16.56 -15.48
N ILE C 119 -26.56 -16.72 -15.15
CA ILE C 119 -25.77 -15.65 -14.51
C ILE C 119 -25.60 -14.38 -15.35
N ILE C 120 -25.12 -14.53 -16.58
CA ILE C 120 -24.80 -13.36 -17.41
C ILE C 120 -25.93 -12.36 -17.63
N PRO C 121 -27.15 -12.78 -18.05
CA PRO C 121 -28.23 -11.79 -18.23
C PRO C 121 -28.60 -11.12 -16.92
N ASN C 122 -28.50 -11.85 -15.80
CA ASN C 122 -28.79 -11.28 -14.47
C ASN C 122 -27.78 -10.22 -14.04
N VAL C 123 -26.50 -10.42 -14.40
CA VAL C 123 -25.44 -9.46 -14.09
C VAL C 123 -25.67 -8.16 -14.87
N VAL C 124 -25.84 -8.27 -16.20
CA VAL C 124 -26.00 -7.12 -17.07
C VAL C 124 -27.30 -6.33 -16.76
N LYS C 125 -28.33 -7.02 -16.27
CA LYS C 125 -29.60 -6.42 -15.87
C LYS C 125 -29.34 -5.31 -14.80
N TYR C 126 -28.44 -5.59 -13.82
CA TYR C 126 -28.20 -4.63 -12.74
C TYR C 126 -26.96 -3.76 -12.86
N SER C 127 -26.01 -4.13 -13.73
CA SER C 127 -24.77 -3.35 -13.89
C SER C 127 -24.50 -3.03 -15.34
N PRO C 128 -25.28 -2.10 -15.91
CA PRO C 128 -25.13 -1.74 -17.33
C PRO C 128 -23.79 -1.10 -17.70
N GLN C 129 -23.07 -0.53 -16.72
CA GLN C 129 -21.78 0.10 -17.00
C GLN C 129 -20.58 -0.82 -16.72
N CYS C 130 -20.82 -2.05 -16.21
CA CYS C 130 -19.69 -2.91 -15.84
C CYS C 130 -18.86 -3.44 -16.99
N LYS C 131 -17.68 -3.91 -16.61
CA LYS C 131 -16.78 -4.73 -17.39
C LYS C 131 -16.98 -6.11 -16.77
N LEU C 132 -17.07 -7.13 -17.62
CA LEU C 132 -17.19 -8.52 -17.19
C LEU C 132 -15.82 -9.14 -17.18
N LEU C 133 -15.42 -9.73 -16.04
CA LEU C 133 -14.14 -10.42 -15.93
C LEU C 133 -14.39 -11.90 -15.65
N ILE C 134 -14.26 -12.72 -16.70
CA ILE C 134 -14.51 -14.16 -16.65
C ILE C 134 -13.28 -14.92 -16.12
N VAL C 135 -13.51 -15.74 -15.08
CA VAL C 135 -12.48 -16.55 -14.40
C VAL C 135 -12.81 -18.04 -14.47
N SER C 136 -14.11 -18.39 -14.40
CA SER C 136 -14.62 -19.77 -14.57
C SER C 136 -14.01 -20.39 -15.86
N ASN C 137 -13.87 -21.74 -15.88
CA ASN C 137 -13.27 -22.48 -16.99
C ASN C 137 -14.23 -23.29 -17.89
N PRO C 138 -13.86 -23.54 -19.17
CA PRO C 138 -12.66 -23.06 -19.88
C PRO C 138 -12.83 -21.56 -20.20
N VAL C 139 -12.00 -20.74 -19.54
CA VAL C 139 -12.07 -19.27 -19.60
C VAL C 139 -12.20 -18.65 -20.99
N ASP C 140 -11.43 -19.16 -21.98
CA ASP C 140 -11.43 -18.59 -23.34
C ASP C 140 -12.78 -18.75 -24.04
N ILE C 141 -13.35 -19.95 -23.92
CA ILE C 141 -14.64 -20.24 -24.50
C ILE C 141 -15.72 -19.51 -23.70
N LEU C 142 -15.64 -19.54 -22.35
CA LEU C 142 -16.61 -18.82 -21.52
C LEU C 142 -16.60 -17.29 -21.72
N THR C 143 -15.44 -16.71 -22.09
CA THR C 143 -15.41 -15.26 -22.38
C THR C 143 -16.23 -15.01 -23.65
N TYR C 144 -16.04 -15.89 -24.67
CA TYR C 144 -16.79 -15.83 -25.94
C TYR C 144 -18.29 -15.94 -25.63
N VAL C 145 -18.65 -16.95 -24.80
CA VAL C 145 -20.04 -17.21 -24.39
C VAL C 145 -20.64 -16.00 -23.66
N ALA C 146 -19.91 -15.45 -22.67
CA ALA C 146 -20.41 -14.28 -21.94
C ALA C 146 -20.59 -13.08 -22.87
N TRP C 147 -19.69 -12.91 -23.84
CA TRP C 147 -19.80 -11.81 -24.82
C TRP C 147 -21.07 -11.94 -25.66
N LYS C 148 -21.30 -13.14 -26.28
CA LYS C 148 -22.50 -13.38 -27.08
C LYS C 148 -23.78 -13.20 -26.25
N ILE C 149 -23.82 -13.71 -25.01
CA ILE C 149 -25.02 -13.60 -24.14
C ILE C 149 -25.30 -12.14 -23.65
N SER C 150 -24.26 -11.45 -23.15
CA SER C 150 -24.35 -10.13 -22.52
C SER C 150 -24.95 -9.00 -23.34
N GLY C 151 -24.61 -8.96 -24.63
CA GLY C 151 -24.96 -7.85 -25.50
C GLY C 151 -23.96 -6.73 -25.32
N PHE C 152 -22.86 -7.01 -24.58
CA PHE C 152 -21.81 -6.02 -24.33
C PHE C 152 -20.83 -5.97 -25.51
N PRO C 153 -20.12 -4.84 -25.75
CA PRO C 153 -19.10 -4.88 -26.81
C PRO C 153 -17.93 -5.74 -26.31
N LYS C 154 -17.14 -6.32 -27.23
CA LYS C 154 -16.05 -7.24 -26.85
C LYS C 154 -14.98 -6.67 -25.92
N ASN C 155 -14.72 -5.35 -25.97
CA ASN C 155 -13.73 -4.71 -25.06
C ASN C 155 -14.15 -4.87 -23.57
N ARG C 156 -15.46 -4.98 -23.32
CA ARG C 156 -16.01 -5.07 -21.97
C ARG C 156 -16.18 -6.50 -21.41
N VAL C 157 -15.74 -7.53 -22.16
CA VAL C 157 -15.87 -8.95 -21.74
C VAL C 157 -14.49 -9.57 -21.83
N ILE C 158 -13.82 -9.68 -20.67
CA ILE C 158 -12.41 -10.05 -20.53
C ILE C 158 -12.26 -11.40 -19.81
N GLY C 159 -11.44 -12.30 -20.34
CA GLY C 159 -11.17 -13.58 -19.67
C GLY C 159 -9.84 -13.49 -18.95
N SER C 160 -9.76 -13.98 -17.69
CA SER C 160 -8.50 -13.94 -16.94
C SER C 160 -7.33 -14.59 -17.72
N GLY C 161 -7.69 -15.49 -18.65
CA GLY C 161 -6.80 -16.16 -19.59
C GLY C 161 -5.45 -16.61 -19.08
N CYS C 162 -4.38 -16.20 -19.80
CA CYS C 162 -2.99 -16.56 -19.47
C CYS C 162 -2.26 -15.58 -18.55
N ASN C 163 -2.99 -14.68 -17.86
CA ASN C 163 -2.34 -13.77 -16.91
C ASN C 163 -1.64 -14.60 -15.81
N LEU C 164 -2.29 -15.69 -15.36
CA LEU C 164 -1.72 -16.60 -14.36
C LEU C 164 -0.61 -17.51 -14.94
N ASP C 165 -0.84 -18.11 -16.14
CA ASP C 165 0.18 -18.94 -16.79
C ASP C 165 1.47 -18.12 -16.96
N SER C 166 1.33 -16.85 -17.39
CA SER C 166 2.50 -15.98 -17.57
C SER C 166 3.17 -15.67 -16.21
N ALA C 167 2.38 -15.40 -15.15
CA ALA C 167 2.96 -15.15 -13.81
C ALA C 167 3.68 -16.42 -13.28
N ARG C 168 3.12 -17.62 -13.58
CA ARG C 168 3.77 -18.89 -13.19
C ARG C 168 5.12 -19.05 -13.92
N PHE C 169 5.11 -18.76 -15.23
CA PHE C 169 6.28 -18.85 -16.10
C PHE C 169 7.39 -17.92 -15.59
N ARG C 170 7.03 -16.66 -15.27
CA ARG C 170 7.98 -15.65 -14.76
C ARG C 170 8.53 -16.00 -13.38
N TYR C 171 7.72 -16.61 -12.50
CA TYR C 171 8.18 -17.10 -11.19
C TYR C 171 9.23 -18.21 -11.38
N LEU C 172 8.93 -19.22 -12.26
CA LEU C 172 9.85 -20.34 -12.50
C LEU C 172 11.17 -19.88 -13.13
N MET C 173 11.06 -18.96 -14.08
CA MET C 173 12.22 -18.35 -14.76
C MET C 173 13.10 -17.61 -13.71
N GLY C 174 12.46 -16.82 -12.86
CA GLY C 174 13.08 -16.03 -11.80
C GLY C 174 13.86 -16.89 -10.82
N GLU C 175 13.27 -18.05 -10.45
CA GLU C 175 13.85 -19.06 -9.57
C GLU C 175 15.11 -19.68 -10.21
N ARG C 176 15.05 -19.98 -11.52
CA ARG C 176 16.22 -20.54 -12.23
C ARG C 176 17.35 -19.50 -12.32
N LEU C 177 17.01 -18.23 -12.44
CA LEU C 177 17.99 -17.15 -12.63
C LEU C 177 18.41 -16.34 -11.41
N GLY C 178 17.71 -16.49 -10.28
CA GLY C 178 17.97 -15.72 -9.07
C GLY C 178 17.61 -14.25 -9.28
N VAL C 179 16.53 -14.01 -10.02
CA VAL C 179 16.04 -12.65 -10.31
C VAL C 179 14.57 -12.61 -9.88
N HIS C 180 14.08 -11.48 -9.35
CA HIS C 180 12.67 -11.36 -8.98
C HIS C 180 11.81 -11.55 -10.25
N PRO C 181 10.63 -12.24 -10.16
CA PRO C 181 9.75 -12.37 -11.34
C PRO C 181 9.45 -11.05 -12.06
N LEU C 182 9.40 -9.93 -11.33
CA LEU C 182 9.14 -8.59 -11.94
C LEU C 182 10.17 -8.25 -13.04
N SER C 183 11.42 -8.69 -12.87
CA SER C 183 12.49 -8.41 -13.83
C SER C 183 12.74 -9.55 -14.84
N CYS C 184 11.93 -10.64 -14.77
CA CYS C 184 12.00 -11.78 -15.72
C CYS C 184 10.80 -11.65 -16.65
N HIS C 185 11.02 -11.35 -17.92
CA HIS C 185 9.92 -11.15 -18.88
C HIS C 185 9.73 -12.36 -19.75
N GLY C 186 8.49 -12.76 -19.93
CA GLY C 186 8.15 -13.96 -20.67
C GLY C 186 6.65 -14.09 -20.83
N TRP C 187 6.21 -14.47 -22.03
CA TRP C 187 4.78 -14.53 -22.32
C TRP C 187 4.32 -15.95 -22.67
N VAL C 188 3.27 -16.40 -21.99
CA VAL C 188 2.60 -17.66 -22.27
C VAL C 188 1.25 -17.24 -22.87
N LEU C 189 0.99 -17.61 -24.13
CA LEU C 189 -0.23 -17.18 -24.86
C LEU C 189 -1.12 -18.35 -25.29
N GLY C 190 -2.26 -18.03 -25.93
CA GLY C 190 -3.21 -19.02 -26.42
C GLY C 190 -4.21 -19.44 -25.35
N GLU C 191 -4.58 -20.71 -25.33
CA GLU C 191 -5.51 -21.28 -24.36
C GLU C 191 -4.93 -21.26 -22.93
N HIS C 192 -5.78 -20.90 -21.95
CA HIS C 192 -5.42 -21.05 -20.54
C HIS C 192 -5.69 -22.54 -20.25
N GLY C 193 -4.71 -23.36 -20.60
CA GLY C 193 -4.83 -24.80 -20.54
C GLY C 193 -3.71 -25.53 -21.24
N ASP C 194 -3.97 -26.79 -21.62
CA ASP C 194 -2.99 -27.69 -22.21
C ASP C 194 -2.29 -27.23 -23.47
N SER C 195 -2.96 -26.43 -24.31
CA SER C 195 -2.39 -25.97 -25.59
C SER C 195 -1.75 -24.57 -25.56
N SER C 196 -1.44 -24.04 -24.35
CA SER C 196 -0.77 -22.74 -24.17
C SER C 196 0.58 -22.73 -24.88
N VAL C 197 1.01 -21.55 -25.29
CA VAL C 197 2.20 -21.34 -26.09
C VAL C 197 3.24 -20.50 -25.35
N PRO C 198 4.41 -21.07 -24.99
CA PRO C 198 5.46 -20.23 -24.39
C PRO C 198 6.18 -19.48 -25.52
N VAL C 199 6.20 -18.13 -25.46
CA VAL C 199 6.83 -17.33 -26.54
C VAL C 199 8.32 -17.17 -26.21
N TRP C 200 9.11 -18.20 -26.49
CA TRP C 200 10.56 -18.19 -26.19
C TRP C 200 11.29 -17.02 -26.82
N SER C 201 10.89 -16.61 -28.04
CA SER C 201 11.50 -15.50 -28.75
C SER C 201 11.48 -14.18 -27.96
N GLY C 202 10.48 -13.99 -27.09
CA GLY C 202 10.34 -12.77 -26.31
C GLY C 202 10.84 -12.83 -24.88
N VAL C 203 11.30 -14.01 -24.42
CA VAL C 203 11.80 -14.26 -23.06
C VAL C 203 13.12 -13.48 -22.86
N ASN C 204 13.12 -12.56 -21.89
CA ASN C 204 14.29 -11.72 -21.69
C ASN C 204 14.43 -11.18 -20.26
N VAL C 205 15.68 -10.80 -19.91
CA VAL C 205 16.01 -10.09 -18.68
C VAL C 205 16.73 -8.82 -19.15
N ALA C 206 16.25 -7.62 -18.74
CA ALA C 206 16.83 -6.32 -19.13
C ALA C 206 16.99 -6.15 -20.67
N GLY C 207 16.06 -6.72 -21.42
CA GLY C 207 16.04 -6.65 -22.88
C GLY C 207 16.97 -7.64 -23.57
N VAL C 208 17.66 -8.49 -22.78
CA VAL C 208 18.58 -9.52 -23.31
C VAL C 208 17.75 -10.76 -23.61
N SER C 209 17.60 -11.10 -24.89
CA SER C 209 16.86 -12.29 -25.34
C SER C 209 17.58 -13.57 -24.87
N LEU C 210 16.92 -14.39 -24.04
CA LEU C 210 17.54 -15.65 -23.57
C LEU C 210 17.74 -16.62 -24.71
N LYS C 211 16.89 -16.54 -25.74
CA LYS C 211 17.00 -17.37 -26.94
C LYS C 211 18.22 -16.95 -27.80
N SER C 212 18.62 -15.67 -27.76
CA SER C 212 19.79 -15.24 -28.52
C SER C 212 21.05 -15.80 -27.86
N LEU C 213 21.06 -15.90 -26.52
CA LEU C 213 22.19 -16.48 -25.79
C LEU C 213 22.22 -18.01 -25.99
N ASN C 214 21.04 -18.67 -25.96
CA ASN C 214 20.91 -20.11 -26.10
C ASN C 214 19.84 -20.41 -27.17
N PRO C 215 20.23 -20.57 -28.45
CA PRO C 215 19.21 -20.81 -29.51
C PRO C 215 18.33 -22.04 -29.33
N GLN C 216 18.82 -23.02 -28.58
CA GLN C 216 18.11 -24.26 -28.29
C GLN C 216 17.03 -24.10 -27.21
N LEU C 217 16.88 -22.87 -26.64
CA LEU C 217 15.92 -22.56 -25.58
C LEU C 217 14.51 -23.04 -25.88
N GLY C 218 14.00 -23.87 -24.98
CA GLY C 218 12.63 -24.37 -25.08
C GLY C 218 12.45 -25.60 -25.96
N THR C 219 13.50 -26.02 -26.68
CA THR C 219 13.46 -27.19 -27.56
C THR C 219 13.97 -28.41 -26.77
N ASP C 220 13.81 -29.62 -27.32
CA ASP C 220 14.27 -30.85 -26.70
C ASP C 220 15.80 -30.96 -26.67
N ALA C 221 16.50 -30.20 -27.54
CA ALA C 221 17.97 -30.16 -27.60
C ALA C 221 18.59 -29.19 -26.56
N ASP C 222 17.76 -28.48 -25.78
CA ASP C 222 18.22 -27.56 -24.75
C ASP C 222 18.83 -28.38 -23.58
N LYS C 223 20.13 -28.15 -23.32
CA LYS C 223 20.87 -28.86 -22.26
C LYS C 223 20.29 -28.62 -20.85
N GLU C 224 19.65 -27.45 -20.64
CA GLU C 224 19.03 -27.07 -19.37
C GLU C 224 17.53 -27.33 -19.30
N GLN C 225 16.98 -27.87 -20.40
CA GLN C 225 15.57 -28.27 -20.53
C GLN C 225 14.56 -27.19 -20.10
N TRP C 226 14.64 -25.98 -20.69
CA TRP C 226 13.69 -24.91 -20.36
C TRP C 226 12.25 -25.22 -20.75
N LYS C 227 12.03 -26.22 -21.63
CA LYS C 227 10.70 -26.67 -22.00
C LYS C 227 9.99 -27.25 -20.75
N ASP C 228 10.77 -27.78 -19.77
CA ASP C 228 10.22 -28.28 -18.49
C ASP C 228 9.55 -27.12 -17.72
N VAL C 229 9.99 -25.86 -17.97
CA VAL C 229 9.37 -24.67 -17.35
C VAL C 229 7.94 -24.54 -17.92
N HIS C 230 7.76 -24.59 -19.25
CA HIS C 230 6.41 -24.51 -19.83
C HIS C 230 5.56 -25.68 -19.38
N LYS C 231 6.15 -26.89 -19.32
CA LYS C 231 5.45 -28.10 -18.89
C LYS C 231 4.95 -27.89 -17.47
N GLN C 232 5.80 -27.31 -16.59
CA GLN C 232 5.41 -27.03 -15.21
C GLN C 232 4.26 -26.02 -15.17
N VAL C 233 4.22 -25.07 -16.11
CA VAL C 233 3.15 -24.07 -16.25
C VAL C 233 1.86 -24.77 -16.64
N VAL C 234 1.91 -25.61 -17.68
CA VAL C 234 0.73 -26.38 -18.15
C VAL C 234 0.20 -27.23 -16.98
N ASP C 235 1.11 -27.93 -16.30
CA ASP C 235 0.76 -28.89 -15.23
C ASP C 235 0.43 -28.28 -13.85
N SER C 236 0.79 -27.01 -13.62
CA SER C 236 0.61 -26.31 -12.34
CA SER C 236 0.59 -26.29 -12.35
C SER C 236 -0.74 -26.54 -11.65
N ALA C 237 -1.88 -26.19 -12.30
CA ALA C 237 -3.20 -26.39 -11.68
C ALA C 237 -3.43 -27.87 -11.30
N TYR C 238 -3.04 -28.82 -12.20
N TYR C 238 -3.02 -28.82 -12.15
CA TYR C 238 -3.17 -30.27 -11.98
CA TYR C 238 -3.20 -30.24 -11.87
C TYR C 238 -2.36 -30.69 -10.73
C TYR C 238 -2.33 -30.73 -10.72
N GLU C 239 -1.09 -30.23 -10.65
CA GLU C 239 -0.16 -30.55 -9.56
C GLU C 239 -0.71 -30.05 -8.22
N VAL C 240 -1.14 -28.78 -8.19
CA VAL C 240 -1.70 -28.11 -6.99
C VAL C 240 -3.04 -28.82 -6.60
N ILE C 241 -3.93 -29.12 -7.59
CA ILE C 241 -5.19 -29.86 -7.33
C ILE C 241 -4.88 -31.23 -6.67
N LYS C 242 -3.91 -31.98 -7.22
CA LYS C 242 -3.46 -33.27 -6.69
C LYS C 242 -2.98 -33.11 -5.22
N LEU C 243 -2.32 -31.98 -4.92
CA LEU C 243 -1.75 -31.76 -3.59
C LEU C 243 -2.72 -31.22 -2.54
N LYS C 244 -3.45 -30.13 -2.85
CA LYS C 244 -4.36 -29.49 -1.89
C LYS C 244 -5.85 -29.57 -2.22
N GLY C 245 -6.19 -30.19 -3.35
CA GLY C 245 -7.58 -30.43 -3.75
C GLY C 245 -8.18 -29.42 -4.71
N TYR C 246 -7.50 -28.27 -4.88
CA TYR C 246 -7.98 -27.16 -5.71
C TYR C 246 -6.88 -26.10 -5.80
N THR C 247 -7.09 -25.02 -6.54
CA THR C 247 -6.12 -23.90 -6.54
C THR C 247 -6.92 -22.68 -6.15
N SER C 248 -6.27 -21.67 -5.56
CA SER C 248 -6.99 -20.47 -5.12
C SER C 248 -6.14 -19.20 -5.06
N TRP C 249 -5.00 -19.25 -4.36
CA TRP C 249 -4.21 -18.05 -4.11
C TRP C 249 -3.65 -17.33 -5.33
N ALA C 250 -2.98 -18.09 -6.22
CA ALA C 250 -2.36 -17.57 -7.44
C ALA C 250 -3.39 -16.97 -8.39
N ILE C 251 -4.53 -17.68 -8.61
CA ILE C 251 -5.62 -17.16 -9.45
C ILE C 251 -6.26 -15.91 -8.83
N GLY C 252 -6.38 -15.90 -7.49
CA GLY C 252 -6.89 -14.76 -6.74
C GLY C 252 -6.06 -13.51 -6.98
N LEU C 253 -4.74 -13.67 -6.95
CA LEU C 253 -3.80 -12.54 -7.15
C LEU C 253 -3.77 -12.14 -8.60
N SER C 254 -3.88 -13.11 -9.52
CA SER C 254 -3.88 -12.79 -10.94
C SER C 254 -5.14 -12.01 -11.29
N VAL C 255 -6.30 -12.38 -10.73
CA VAL C 255 -7.54 -11.67 -10.99
C VAL C 255 -7.51 -10.24 -10.37
N ALA C 256 -6.94 -10.10 -9.16
CA ALA C 256 -6.84 -8.76 -8.55
C ALA C 256 -5.90 -7.86 -9.37
N ASP C 257 -4.87 -8.45 -10.02
CA ASP C 257 -3.93 -7.74 -10.88
C ASP C 257 -4.69 -7.12 -12.07
N LEU C 258 -5.56 -7.91 -12.70
CA LEU C 258 -6.40 -7.47 -13.83
C LEU C 258 -7.41 -6.43 -13.34
N ALA C 259 -8.04 -6.69 -12.16
CA ALA C 259 -8.99 -5.76 -11.56
C ALA C 259 -8.32 -4.40 -11.30
N GLU C 260 -7.03 -4.39 -10.89
CA GLU C 260 -6.33 -3.12 -10.64
C GLU C 260 -6.14 -2.31 -11.93
N SER C 261 -5.71 -2.98 -13.02
CA SER C 261 -5.52 -2.30 -14.33
C SER C 261 -6.86 -1.72 -14.81
N ILE C 262 -7.97 -2.44 -14.60
CA ILE C 262 -9.32 -1.99 -15.01
C ILE C 262 -9.79 -0.79 -14.16
N MET C 263 -9.86 -0.98 -12.84
CA MET C 263 -10.37 0.03 -11.89
C MET C 263 -9.56 1.31 -11.86
N LYS C 264 -8.26 1.22 -12.09
CA LYS C 264 -7.36 2.38 -12.04
C LYS C 264 -6.96 2.86 -13.44
N ASN C 265 -7.61 2.32 -14.49
CA ASN C 265 -7.37 2.69 -15.91
C ASN C 265 -5.87 2.75 -16.23
N LEU C 266 -5.10 1.74 -15.79
CA LEU C 266 -3.66 1.77 -15.97
C LEU C 266 -3.15 1.62 -17.39
N ARG C 267 -3.86 0.90 -18.27
CA ARG C 267 -3.36 0.65 -19.64
C ARG C 267 -2.05 -0.17 -19.62
N ARG C 268 -1.98 -1.12 -18.69
CA ARG C 268 -0.86 -2.05 -18.64
C ARG C 268 -1.18 -3.16 -19.64
N VAL C 269 -0.14 -3.90 -20.06
CA VAL C 269 -0.32 -5.00 -21.00
C VAL C 269 -0.44 -6.35 -20.26
N HIS C 270 -1.52 -7.10 -20.56
CA HIS C 270 -1.79 -8.40 -19.94
C HIS C 270 -2.14 -9.46 -20.99
N PRO C 271 -1.72 -10.73 -20.79
CA PRO C 271 -2.09 -11.79 -21.74
C PRO C 271 -3.44 -12.36 -21.29
N ILE C 272 -4.53 -11.84 -21.87
CA ILE C 272 -5.90 -12.16 -21.45
C ILE C 272 -6.78 -12.52 -22.63
N SER C 273 -7.92 -13.20 -22.38
CA SER C 273 -8.83 -13.70 -23.42
C SER C 273 -9.57 -12.65 -24.16
N THR C 274 -9.35 -12.61 -25.48
CA THR C 274 -10.04 -11.70 -26.38
C THR C 274 -10.20 -12.31 -27.78
N MET C 275 -11.06 -11.72 -28.62
CA MET C 275 -11.26 -12.21 -29.97
C MET C 275 -9.99 -12.07 -30.80
N ILE C 276 -9.52 -13.20 -31.39
CA ILE C 276 -8.29 -13.27 -32.17
C ILE C 276 -8.51 -13.25 -33.70
N LYS C 277 -9.79 -13.31 -34.15
CA LYS C 277 -10.16 -13.30 -35.57
C LYS C 277 -9.49 -12.11 -36.27
N GLY C 278 -8.83 -12.38 -37.38
CA GLY C 278 -8.11 -11.35 -38.12
C GLY C 278 -6.60 -11.40 -37.92
N LEU C 279 -6.15 -12.11 -36.87
CA LEU C 279 -4.72 -12.25 -36.59
C LEU C 279 -4.28 -13.69 -36.73
N TYR C 280 -3.04 -13.89 -37.25
CA TYR C 280 -2.41 -15.20 -37.43
C TYR C 280 -3.23 -16.14 -38.31
N GLY C 281 -3.96 -15.57 -39.28
CA GLY C 281 -4.80 -16.32 -40.20
C GLY C 281 -6.04 -16.96 -39.61
N ILE C 282 -6.37 -16.63 -38.33
CA ILE C 282 -7.55 -17.16 -37.66
C ILE C 282 -8.79 -16.47 -38.22
N LYS C 283 -9.70 -17.26 -38.80
CA LYS C 283 -10.92 -16.79 -39.46
C LYS C 283 -12.20 -16.86 -38.61
N GLU C 284 -12.20 -17.69 -37.54
CA GLU C 284 -13.38 -17.86 -36.67
C GLU C 284 -13.33 -16.99 -35.42
N ASP C 285 -14.49 -16.82 -34.74
CA ASP C 285 -14.70 -16.01 -33.53
C ASP C 285 -14.03 -16.64 -32.28
N VAL C 286 -12.80 -17.13 -32.44
CA VAL C 286 -12.02 -17.73 -31.35
C VAL C 286 -11.57 -16.63 -30.37
N PHE C 287 -11.67 -16.95 -29.09
CA PHE C 287 -11.17 -16.13 -28.03
C PHE C 287 -10.00 -16.88 -27.41
N LEU C 288 -8.87 -16.19 -27.21
CA LEU C 288 -7.69 -16.76 -26.53
C LEU C 288 -6.80 -15.61 -26.05
N SER C 289 -5.73 -15.92 -25.31
CA SER C 289 -4.85 -14.88 -24.78
C SER C 289 -3.79 -14.44 -25.73
N VAL C 290 -3.71 -13.12 -25.87
CA VAL C 290 -2.71 -12.34 -26.60
C VAL C 290 -2.46 -11.12 -25.70
N PRO C 291 -1.30 -10.42 -25.78
CA PRO C 291 -1.10 -9.28 -24.88
C PRO C 291 -2.07 -8.14 -25.24
N CYS C 292 -2.88 -7.70 -24.27
CA CYS C 292 -3.87 -6.65 -24.48
C CYS C 292 -3.58 -5.48 -23.59
N ILE C 293 -3.96 -4.27 -24.06
CA ILE C 293 -3.88 -3.07 -23.21
C ILE C 293 -5.21 -3.05 -22.44
N LEU C 294 -5.13 -3.02 -21.10
CA LEU C 294 -6.28 -3.11 -20.23
C LEU C 294 -6.51 -1.84 -19.39
N GLY C 295 -7.72 -1.31 -19.45
CA GLY C 295 -8.04 -0.09 -18.72
C GLY C 295 -9.48 0.01 -18.32
N GLN C 296 -9.94 1.27 -18.07
CA GLN C 296 -11.32 1.57 -17.65
C GLN C 296 -12.40 1.09 -18.60
N ASN C 297 -12.10 0.97 -19.92
CA ASN C 297 -13.07 0.48 -20.89
C ASN C 297 -12.77 -0.96 -21.32
N GLY C 298 -12.01 -1.67 -20.48
CA GLY C 298 -11.61 -3.05 -20.74
C GLY C 298 -10.44 -3.12 -21.69
N ILE C 299 -10.51 -4.03 -22.68
CA ILE C 299 -9.48 -4.24 -23.70
C ILE C 299 -9.65 -3.23 -24.82
N SER C 300 -8.76 -2.24 -24.89
CA SER C 300 -8.85 -1.18 -25.89
C SER C 300 -8.00 -1.46 -27.13
N ASP C 301 -6.93 -2.25 -26.96
CA ASP C 301 -5.95 -2.48 -28.00
C ASP C 301 -5.33 -3.84 -27.81
N VAL C 302 -4.86 -4.45 -28.91
CA VAL C 302 -4.18 -5.75 -28.91
C VAL C 302 -2.77 -5.57 -29.45
N VAL C 303 -1.77 -6.14 -28.75
CA VAL C 303 -0.39 -6.06 -29.22
C VAL C 303 -0.17 -7.25 -30.20
N LYS C 304 0.43 -6.95 -31.36
CA LYS C 304 0.77 -7.97 -32.36
C LYS C 304 2.15 -8.50 -32.09
N VAL C 305 2.23 -9.64 -31.40
CA VAL C 305 3.50 -10.29 -31.08
C VAL C 305 4.05 -10.91 -32.36
N THR C 306 5.34 -10.66 -32.61
CA THR C 306 6.07 -11.23 -33.73
C THR C 306 6.52 -12.61 -33.23
N LEU C 307 5.89 -13.67 -33.73
CA LEU C 307 6.18 -15.04 -33.29
C LEU C 307 7.06 -15.73 -34.29
N THR C 308 7.91 -16.69 -33.84
CA THR C 308 8.72 -17.50 -34.75
C THR C 308 7.74 -18.42 -35.51
N PRO C 309 8.12 -19.02 -36.66
CA PRO C 309 7.18 -19.94 -37.34
C PRO C 309 6.61 -21.04 -36.43
N ASP C 310 7.42 -21.63 -35.54
CA ASP C 310 6.94 -22.68 -34.63
C ASP C 310 5.95 -22.15 -33.60
N GLU C 311 6.21 -20.97 -33.02
CA GLU C 311 5.35 -20.32 -32.03
C GLU C 311 3.98 -19.98 -32.66
N GLU C 312 3.99 -19.45 -33.90
CA GLU C 312 2.76 -19.10 -34.62
C GLU C 312 1.93 -20.35 -34.93
N ALA C 313 2.61 -21.45 -35.36
CA ALA C 313 1.92 -22.70 -35.65
C ALA C 313 1.28 -23.24 -34.38
N ARG C 314 1.99 -23.13 -33.23
CA ARG C 314 1.46 -23.57 -31.93
C ARG C 314 0.26 -22.74 -31.52
N LEU C 315 0.30 -21.43 -31.81
CA LEU C 315 -0.80 -20.54 -31.48
C LEU C 315 -2.03 -20.86 -32.32
N LYS C 316 -1.82 -21.16 -33.61
CA LYS C 316 -2.91 -21.55 -34.50
C LYS C 316 -3.48 -22.91 -34.05
N LYS C 317 -2.61 -23.84 -33.59
CA LYS C 317 -3.04 -25.16 -33.11
C LYS C 317 -3.90 -24.98 -31.86
N SER C 318 -3.51 -24.01 -31.01
CA SER C 318 -4.29 -23.69 -29.81
C SER C 318 -5.68 -23.15 -30.19
N ALA C 319 -5.76 -22.24 -31.18
CA ALA C 319 -7.00 -21.67 -31.70
C ALA C 319 -7.89 -22.78 -32.27
N ASP C 320 -7.26 -23.73 -33.02
CA ASP C 320 -7.96 -24.88 -33.59
C ASP C 320 -8.61 -25.74 -32.50
N THR C 321 -7.87 -26.04 -31.42
CA THR C 321 -8.34 -26.82 -30.27
C THR C 321 -9.57 -26.15 -29.65
N LEU C 322 -9.49 -24.81 -29.41
CA LEU C 322 -10.60 -24.07 -28.83
C LEU C 322 -11.83 -24.05 -29.76
N TRP C 323 -11.60 -23.89 -31.09
CA TRP C 323 -12.66 -23.89 -32.08
C TRP C 323 -13.39 -25.23 -32.17
N GLY C 324 -12.65 -26.33 -32.06
CA GLY C 324 -13.21 -27.68 -32.08
C GLY C 324 -14.27 -27.89 -31.00
N ILE C 325 -14.11 -27.22 -29.84
CA ILE C 325 -15.04 -27.29 -28.71
C ILE C 325 -16.16 -26.24 -28.91
N GLN C 326 -15.77 -24.96 -29.14
CA GLN C 326 -16.67 -23.81 -29.33
C GLN C 326 -17.74 -23.99 -30.43
N LYS C 327 -17.33 -24.53 -31.60
CA LYS C 327 -18.22 -24.72 -32.76
C LYS C 327 -19.46 -25.59 -32.48
N GLU C 328 -19.35 -26.52 -31.50
CA GLU C 328 -20.43 -27.43 -31.12
C GLU C 328 -21.35 -26.89 -30.02
N LEU C 329 -21.13 -25.64 -29.56
CA LEU C 329 -21.94 -25.06 -28.49
C LEU C 329 -23.30 -24.56 -28.93
N GLN C 330 -24.32 -24.89 -28.12
CA GLN C 330 -25.70 -24.48 -28.31
C GLN C 330 -26.10 -23.63 -27.11
N PHE C 331 -26.48 -22.35 -27.38
CA PHE C 331 -26.94 -21.37 -26.40
C PHE C 331 -27.65 -20.21 -27.09
C ALA D 1 26.81 -22.27 -19.83
N ALA D 2 26.35 -22.51 -18.58
CA ALA D 2 24.99 -22.23 -18.13
C ALA D 2 24.47 -20.88 -18.59
N LEU D 3 23.20 -20.87 -18.98
CA LEU D 3 22.48 -19.69 -19.42
C LEU D 3 22.55 -18.57 -18.37
N LYS D 4 22.38 -18.93 -17.08
CA LYS D 4 22.43 -17.98 -15.96
C LYS D 4 23.78 -17.24 -16.00
N ASP D 5 24.88 -18.00 -16.18
CA ASP D 5 26.22 -17.46 -16.26
C ASP D 5 26.51 -16.63 -17.50
N GLN D 6 25.90 -16.97 -18.66
CA GLN D 6 26.07 -16.17 -19.89
C GLN D 6 25.36 -14.80 -19.72
N LEU D 7 24.26 -14.79 -18.98
CA LEU D 7 23.45 -13.62 -18.76
C LEU D 7 23.94 -12.72 -17.61
N ILE D 8 24.45 -13.35 -16.52
CA ILE D 8 24.76 -12.67 -15.28
C ILE D 8 26.17 -12.95 -14.75
N VAL D 9 26.87 -11.89 -14.27
CA VAL D 9 28.17 -12.03 -13.59
C VAL D 9 27.86 -11.91 -12.10
N ASN D 10 28.23 -12.92 -11.29
CA ASN D 10 28.04 -12.88 -9.84
C ASN D 10 29.19 -12.13 -9.17
N LEU D 11 28.88 -11.20 -8.26
CA LEU D 11 29.90 -10.41 -7.57
C LEU D 11 30.35 -11.04 -6.26
N LEU D 12 29.43 -11.64 -5.50
CA LEU D 12 29.75 -12.25 -4.19
C LEU D 12 28.76 -13.36 -3.79
N LYS D 13 29.19 -14.20 -2.83
CA LYS D 13 28.33 -15.22 -2.22
C LYS D 13 27.79 -14.52 -0.97
N GLU D 14 26.48 -14.21 -1.00
CA GLU D 14 25.79 -13.49 0.07
C GLU D 14 25.50 -14.42 1.26
N GLU D 15 25.34 -13.83 2.46
CA GLU D 15 25.02 -14.56 3.70
C GLU D 15 23.67 -15.28 3.58
N GLN D 16 22.73 -14.64 2.86
CA GLN D 16 21.36 -15.12 2.58
C GLN D 16 20.43 -15.22 3.80
N VAL D 17 20.85 -14.72 4.99
CA VAL D 17 19.97 -14.76 6.16
C VAL D 17 18.91 -13.64 6.02
N PRO D 18 17.61 -13.97 5.99
CA PRO D 18 16.58 -12.91 5.85
C PRO D 18 16.55 -12.03 7.10
N GLN D 19 16.09 -10.80 6.93
CA GLN D 19 16.05 -9.78 7.99
C GLN D 19 14.67 -9.58 8.59
N ASN D 20 13.64 -10.05 7.88
CA ASN D 20 12.23 -9.89 8.30
C ASN D 20 11.45 -11.16 8.03
N LYS D 21 11.99 -12.31 8.43
CA LYS D 21 11.34 -13.57 8.17
C LYS D 21 10.19 -13.89 9.12
N ILE D 22 9.09 -14.42 8.54
CA ILE D 22 7.92 -14.85 9.29
C ILE D 22 7.65 -16.32 8.96
N THR D 23 7.34 -17.11 9.99
CA THR D 23 6.94 -18.50 9.84
C THR D 23 5.49 -18.61 10.26
N VAL D 24 4.73 -19.39 9.50
CA VAL D 24 3.36 -19.75 9.87
C VAL D 24 3.36 -21.27 10.04
N VAL D 25 3.06 -21.73 11.25
CA VAL D 25 2.98 -23.16 11.58
C VAL D 25 1.49 -23.52 11.56
N GLY D 26 1.11 -24.35 10.60
CA GLY D 26 -0.26 -24.81 10.41
C GLY D 26 -0.83 -24.20 9.16
N VAL D 27 -1.09 -25.03 8.14
CA VAL D 27 -1.61 -24.56 6.85
C VAL D 27 -3.12 -24.84 6.64
N GLY D 28 -3.86 -24.89 7.74
CA GLY D 28 -5.32 -24.97 7.69
C GLY D 28 -5.85 -23.63 7.20
N ALA D 29 -7.18 -23.46 7.22
CA ALA D 29 -7.81 -22.23 6.74
C ALA D 29 -7.36 -20.96 7.50
N VAL D 30 -7.19 -21.05 8.84
CA VAL D 30 -6.68 -19.90 9.62
C VAL D 30 -5.24 -19.56 9.21
N GLY D 31 -4.36 -20.56 9.22
CA GLY D 31 -2.95 -20.34 8.86
C GLY D 31 -2.74 -19.72 7.48
N MET D 32 -3.48 -20.22 6.46
CA MET D 32 -3.41 -19.70 5.09
C MET D 32 -3.97 -18.28 4.98
N ALA D 33 -5.00 -17.94 5.77
CA ALA D 33 -5.57 -16.57 5.77
C ALA D 33 -4.54 -15.62 6.41
N CYS D 34 -3.84 -16.07 7.48
CA CYS D 34 -2.73 -15.31 8.07
C CYS D 34 -1.64 -15.09 7.01
N ALA D 35 -1.29 -16.16 6.26
CA ALA D 35 -0.24 -16.11 5.23
C ALA D 35 -0.55 -15.16 4.11
N ILE D 36 -1.77 -15.24 3.53
CA ILE D 36 -2.13 -14.32 2.46
C ILE D 36 -2.18 -12.86 2.92
N SER D 37 -2.71 -12.62 4.14
CA SER D 37 -2.83 -11.25 4.66
C SER D 37 -1.43 -10.64 4.89
N ILE D 38 -0.50 -11.44 5.44
CA ILE D 38 0.88 -10.99 5.69
C ILE D 38 1.61 -10.72 4.35
N LEU D 39 1.38 -11.57 3.33
CA LEU D 39 1.97 -11.37 2.00
C LEU D 39 1.45 -10.08 1.36
N MET D 40 0.13 -9.81 1.50
CA MET D 40 -0.47 -8.63 0.90
CA MET D 40 -0.57 -8.63 0.97
C MET D 40 -0.16 -7.32 1.66
N LYS D 41 0.42 -7.41 2.86
CA LYS D 41 0.81 -6.27 3.66
C LYS D 41 2.33 -6.01 3.62
N ASP D 42 3.07 -6.78 2.78
CA ASP D 42 4.53 -6.64 2.59
C ASP D 42 5.32 -6.57 3.89
N LEU D 43 4.99 -7.44 4.83
CA LEU D 43 5.62 -7.46 6.16
C LEU D 43 6.88 -8.27 6.23
N ALA D 44 7.06 -9.27 5.32
CA ALA D 44 8.18 -10.19 5.38
C ALA D 44 9.01 -10.26 4.11
N ASP D 45 10.33 -10.56 4.25
CA ASP D 45 11.20 -10.81 3.09
C ASP D 45 11.27 -12.34 2.82
N GLU D 46 10.84 -13.13 3.79
CA GLU D 46 10.78 -14.58 3.67
C GLU D 46 9.58 -15.11 4.43
N LEU D 47 8.81 -16.00 3.78
CA LEU D 47 7.67 -16.65 4.43
C LEU D 47 7.90 -18.14 4.45
N ALA D 48 7.92 -18.75 5.66
CA ALA D 48 8.05 -20.21 5.78
C ALA D 48 6.75 -20.83 6.31
N LEU D 49 6.35 -21.98 5.74
CA LEU D 49 5.16 -22.71 6.15
C LEU D 49 5.57 -24.09 6.66
N VAL D 50 4.96 -24.52 7.76
CA VAL D 50 5.20 -25.83 8.40
C VAL D 50 3.86 -26.49 8.69
N ASP D 51 3.78 -27.81 8.43
CA ASP D 51 2.62 -28.63 8.77
C ASP D 51 3.06 -30.09 8.78
N VAL D 52 2.16 -31.00 9.18
CA VAL D 52 2.46 -32.43 9.21
C VAL D 52 1.88 -33.17 8.00
N ILE D 53 0.97 -32.52 7.23
CA ILE D 53 0.40 -33.14 6.03
C ILE D 53 1.23 -32.66 4.86
N GLU D 54 2.13 -33.54 4.38
CA GLU D 54 3.10 -33.26 3.31
C GLU D 54 2.52 -32.68 2.01
N ASP D 55 1.51 -33.34 1.44
CA ASP D 55 0.88 -32.93 0.19
C ASP D 55 0.20 -31.57 0.31
N LYS D 56 -0.68 -31.40 1.31
CA LYS D 56 -1.40 -30.16 1.58
C LYS D 56 -0.40 -29.00 1.78
N LEU D 57 0.69 -29.25 2.55
CA LEU D 57 1.73 -28.24 2.79
C LEU D 57 2.36 -27.80 1.46
N LYS D 58 2.79 -28.76 0.63
CA LYS D 58 3.45 -28.47 -0.65
C LYS D 58 2.50 -27.75 -1.62
N GLY D 59 1.23 -28.19 -1.66
CA GLY D 59 0.21 -27.56 -2.51
C GLY D 59 -0.03 -26.11 -2.16
N GLU D 60 -0.11 -25.82 -0.86
CA GLU D 60 -0.29 -24.44 -0.38
C GLU D 60 0.93 -23.56 -0.69
N MET D 61 2.13 -24.09 -0.44
CA MET D 61 3.35 -23.33 -0.73
C MET D 61 3.40 -23.00 -2.23
N MET D 62 3.12 -23.99 -3.11
CA MET D 62 3.17 -23.79 -4.55
C MET D 62 2.18 -22.72 -5.02
N ASP D 63 0.96 -22.77 -4.48
CA ASP D 63 -0.13 -21.87 -4.85
C ASP D 63 0.26 -20.41 -4.47
N LEU D 64 0.88 -20.20 -3.29
CA LEU D 64 1.39 -18.86 -2.91
C LEU D 64 2.54 -18.47 -3.84
N GLN D 65 3.51 -19.38 -4.06
CA GLN D 65 4.67 -19.11 -4.94
C GLN D 65 4.24 -18.64 -6.33
N HIS D 66 3.22 -19.23 -6.89
CA HIS D 66 2.72 -18.90 -8.23
C HIS D 66 2.18 -17.46 -8.36
N GLY D 67 1.86 -16.86 -7.22
CA GLY D 67 1.44 -15.47 -7.19
C GLY D 67 2.56 -14.49 -6.89
N SER D 68 3.84 -14.97 -6.81
CA SER D 68 5.04 -14.15 -6.48
C SER D 68 5.19 -12.86 -7.28
N LEU D 69 4.90 -12.91 -8.59
CA LEU D 69 4.97 -11.73 -9.46
C LEU D 69 4.13 -10.57 -8.89
N PHE D 70 3.03 -10.90 -8.21
CA PHE D 70 2.10 -9.91 -7.67
C PHE D 70 2.44 -9.51 -6.25
N LEU D 71 3.53 -10.07 -5.72
CA LEU D 71 3.95 -9.83 -4.33
C LEU D 71 5.33 -9.18 -4.22
N LYS D 72 5.76 -8.94 -2.98
CA LYS D 72 7.04 -8.35 -2.63
C LYS D 72 7.70 -9.15 -1.51
N THR D 73 7.47 -10.50 -1.52
CA THR D 73 8.07 -11.44 -0.58
C THR D 73 8.82 -12.40 -1.47
N PRO D 74 10.14 -12.16 -1.65
CA PRO D 74 10.91 -12.91 -2.66
C PRO D 74 11.24 -14.38 -2.41
N LYS D 75 10.92 -14.89 -1.20
CA LYS D 75 11.16 -16.28 -0.86
C LYS D 75 10.03 -16.83 -0.01
N ILE D 76 9.35 -17.87 -0.54
CA ILE D 76 8.26 -18.61 0.12
C ILE D 76 8.71 -20.06 0.11
N VAL D 77 8.82 -20.67 1.31
CA VAL D 77 9.33 -22.04 1.48
C VAL D 77 8.43 -22.81 2.41
N SER D 78 8.57 -24.15 2.43
CA SER D 78 7.80 -25.00 3.33
C SER D 78 8.52 -26.32 3.58
N SER D 79 8.26 -26.94 4.73
CA SER D 79 8.81 -28.25 5.11
C SER D 79 8.16 -28.75 6.40
N LYS D 80 8.18 -30.08 6.62
CA LYS D 80 7.70 -30.65 7.87
C LYS D 80 8.81 -30.44 8.91
N ASP D 81 10.05 -30.22 8.43
CA ASP D 81 11.27 -30.03 9.21
C ASP D 81 11.39 -28.57 9.63
N TYR D 82 11.59 -28.34 10.93
CA TYR D 82 11.68 -27.00 11.48
C TYR D 82 12.92 -26.22 11.08
N SER D 83 13.90 -26.86 10.41
CA SER D 83 15.09 -26.13 9.91
C SER D 83 14.66 -25.06 8.90
N VAL D 84 13.51 -25.26 8.22
CA VAL D 84 12.94 -24.30 7.24
C VAL D 84 12.57 -22.95 7.91
N THR D 85 12.36 -22.97 9.23
CA THR D 85 11.92 -21.82 10.02
C THR D 85 13.05 -21.00 10.61
N ALA D 86 14.31 -21.43 10.41
CA ALA D 86 15.46 -20.77 11.02
C ALA D 86 15.51 -19.26 10.76
N ASN D 87 15.92 -18.52 11.80
CA ASN D 87 16.08 -17.07 11.78
C ASN D 87 14.80 -16.31 11.53
N SER D 88 13.69 -16.81 12.09
CA SER D 88 12.42 -16.09 11.93
C SER D 88 12.37 -15.00 13.00
N LYS D 89 11.86 -13.81 12.63
CA LYS D 89 11.63 -12.73 13.59
C LYS D 89 10.34 -13.02 14.34
N LEU D 90 9.36 -13.59 13.64
CA LEU D 90 8.03 -13.87 14.18
C LEU D 90 7.57 -15.26 13.76
N VAL D 91 7.10 -16.06 14.74
CA VAL D 91 6.58 -17.39 14.42
C VAL D 91 5.16 -17.44 14.91
N ILE D 92 4.25 -17.63 13.95
CA ILE D 92 2.80 -17.65 14.15
C ILE D 92 2.30 -19.08 14.23
N ILE D 93 1.72 -19.44 15.38
CA ILE D 93 1.24 -20.82 15.58
C ILE D 93 -0.27 -20.91 15.33
N THR D 94 -0.66 -21.55 14.25
CA THR D 94 -2.07 -21.78 13.86
C THR D 94 -2.26 -23.29 13.62
N ALA D 95 -1.61 -24.12 14.42
CA ALA D 95 -1.72 -25.57 14.28
C ALA D 95 -2.59 -26.14 15.38
N GLY D 96 -3.19 -27.31 15.12
CA GLY D 96 -4.00 -28.03 16.11
C GLY D 96 -5.47 -28.16 15.80
N ALA D 97 -6.21 -28.82 16.69
CA ALA D 97 -7.66 -29.00 16.54
C ALA D 97 -8.37 -27.64 16.50
N ARG D 98 -9.43 -27.54 15.71
CA ARG D 98 -10.25 -26.32 15.63
C ARG D 98 -11.66 -26.65 16.08
N GLN D 99 -12.42 -25.61 16.49
CA GLN D 99 -13.81 -25.80 16.94
C GLN D 99 -14.64 -26.40 15.84
N GLN D 100 -15.44 -27.39 16.21
CA GLN D 100 -16.46 -27.98 15.36
C GLN D 100 -17.67 -27.08 15.66
N GLU D 101 -18.77 -27.30 14.97
CA GLU D 101 -20.00 -26.54 15.20
C GLU D 101 -20.46 -26.79 16.64
N GLY D 102 -20.72 -25.69 17.36
CA GLY D 102 -21.22 -25.73 18.72
C GLY D 102 -20.19 -26.09 19.78
N GLU D 103 -18.91 -26.25 19.39
CA GLU D 103 -17.83 -26.64 20.29
C GLU D 103 -17.12 -25.42 20.88
N SER D 104 -16.92 -25.45 22.21
CA SER D 104 -16.18 -24.44 22.95
C SER D 104 -14.72 -24.53 22.55
N ARG D 105 -14.06 -23.39 22.45
CA ARG D 105 -12.61 -23.34 22.18
C ARG D 105 -11.87 -24.05 23.33
N LEU D 106 -12.47 -24.06 24.54
CA LEU D 106 -11.87 -24.70 25.73
C LEU D 106 -11.77 -26.21 25.61
N ASN D 107 -12.65 -26.81 24.82
CA ASN D 107 -12.69 -28.26 24.56
C ASN D 107 -11.46 -28.75 23.78
N LEU D 108 -10.74 -27.84 23.12
CA LEU D 108 -9.58 -28.18 22.30
C LEU D 108 -8.28 -28.26 23.12
N VAL D 109 -8.34 -27.88 24.42
CA VAL D 109 -7.19 -27.72 25.29
C VAL D 109 -6.18 -28.89 25.39
N GLN D 110 -6.62 -30.12 25.71
CA GLN D 110 -5.61 -31.19 25.82
C GLN D 110 -4.98 -31.62 24.51
N ARG D 111 -5.80 -31.73 23.45
CA ARG D 111 -5.34 -32.04 22.10
C ARG D 111 -4.29 -31.02 21.66
N ASN D 112 -4.53 -29.73 21.95
CA ASN D 112 -3.63 -28.65 21.54
C ASN D 112 -2.40 -28.47 22.40
N VAL D 113 -2.48 -28.78 23.71
CA VAL D 113 -1.33 -28.77 24.62
C VAL D 113 -0.35 -29.87 24.16
N ASN D 114 -0.88 -31.06 23.82
CA ASN D 114 -0.09 -32.20 23.33
C ASN D 114 0.66 -31.87 22.06
N ILE D 115 -0.03 -31.24 21.10
CA ILE D 115 0.57 -30.77 19.85
C ILE D 115 1.65 -29.69 20.14
N PHE D 116 1.36 -28.77 21.10
CA PHE D 116 2.33 -27.72 21.48
C PHE D 116 3.64 -28.27 22.08
N LYS D 117 3.58 -29.44 22.75
CA LYS D 117 4.75 -30.12 23.34
C LYS D 117 5.80 -30.47 22.27
N PHE D 118 5.36 -30.79 21.03
CA PHE D 118 6.27 -31.09 19.91
C PHE D 118 6.68 -29.80 19.19
N ILE D 119 5.68 -28.94 18.87
CA ILE D 119 5.87 -27.71 18.12
C ILE D 119 6.82 -26.70 18.75
N ILE D 120 6.51 -26.24 19.95
CA ILE D 120 7.26 -25.20 20.65
C ILE D 120 8.78 -25.45 20.76
N PRO D 121 9.25 -26.62 21.24
CA PRO D 121 10.72 -26.84 21.29
C PRO D 121 11.37 -26.78 19.92
N ASN D 122 10.69 -27.27 18.87
CA ASN D 122 11.21 -27.23 17.51
C ASN D 122 11.34 -25.80 16.98
N VAL D 123 10.37 -24.93 17.31
CA VAL D 123 10.38 -23.52 16.90
C VAL D 123 11.58 -22.81 17.58
N VAL D 124 11.70 -22.97 18.92
CA VAL D 124 12.73 -22.32 19.75
C VAL D 124 14.17 -22.73 19.36
N LYS D 125 14.35 -24.00 18.94
CA LYS D 125 15.62 -24.55 18.47
C LYS D 125 16.16 -23.76 17.25
N TYR D 126 15.28 -23.39 16.30
CA TYR D 126 15.72 -22.71 15.07
C TYR D 126 15.66 -21.20 15.07
N SER D 127 14.81 -20.61 15.94
CA SER D 127 14.67 -19.16 16.08
C SER D 127 14.63 -18.84 17.58
N PRO D 128 15.77 -18.97 18.30
CA PRO D 128 15.75 -18.68 19.75
C PRO D 128 15.45 -17.23 20.15
N GLN D 129 15.54 -16.29 19.19
CA GLN D 129 15.24 -14.87 19.45
C GLN D 129 13.90 -14.39 18.86
N CYS D 130 13.08 -15.31 18.31
CA CYS D 130 11.80 -14.91 17.72
C CYS D 130 10.78 -14.45 18.77
N LYS D 131 9.73 -13.80 18.27
CA LYS D 131 8.53 -13.49 19.03
C LYS D 131 7.59 -14.63 18.62
N LEU D 132 6.89 -15.23 19.57
CA LEU D 132 5.92 -16.26 19.31
C LEU D 132 4.54 -15.63 19.32
N LEU D 133 3.76 -15.83 18.26
CA LEU D 133 2.39 -15.30 18.19
C LEU D 133 1.41 -16.49 18.10
N ILE D 134 0.70 -16.75 19.21
CA ILE D 134 -0.25 -17.86 19.33
C ILE D 134 -1.61 -17.48 18.80
N VAL D 135 -2.14 -18.30 17.87
CA VAL D 135 -3.47 -18.11 17.27
C VAL D 135 -4.38 -19.33 17.59
N SER D 136 -3.77 -20.53 17.69
CA SER D 136 -4.46 -21.80 18.02
C SER D 136 -5.29 -21.64 19.32
N ASN D 137 -6.40 -22.38 19.41
CA ASN D 137 -7.33 -22.27 20.52
C ASN D 137 -7.26 -23.39 21.54
N PRO D 138 -7.56 -23.14 22.84
CA PRO D 138 -7.91 -21.83 23.48
C PRO D 138 -6.66 -20.96 23.63
N VAL D 139 -6.61 -19.89 22.83
CA VAL D 139 -5.50 -18.95 22.67
C VAL D 139 -4.84 -18.46 23.96
N ASP D 140 -5.66 -18.07 24.96
CA ASP D 140 -5.15 -17.57 26.23
C ASP D 140 -4.36 -18.62 26.97
N ILE D 141 -4.94 -19.83 27.09
CA ILE D 141 -4.26 -20.94 27.80
C ILE D 141 -3.03 -21.40 27.03
N LEU D 142 -3.14 -21.48 25.68
CA LEU D 142 -2.03 -21.90 24.81
C LEU D 142 -0.89 -20.89 24.75
N THR D 143 -1.18 -19.59 25.05
CA THR D 143 -0.10 -18.60 25.16
C THR D 143 0.68 -18.91 26.46
N TYR D 144 -0.02 -19.25 27.55
CA TYR D 144 0.64 -19.67 28.80
C TYR D 144 1.51 -20.91 28.54
N VAL D 145 0.95 -21.91 27.84
CA VAL D 145 1.61 -23.18 27.48
C VAL D 145 2.88 -22.90 26.66
N ALA D 146 2.76 -22.11 25.56
CA ALA D 146 3.94 -21.77 24.74
C ALA D 146 5.00 -21.02 25.57
N TRP D 147 4.57 -20.14 26.49
CA TRP D 147 5.49 -19.39 27.37
C TRP D 147 6.29 -20.35 28.25
N LYS D 148 5.61 -21.27 28.94
CA LYS D 148 6.23 -22.25 29.81
C LYS D 148 7.15 -23.21 29.03
N ILE D 149 6.71 -23.70 27.86
CA ILE D 149 7.52 -24.65 27.07
C ILE D 149 8.77 -23.98 26.44
N SER D 150 8.59 -22.80 25.84
CA SER D 150 9.66 -22.06 25.17
C SER D 150 10.84 -21.67 26.05
N GLY D 151 10.56 -21.30 27.30
CA GLY D 151 11.56 -20.75 28.20
C GLY D 151 11.81 -19.28 27.87
N PHE D 152 11.02 -18.71 26.94
CA PHE D 152 11.19 -17.31 26.53
C PHE D 152 10.72 -16.34 27.62
N PRO D 153 11.24 -15.08 27.65
CA PRO D 153 10.67 -14.09 28.57
C PRO D 153 9.24 -13.78 28.10
N LYS D 154 8.34 -13.42 29.03
CA LYS D 154 6.92 -13.20 28.70
C LYS D 154 6.60 -12.18 27.60
N ASN D 155 7.47 -11.16 27.42
CA ASN D 155 7.27 -10.15 26.35
C ASN D 155 7.28 -10.77 24.94
N ARG D 156 8.00 -11.91 24.74
CA ARG D 156 8.12 -12.56 23.42
C ARG D 156 7.10 -13.67 23.10
N VAL D 157 6.08 -13.83 23.96
CA VAL D 157 5.04 -14.84 23.80
C VAL D 157 3.67 -14.16 23.85
N ILE D 158 3.09 -13.96 22.68
CA ILE D 158 1.87 -13.18 22.53
C ILE D 158 0.77 -14.05 21.98
N GLY D 159 -0.44 -13.88 22.49
CA GLY D 159 -1.62 -14.57 21.99
C GLY D 159 -2.49 -13.59 21.25
N SER D 160 -3.04 -13.97 20.08
CA SER D 160 -3.89 -13.09 19.29
C SER D 160 -5.08 -12.55 20.07
N GLY D 161 -5.44 -13.25 21.14
CA GLY D 161 -6.47 -12.88 22.10
C GLY D 161 -7.72 -12.22 21.54
N CYS D 162 -8.09 -11.06 22.12
CA CYS D 162 -9.29 -10.30 21.78
C CYS D 162 -9.11 -9.22 20.72
N ASN D 163 -8.02 -9.29 19.94
CA ASN D 163 -7.82 -8.33 18.87
C ASN D 163 -8.97 -8.44 17.85
N LEU D 164 -9.38 -9.67 17.55
CA LEU D 164 -10.50 -9.96 16.65
C LEU D 164 -11.87 -9.63 17.31
N ASP D 165 -12.04 -10.00 18.58
CA ASP D 165 -13.32 -9.73 19.30
C ASP D 165 -13.59 -8.23 19.31
N SER D 166 -12.57 -7.44 19.56
CA SER D 166 -12.67 -5.99 19.57
C SER D 166 -12.92 -5.44 18.16
N ALA D 167 -12.30 -6.04 17.12
CA ALA D 167 -12.53 -5.64 15.72
C ALA D 167 -14.00 -5.94 15.32
N ARG D 168 -14.56 -7.08 15.79
CA ARG D 168 -15.95 -7.45 15.55
C ARG D 168 -16.86 -6.45 16.25
N PHE D 169 -16.53 -6.10 17.51
CA PHE D 169 -17.31 -5.14 18.30
C PHE D 169 -17.39 -3.78 17.58
N ARG D 170 -16.24 -3.30 17.09
CA ARG D 170 -16.11 -2.02 16.38
C ARG D 170 -16.84 -2.03 15.06
N TYR D 171 -16.84 -3.18 14.35
CA TYR D 171 -17.59 -3.30 13.10
C TYR D 171 -19.10 -3.17 13.39
N LEU D 172 -19.60 -3.94 14.38
CA LEU D 172 -21.03 -3.96 14.75
C LEU D 172 -21.50 -2.58 15.25
N MET D 173 -20.64 -1.91 16.04
CA MET D 173 -20.89 -0.56 16.54
C MET D 173 -20.98 0.41 15.35
N GLY D 174 -20.02 0.28 14.42
CA GLY D 174 -19.99 1.08 13.20
C GLY D 174 -21.25 0.95 12.37
N GLU D 175 -21.77 -0.30 12.25
CA GLU D 175 -22.99 -0.58 11.51
C GLU D 175 -24.20 0.09 12.15
N ARG D 176 -24.26 0.11 13.50
CA ARG D 176 -25.35 0.75 14.23
C ARG D 176 -25.29 2.25 14.11
N LEU D 177 -24.09 2.82 14.07
CA LEU D 177 -23.95 4.28 14.05
C LEU D 177 -23.77 4.95 12.67
N GLY D 178 -23.56 4.14 11.63
CA GLY D 178 -23.29 4.65 10.28
C GLY D 178 -21.93 5.36 10.25
N VAL D 179 -20.95 4.81 10.99
CA VAL D 179 -19.59 5.34 11.07
C VAL D 179 -18.61 4.19 10.72
N HIS D 180 -17.45 4.49 10.07
CA HIS D 180 -16.46 3.46 9.77
C HIS D 180 -15.96 2.87 11.12
N PRO D 181 -15.68 1.54 11.20
CA PRO D 181 -15.15 0.98 12.46
C PRO D 181 -13.88 1.65 13.00
N LEU D 182 -13.04 2.25 12.11
CA LEU D 182 -11.83 2.96 12.54
C LEU D 182 -12.15 4.14 13.49
N SER D 183 -13.36 4.74 13.33
CA SER D 183 -13.79 5.88 14.14
C SER D 183 -14.72 5.48 15.29
N CYS D 184 -14.97 4.17 15.46
CA CYS D 184 -15.77 3.62 16.57
C CYS D 184 -14.79 2.94 17.53
N HIS D 185 -14.71 3.41 18.78
CA HIS D 185 -13.75 2.84 19.73
C HIS D 185 -14.44 2.05 20.82
N GLY D 186 -13.94 0.85 21.10
CA GLY D 186 -14.50 -0.02 22.13
C GLY D 186 -13.59 -1.22 22.34
N TRP D 187 -13.49 -1.69 23.60
CA TRP D 187 -12.57 -2.76 23.96
C TRP D 187 -13.27 -3.97 24.55
N VAL D 188 -12.96 -5.17 24.01
CA VAL D 188 -13.46 -6.46 24.52
C VAL D 188 -12.23 -7.13 25.11
N LEU D 189 -12.27 -7.44 26.42
CA LEU D 189 -11.13 -8.00 27.16
C LEU D 189 -11.38 -9.37 27.76
N GLY D 190 -10.34 -9.96 28.34
CA GLY D 190 -10.41 -11.26 28.99
C GLY D 190 -10.22 -12.41 28.02
N GLU D 191 -10.95 -13.51 28.23
CA GLU D 191 -10.85 -14.68 27.36
C GLU D 191 -11.31 -14.38 25.94
N HIS D 192 -10.58 -14.93 24.92
CA HIS D 192 -11.04 -14.92 23.52
C HIS D 192 -12.02 -16.12 23.48
N GLY D 193 -13.25 -15.86 23.90
CA GLY D 193 -14.28 -16.86 24.03
C GLY D 193 -15.51 -16.35 24.74
N ASP D 194 -16.32 -17.28 25.29
CA ASP D 194 -17.61 -16.97 25.92
C ASP D 194 -17.58 -16.02 27.11
N SER D 195 -16.46 -15.99 27.86
CA SER D 195 -16.36 -15.15 29.05
C SER D 195 -15.72 -13.75 28.80
N SER D 196 -15.61 -13.32 27.51
CA SER D 196 -15.03 -12.00 27.18
C SER D 196 -15.84 -10.87 27.83
N VAL D 197 -15.17 -9.74 28.05
CA VAL D 197 -15.72 -8.57 28.75
C VAL D 197 -15.79 -7.31 27.88
N PRO D 198 -17.03 -6.83 27.57
CA PRO D 198 -17.12 -5.56 26.83
C PRO D 198 -16.94 -4.41 27.83
N VAL D 199 -15.99 -3.50 27.57
CA VAL D 199 -15.71 -2.37 28.47
C VAL D 199 -16.59 -1.18 28.04
N TRP D 200 -17.86 -1.23 28.46
CA TRP D 200 -18.87 -0.22 28.14
C TRP D 200 -18.45 1.18 28.48
N SER D 201 -17.75 1.35 29.60
CA SER D 201 -17.25 2.64 30.09
C SER D 201 -16.24 3.34 29.17
N GLY D 202 -15.60 2.59 28.26
CA GLY D 202 -14.62 3.14 27.34
C GLY D 202 -15.08 3.26 25.90
N VAL D 203 -16.32 2.81 25.60
CA VAL D 203 -16.93 2.82 24.26
C VAL D 203 -17.22 4.27 23.86
N ASN D 204 -16.63 4.72 22.76
CA ASN D 204 -16.77 6.10 22.33
C ASN D 204 -16.58 6.34 20.84
N VAL D 205 -17.08 7.49 20.38
CA VAL D 205 -16.88 8.03 19.03
C VAL D 205 -16.40 9.45 19.27
N ALA D 206 -15.25 9.82 18.67
CA ALA D 206 -14.65 11.14 18.80
C ALA D 206 -14.43 11.58 20.27
N GLY D 207 -14.21 10.60 21.14
CA GLY D 207 -13.98 10.84 22.56
C GLY D 207 -15.23 11.09 23.37
N VAL D 208 -16.42 10.92 22.75
CA VAL D 208 -17.72 11.07 23.41
C VAL D 208 -18.10 9.68 23.90
N SER D 209 -18.18 9.51 25.21
CA SER D 209 -18.55 8.24 25.83
C SER D 209 -20.02 7.91 25.51
N LEU D 210 -20.28 6.76 24.86
CA LEU D 210 -21.67 6.37 24.57
C LEU D 210 -22.47 6.16 25.87
N LYS D 211 -21.78 5.70 26.95
CA LYS D 211 -22.38 5.51 28.27
C LYS D 211 -22.77 6.87 28.91
N SER D 212 -22.06 7.97 28.60
CA SER D 212 -22.41 9.29 29.14
C SER D 212 -23.74 9.80 28.53
N LEU D 213 -24.08 9.35 27.30
CA LEU D 213 -25.34 9.70 26.65
C LEU D 213 -26.45 8.76 27.10
N ASN D 214 -26.12 7.46 27.29
CA ASN D 214 -27.04 6.42 27.75
C ASN D 214 -26.42 5.72 28.98
N PRO D 215 -26.72 6.15 30.23
CA PRO D 215 -26.09 5.49 31.40
C PRO D 215 -26.40 4.01 31.57
N GLN D 216 -27.44 3.50 30.88
CA GLN D 216 -27.88 2.11 30.94
C GLN D 216 -27.22 1.26 29.84
N LEU D 217 -26.29 1.87 29.06
CA LEU D 217 -25.56 1.21 27.99
C LEU D 217 -24.97 -0.14 28.40
N GLY D 218 -25.35 -1.18 27.68
CA GLY D 218 -24.86 -2.53 27.90
C GLY D 218 -25.54 -3.32 29.01
N THR D 219 -26.52 -2.71 29.71
CA THR D 219 -27.26 -3.35 30.81
C THR D 219 -28.59 -3.94 30.30
N ASP D 220 -29.32 -4.67 31.17
CA ASP D 220 -30.62 -5.24 30.79
C ASP D 220 -31.70 -4.17 30.66
N ALA D 221 -31.52 -3.02 31.35
CA ALA D 221 -32.41 -1.87 31.37
C ALA D 221 -32.23 -0.93 30.16
N ASP D 222 -31.26 -1.21 29.27
CA ASP D 222 -30.96 -0.42 28.07
C ASP D 222 -32.02 -0.70 27.00
N LYS D 223 -32.80 0.35 26.67
CA LYS D 223 -33.90 0.29 25.69
C LYS D 223 -33.45 -0.11 24.27
N GLU D 224 -32.17 0.16 23.94
CA GLU D 224 -31.58 -0.16 22.63
C GLU D 224 -30.84 -1.49 22.61
N GLN D 225 -30.72 -2.13 23.79
CA GLN D 225 -30.09 -3.44 23.99
C GLN D 225 -28.68 -3.56 23.39
N TRP D 226 -27.77 -2.64 23.75
CA TRP D 226 -26.39 -2.69 23.23
C TRP D 226 -25.64 -3.93 23.69
N LYS D 227 -26.10 -4.58 24.77
CA LYS D 227 -25.53 -5.85 25.29
C LYS D 227 -25.55 -6.90 24.16
N ASP D 228 -26.53 -6.81 23.24
CA ASP D 228 -26.70 -7.69 22.08
C ASP D 228 -25.52 -7.61 21.13
N VAL D 229 -24.81 -6.45 21.10
CA VAL D 229 -23.61 -6.27 20.28
C VAL D 229 -22.52 -7.20 20.85
N HIS D 230 -22.35 -7.22 22.19
CA HIS D 230 -21.37 -8.12 22.82
C HIS D 230 -21.78 -9.59 22.64
N LYS D 231 -23.09 -9.88 22.74
CA LYS D 231 -23.58 -11.25 22.52
C LYS D 231 -23.26 -11.68 21.06
N GLN D 232 -23.45 -10.77 20.07
CA GLN D 232 -23.07 -11.04 18.67
C GLN D 232 -21.57 -11.32 18.53
N VAL D 233 -20.72 -10.57 19.30
CA VAL D 233 -19.25 -10.75 19.35
C VAL D 233 -18.93 -12.18 19.81
N VAL D 234 -19.47 -12.58 20.97
CA VAL D 234 -19.28 -13.91 21.56
C VAL D 234 -19.71 -15.00 20.57
N ASP D 235 -20.92 -14.87 19.99
CA ASP D 235 -21.50 -15.84 19.07
C ASP D 235 -20.93 -15.87 17.67
N SER D 236 -20.21 -14.80 17.23
CA SER D 236 -19.67 -14.67 15.87
CA SER D 236 -19.66 -14.66 15.88
C SER D 236 -19.03 -15.93 15.31
N ALA D 237 -17.98 -16.49 16.00
CA ALA D 237 -17.30 -17.67 15.47
C ALA D 237 -18.23 -18.86 15.34
N TYR D 238 -19.12 -19.07 16.32
CA TYR D 238 -20.08 -20.18 16.27
C TYR D 238 -20.99 -20.00 15.06
N GLU D 239 -21.48 -18.76 14.85
CA GLU D 239 -22.36 -18.44 13.72
C GLU D 239 -21.69 -18.67 12.37
N VAL D 240 -20.44 -18.19 12.21
CA VAL D 240 -19.65 -18.35 10.97
C VAL D 240 -19.31 -19.83 10.72
N ILE D 241 -18.95 -20.58 11.80
CA ILE D 241 -18.68 -22.03 11.71
C ILE D 241 -19.92 -22.77 11.20
N LYS D 242 -21.08 -22.45 11.74
CA LYS D 242 -22.35 -23.05 11.35
C LYS D 242 -22.64 -22.82 9.85
N LEU D 243 -22.36 -21.62 9.34
CA LEU D 243 -22.64 -21.21 7.96
C LEU D 243 -21.60 -21.71 6.93
N LYS D 244 -20.29 -21.51 7.20
CA LYS D 244 -19.23 -21.90 6.27
C LYS D 244 -18.31 -23.05 6.72
N GLY D 245 -18.45 -23.54 7.95
CA GLY D 245 -17.68 -24.67 8.45
C GLY D 245 -16.48 -24.33 9.32
N TYR D 246 -16.05 -23.05 9.31
CA TYR D 246 -14.88 -22.55 10.05
C TYR D 246 -14.84 -21.04 9.86
N THR D 247 -13.87 -20.37 10.50
CA THR D 247 -13.63 -18.92 10.29
C THR D 247 -12.19 -18.77 9.78
N SER D 248 -11.93 -17.73 8.96
CA SER D 248 -10.59 -17.55 8.40
C SER D 248 -10.20 -16.12 8.10
N TRP D 249 -11.01 -15.41 7.29
CA TRP D 249 -10.65 -14.06 6.84
C TRP D 249 -10.39 -13.05 7.93
N ALA D 250 -11.33 -12.93 8.87
CA ALA D 250 -11.28 -11.98 9.96
C ALA D 250 -10.10 -12.26 10.91
N ILE D 251 -9.87 -13.52 11.28
CA ILE D 251 -8.72 -13.88 12.12
C ILE D 251 -7.40 -13.66 11.36
N GLY D 252 -7.38 -13.96 10.07
CA GLY D 252 -6.20 -13.71 9.23
C GLY D 252 -5.82 -12.24 9.20
N LEU D 253 -6.84 -11.37 9.06
CA LEU D 253 -6.63 -9.91 9.06
C LEU D 253 -6.18 -9.40 10.42
N SER D 254 -6.76 -9.96 11.49
CA SER D 254 -6.45 -9.62 12.89
C SER D 254 -4.99 -10.02 13.22
N VAL D 255 -4.57 -11.22 12.80
CA VAL D 255 -3.19 -11.69 13.02
C VAL D 255 -2.19 -10.81 12.22
N ALA D 256 -2.52 -10.43 10.99
CA ALA D 256 -1.63 -9.60 10.17
C ALA D 256 -1.47 -8.20 10.78
N ASP D 257 -2.52 -7.71 11.44
CA ASP D 257 -2.54 -6.41 12.12
C ASP D 257 -1.54 -6.44 13.29
N LEU D 258 -1.54 -7.56 14.05
CA LEU D 258 -0.60 -7.77 15.15
C LEU D 258 0.80 -7.96 14.60
N ALA D 259 0.95 -8.74 13.50
CA ALA D 259 2.25 -8.95 12.85
C ALA D 259 2.82 -7.60 12.41
N GLU D 260 1.97 -6.71 11.87
CA GLU D 260 2.42 -5.38 11.42
C GLU D 260 3.01 -4.55 12.58
N SER D 261 2.32 -4.53 13.74
CA SER D 261 2.79 -3.76 14.92
C SER D 261 4.14 -4.32 15.40
N ILE D 262 4.31 -5.66 15.39
CA ILE D 262 5.57 -6.29 15.82
C ILE D 262 6.69 -6.00 14.81
N MET D 263 6.49 -6.42 13.54
CA MET D 263 7.49 -6.26 12.49
C MET D 263 7.94 -4.81 12.25
N LYS D 264 7.02 -3.83 12.38
CA LYS D 264 7.33 -2.43 12.11
C LYS D 264 7.53 -1.59 13.37
N ASN D 265 7.67 -2.26 14.55
CA ASN D 265 7.90 -1.64 15.86
C ASN D 265 6.96 -0.44 16.12
N LEU D 266 5.69 -0.61 15.78
CA LEU D 266 4.72 0.47 15.86
C LEU D 266 4.36 0.95 17.25
N ARG D 267 4.34 0.07 18.25
CA ARG D 267 3.96 0.44 19.62
C ARG D 267 2.50 0.92 19.66
N ARG D 268 1.64 0.25 18.85
CA ARG D 268 0.20 0.47 18.90
C ARG D 268 -0.32 -0.36 20.07
N VAL D 269 -1.54 -0.05 20.53
CA VAL D 269 -2.18 -0.74 21.64
C VAL D 269 -3.17 -1.78 21.08
N HIS D 270 -3.04 -3.03 21.49
CA HIS D 270 -3.94 -4.13 21.08
C HIS D 270 -4.41 -4.94 22.27
N PRO D 271 -5.67 -5.47 22.26
CA PRO D 271 -6.11 -6.34 23.38
C PRO D 271 -5.69 -7.78 23.06
N ILE D 272 -4.56 -8.18 23.62
CA ILE D 272 -3.93 -9.47 23.30
C ILE D 272 -3.57 -10.26 24.56
N SER D 273 -3.41 -11.58 24.42
CA SER D 273 -3.13 -12.49 25.56
C SER D 273 -1.75 -12.29 26.17
N THR D 274 -1.70 -12.02 27.47
CA THR D 274 -0.49 -11.83 28.25
C THR D 274 -0.76 -12.13 29.73
N MET D 275 0.30 -12.23 30.53
CA MET D 275 0.18 -12.47 31.96
C MET D 275 -0.44 -11.23 32.65
N ILE D 276 -1.52 -11.45 33.41
CA ILE D 276 -2.23 -10.37 34.10
C ILE D 276 -1.99 -10.35 35.63
N LYS D 277 -1.13 -11.27 36.14
CA LYS D 277 -0.75 -11.37 37.56
C LYS D 277 -0.29 -9.98 38.03
N GLY D 278 -0.88 -9.50 39.11
CA GLY D 278 -0.57 -8.19 39.68
C GLY D 278 -1.62 -7.13 39.37
N LEU D 279 -2.56 -7.42 38.46
CA LEU D 279 -3.66 -6.52 38.08
C LEU D 279 -5.00 -7.10 38.51
N TYR D 280 -5.95 -6.21 38.87
CA TYR D 280 -7.32 -6.53 39.26
C TYR D 280 -7.42 -7.65 40.33
N GLY D 281 -6.49 -7.64 41.29
CA GLY D 281 -6.43 -8.63 42.35
C GLY D 281 -6.07 -10.04 41.93
N ILE D 282 -5.57 -10.22 40.68
CA ILE D 282 -5.16 -11.54 40.20
C ILE D 282 -3.77 -11.84 40.74
N LYS D 283 -3.66 -12.94 41.51
CA LYS D 283 -2.43 -13.39 42.17
C LYS D 283 -1.74 -14.54 41.39
N GLU D 284 -2.45 -15.15 40.43
CA GLU D 284 -1.90 -16.27 39.65
C GLU D 284 -1.42 -15.89 38.25
N ASP D 285 -0.63 -16.80 37.62
CA ASP D 285 -0.06 -16.67 36.28
C ASP D 285 -1.11 -16.80 35.15
N VAL D 286 -2.28 -16.14 35.30
CA VAL D 286 -3.37 -16.19 34.30
C VAL D 286 -2.98 -15.34 33.08
N PHE D 287 -3.23 -15.87 31.87
CA PHE D 287 -3.03 -15.18 30.61
C PHE D 287 -4.42 -14.90 30.03
N LEU D 288 -4.66 -13.66 29.65
CA LEU D 288 -5.92 -13.21 29.00
C LEU D 288 -5.67 -11.85 28.37
N SER D 289 -6.63 -11.36 27.57
CA SER D 289 -6.45 -10.08 26.90
C SER D 289 -6.71 -8.85 27.73
N VAL D 290 -5.72 -7.95 27.68
CA VAL D 290 -5.73 -6.61 28.24
C VAL D 290 -5.04 -5.74 27.16
N PRO D 291 -5.24 -4.41 27.14
CA PRO D 291 -4.58 -3.59 26.10
C PRO D 291 -3.07 -3.54 26.35
N CYS D 292 -2.29 -3.96 25.34
CA CYS D 292 -0.81 -4.02 25.43
C CYS D 292 -0.19 -3.17 24.35
N ILE D 293 0.97 -2.55 24.65
CA ILE D 293 1.77 -1.80 23.67
C ILE D 293 2.63 -2.88 23.00
N LEU D 294 2.45 -3.04 21.69
CA LEU D 294 3.05 -4.09 20.87
C LEU D 294 4.08 -3.54 19.89
N GLY D 295 5.30 -4.08 19.96
CA GLY D 295 6.40 -3.61 19.13
C GLY D 295 7.42 -4.69 18.77
N GLN D 296 8.62 -4.27 18.40
CA GLN D 296 9.65 -5.19 17.93
C GLN D 296 10.14 -6.18 19.00
N ASN D 297 9.90 -5.87 20.28
CA ASN D 297 10.27 -6.76 21.38
C ASN D 297 9.04 -7.45 21.97
N GLY D 298 7.92 -7.43 21.25
CA GLY D 298 6.67 -8.03 21.70
C GLY D 298 5.92 -7.08 22.61
N ILE D 299 5.45 -7.60 23.76
CA ILE D 299 4.68 -6.79 24.72
C ILE D 299 5.64 -6.11 25.70
N SER D 300 5.86 -4.81 25.50
CA SER D 300 6.77 -4.03 26.34
C SER D 300 6.05 -3.39 27.52
N ASP D 301 4.74 -3.15 27.38
CA ASP D 301 3.95 -2.47 28.41
C ASP D 301 2.51 -2.91 28.40
N VAL D 302 1.82 -2.73 29.54
CA VAL D 302 0.39 -3.03 29.67
C VAL D 302 -0.36 -1.74 30.10
N VAL D 303 -1.45 -1.42 29.41
CA VAL D 303 -2.33 -0.30 29.74
C VAL D 303 -3.24 -0.80 30.88
N LYS D 304 -3.36 -0.01 31.96
CA LYS D 304 -4.21 -0.33 33.10
C LYS D 304 -5.58 0.29 32.86
N VAL D 305 -6.52 -0.52 32.36
CA VAL D 305 -7.88 -0.04 32.09
C VAL D 305 -8.67 0.18 33.37
N THR D 306 -9.32 1.34 33.46
CA THR D 306 -10.15 1.75 34.59
C THR D 306 -11.54 1.11 34.48
N LEU D 307 -11.65 -0.15 34.91
CA LEU D 307 -12.91 -0.88 34.83
C LEU D 307 -13.86 -0.48 35.95
N THR D 308 -15.17 -0.53 35.67
CA THR D 308 -16.19 -0.29 36.70
C THR D 308 -16.19 -1.53 37.61
N PRO D 309 -16.77 -1.49 38.84
CA PRO D 309 -16.82 -2.71 39.67
C PRO D 309 -17.45 -3.94 38.97
N ASP D 310 -18.50 -3.75 38.14
CA ASP D 310 -19.12 -4.89 37.41
C ASP D 310 -18.18 -5.40 36.31
N GLU D 311 -17.54 -4.48 35.56
CA GLU D 311 -16.59 -4.83 34.50
C GLU D 311 -15.42 -5.62 35.12
N GLU D 312 -14.89 -5.16 36.27
CA GLU D 312 -13.79 -5.83 36.94
C GLU D 312 -14.21 -7.23 37.41
N ALA D 313 -15.46 -7.37 37.94
CA ALA D 313 -16.01 -8.64 38.39
C ALA D 313 -16.10 -9.63 37.21
N ARG D 314 -16.50 -9.15 36.02
CA ARG D 314 -16.59 -9.98 34.82
C ARG D 314 -15.21 -10.42 34.35
N LEU D 315 -14.21 -9.52 34.39
CA LEU D 315 -12.83 -9.84 34.02
C LEU D 315 -12.22 -10.88 34.95
N LYS D 316 -12.45 -10.75 36.29
CA LYS D 316 -11.96 -11.73 37.28
C LYS D 316 -12.67 -13.07 37.09
N LYS D 317 -13.95 -13.05 36.65
CA LYS D 317 -14.70 -14.29 36.38
C LYS D 317 -14.07 -15.00 35.18
N SER D 318 -13.67 -14.23 34.14
CA SER D 318 -13.02 -14.75 32.93
C SER D 318 -11.69 -15.38 33.34
N ALA D 319 -10.91 -14.66 34.19
CA ALA D 319 -9.64 -15.13 34.75
C ALA D 319 -9.81 -16.44 35.53
N ASP D 320 -10.88 -16.55 36.33
CA ASP D 320 -11.18 -17.75 37.13
C ASP D 320 -11.44 -18.98 36.26
N THR D 321 -12.26 -18.81 35.18
CA THR D 321 -12.59 -19.86 34.20
C THR D 321 -11.32 -20.42 33.52
N LEU D 322 -10.44 -19.52 33.05
CA LEU D 322 -9.18 -19.88 32.39
C LEU D 322 -8.20 -20.55 33.33
N TRP D 323 -8.04 -19.98 34.54
CA TRP D 323 -7.12 -20.51 35.55
C TRP D 323 -7.52 -21.92 35.99
N GLY D 324 -8.83 -22.17 36.10
CA GLY D 324 -9.37 -23.48 36.47
C GLY D 324 -8.82 -24.60 35.61
N ILE D 325 -8.68 -24.33 34.30
CA ILE D 325 -8.12 -25.27 33.32
C ILE D 325 -6.59 -25.19 33.31
N GLN D 326 -6.03 -23.97 33.21
CA GLN D 326 -4.60 -23.68 33.17
C GLN D 326 -3.77 -24.34 34.27
N LYS D 327 -4.18 -24.18 35.54
CA LYS D 327 -3.48 -24.68 36.72
C LYS D 327 -3.23 -26.19 36.78
N GLU D 328 -4.04 -26.99 36.05
CA GLU D 328 -3.98 -28.45 36.08
C GLU D 328 -3.39 -29.09 34.82
N LEU D 329 -2.72 -28.28 33.98
CA LEU D 329 -2.18 -28.78 32.72
C LEU D 329 -1.05 -29.79 32.83
N GLN D 330 -1.16 -30.87 32.05
CA GLN D 330 -0.16 -31.93 32.01
C GLN D 330 0.81 -31.71 30.84
N PHE D 331 2.00 -31.15 31.15
CA PHE D 331 3.10 -30.89 30.20
C PHE D 331 4.42 -30.60 30.92
#